data_9EMM
#
_entry.id   9EMM
#
_cell.length_a   1.00
_cell.length_b   1.00
_cell.length_c   1.00
_cell.angle_alpha   90.00
_cell.angle_beta   90.00
_cell.angle_gamma   90.00
#
_symmetry.space_group_name_H-M   'P 1'
#
loop_
_entity.id
_entity.type
_entity.pdbx_description
1 polymer 'Glucose-6-phosphate 1-dehydrogenase'
2 polymer 'Putative OxPP cycle protein OpcA'
#
loop_
_entity_poly.entity_id
_entity_poly.type
_entity_poly.pdbx_seq_one_letter_code
_entity_poly.pdbx_strand_id
1 'polypeptide(L)'
;MGSSHHHHHHSSGLVPRGSHMLEMVTLLENPFRTGLRQERTPEPLILTIFGASGDLTQRKLVPAIYQMKRERRLPPELTV
VGFARRDWSHDHFREQMRKGIEEFSTGIGSEDLWNEFAQGLFYCSGNMDDPESYLKLKNFLGELDEKRNTRGNRVFYLAV
SPNFFPPGIKQLGAAGMLSDPVKSRIVIEKPFGRDLSSAQSLNRVVQSVCKENQVYRIDHYLGKETVQNLMVFRFANAIF
EPLWNRQFVDHVQITVAETVGVEERAGYYESAGALRDMVQNHLMQLFCLTAMDPPNAIDADSIRNEKVKVLQATRLADIN
NLENAGIRGQYKAGWMGGKPVPGYREEPGVDPSSTTPTFAALKLMVDNWRWQGVPFYLRTGKRMPKKVSEIAIQFRQVPL
LIFQSVAHQANPNVLSLRIQPNEGISLRFEAKMPGSELRTRTVDMDFSYGSSFGVAAADAYHRLLLDCMLGDQTLFTRAD
EVEEAWRVVTPVLSAWDAPSDPLSMPLYEAGTWEPAEAEWLINKDGRRWRRL
;
A,C,D,B
2 'polypeptide(L)'
;MGSSHHHHHHSSGLVPRGSHMLEMGGKYQRHCPVRFHWSHCMSTTQAPPLVSLQAPKDVSLEAIESELAQIWQTSAQKEE
GLIATRATTFSFLVYEPDRVQSLLAALGYYTGPIDGITGPRMTAAIKSAQKALGVTATGLSSPEFKQALQTAFETAHREG
NLLSTAERITKPYSPDLEGSGIADTIAASNPCRIITLCPTAEDDQGVQAQLSAYCPIQKTHQNTLICCEYITLRGTSDAL
ERIGGVITELMLPTLPKYVWWKASPEAEYGLFQRLLSHADMIIVDSSIFNNPEQDLLQLAQLVNKPEAIADLNWSRLAPW
QELTAEAFDPPERRSAVGEIDQISIDYEKGNHAQALMYLGWVASRLQWTPVSYSYQPGVYEIHKIQFCAPNQRPIEAELA
GLPLADTGQVLGDLISLKLGSTNTQAQCGTVLCSGTVGCMRMEAGGGAQNYRVQQVTALDDQNTEQLLGRQLQRWGRDAL
YDESMAIVLAILQLSQAG
;
E
#
# COMPACT_ATOMS: atom_id res chain seq x y z
N ARG A 40 -3.57 -29.11 -36.60
CA ARG A 40 -2.41 -29.54 -37.36
C ARG A 40 -2.78 -29.94 -38.79
N THR A 41 -3.30 -31.16 -38.94
CA THR A 41 -3.67 -31.67 -40.25
C THR A 41 -5.16 -31.49 -40.47
N PRO A 42 -5.58 -30.76 -41.50
CA PRO A 42 -7.02 -30.59 -41.74
C PRO A 42 -7.68 -31.83 -42.31
N GLU A 43 -8.94 -31.71 -42.67
CA GLU A 43 -9.78 -32.82 -43.15
C GLU A 43 -10.06 -32.68 -44.64
N PRO A 44 -10.58 -33.73 -45.27
CA PRO A 44 -10.97 -33.60 -46.68
C PRO A 44 -12.04 -32.53 -46.87
N LEU A 45 -11.95 -31.81 -47.99
CA LEU A 45 -12.86 -30.70 -48.23
C LEU A 45 -12.92 -30.42 -49.72
N ILE A 46 -13.99 -29.75 -50.13
CA ILE A 46 -14.20 -29.34 -51.52
C ILE A 46 -14.24 -27.82 -51.56
N LEU A 47 -13.29 -27.22 -52.30
CA LEU A 47 -13.16 -25.77 -52.37
C LEU A 47 -13.83 -25.28 -53.66
N THR A 48 -15.16 -25.26 -53.63
CA THR A 48 -15.94 -24.81 -54.79
C THR A 48 -15.90 -23.29 -54.82
N ILE A 49 -14.96 -22.74 -55.58
CA ILE A 49 -14.82 -21.29 -55.66
C ILE A 49 -16.04 -20.70 -56.36
N PHE A 50 -16.64 -19.69 -55.75
CA PHE A 50 -17.83 -19.04 -56.28
C PHE A 50 -17.49 -17.75 -57.03
N GLY A 51 -16.20 -17.47 -57.22
CA GLY A 51 -15.77 -16.19 -57.72
C GLY A 51 -15.88 -16.00 -59.20
N ALA A 52 -16.60 -16.89 -59.90
CA ALA A 52 -16.86 -16.77 -61.34
C ALA A 52 -15.50 -16.80 -62.05
N SER A 53 -15.36 -16.09 -63.17
CA SER A 53 -14.12 -16.06 -63.94
C SER A 53 -13.46 -14.70 -63.75
N GLY A 54 -12.20 -14.71 -63.35
CA GLY A 54 -11.44 -13.49 -63.15
C GLY A 54 -9.96 -13.71 -63.38
N ASP A 55 -9.15 -12.70 -63.06
CA ASP A 55 -7.70 -12.80 -63.19
C ASP A 55 -6.97 -12.65 -61.88
N LEU A 56 -7.24 -11.58 -61.13
CA LEU A 56 -6.55 -11.36 -59.86
C LEU A 56 -6.88 -12.46 -58.86
N THR A 57 -8.15 -12.85 -58.77
CA THR A 57 -8.56 -13.86 -57.79
C THR A 57 -7.87 -15.19 -58.05
N GLN A 58 -7.94 -15.68 -59.30
CA GLN A 58 -7.29 -16.95 -59.62
C GLN A 58 -5.79 -16.86 -59.46
N ARG A 59 -5.20 -15.75 -59.90
CA ARG A 59 -3.74 -15.59 -59.81
C ARG A 59 -3.28 -15.59 -58.35
N LYS A 60 -4.08 -15.01 -57.46
CA LYS A 60 -3.71 -15.00 -56.05
C LYS A 60 -3.96 -16.35 -55.39
N LEU A 61 -5.01 -17.05 -55.80
CA LEU A 61 -5.43 -18.26 -55.09
C LEU A 61 -4.76 -19.53 -55.63
N VAL A 62 -4.98 -19.83 -56.91
CA VAL A 62 -4.57 -21.14 -57.44
C VAL A 62 -3.07 -21.38 -57.28
N PRO A 63 -2.19 -20.45 -57.64
CA PRO A 63 -0.76 -20.67 -57.33
C PRO A 63 -0.48 -20.89 -55.86
N ALA A 64 -1.17 -20.14 -54.99
CA ALA A 64 -0.93 -20.28 -53.57
C ALA A 64 -1.34 -21.66 -53.06
N ILE A 65 -2.54 -22.11 -53.44
CA ILE A 65 -2.99 -23.42 -52.97
C ILE A 65 -2.14 -24.53 -53.57
N TYR A 66 -1.71 -24.36 -54.82
CA TYR A 66 -0.83 -25.37 -55.42
C TYR A 66 0.50 -25.44 -54.69
N GLN A 67 1.06 -24.29 -54.34
CA GLN A 67 2.31 -24.28 -53.59
C GLN A 67 2.14 -24.95 -52.24
N MET A 68 1.04 -24.64 -51.55
CA MET A 68 0.79 -25.24 -50.24
C MET A 68 0.64 -26.75 -50.36
N LYS A 69 -0.09 -27.22 -51.36
CA LYS A 69 -0.24 -28.66 -51.56
C LYS A 69 1.09 -29.31 -51.92
N ARG A 70 1.94 -28.60 -52.67
CA ARG A 70 3.24 -29.16 -53.06
C ARG A 70 4.11 -29.41 -51.83
N GLU A 71 3.97 -28.59 -50.79
CA GLU A 71 4.77 -28.72 -49.58
C GLU A 71 4.25 -29.79 -48.62
N ARG A 72 3.42 -30.70 -49.14
CA ARG A 72 2.88 -31.85 -48.40
C ARG A 72 2.46 -31.49 -46.98
N ARG A 73 1.50 -30.57 -46.90
CA ARG A 73 0.89 -30.19 -45.63
C ARG A 73 -0.60 -30.47 -45.58
N LEU A 74 -1.30 -30.25 -46.68
CA LEU A 74 -2.71 -30.60 -46.75
C LEU A 74 -2.88 -32.11 -46.88
N PRO A 75 -4.09 -32.62 -46.65
CA PRO A 75 -4.34 -34.05 -46.90
C PRO A 75 -4.08 -34.39 -48.35
N PRO A 76 -3.55 -35.59 -48.63
CA PRO A 76 -3.11 -35.90 -49.99
C PRO A 76 -4.22 -35.79 -51.03
N GLU A 77 -5.45 -36.15 -50.68
CA GLU A 77 -6.56 -36.14 -51.63
C GLU A 77 -7.45 -34.93 -51.36
N LEU A 78 -7.66 -34.12 -52.39
CA LEU A 78 -8.50 -32.93 -52.30
C LEU A 78 -9.16 -32.69 -53.65
N THR A 79 -10.22 -31.90 -53.63
CA THR A 79 -10.98 -31.58 -54.84
C THR A 79 -11.21 -30.08 -54.92
N VAL A 80 -11.26 -29.59 -56.15
CA VAL A 80 -11.56 -28.18 -56.43
C VAL A 80 -12.63 -28.14 -57.51
N VAL A 81 -13.67 -27.35 -57.27
CA VAL A 81 -14.78 -27.19 -58.21
C VAL A 81 -14.72 -25.79 -58.78
N GLY A 82 -14.81 -25.68 -60.11
CA GLY A 82 -14.77 -24.40 -60.78
C GLY A 82 -16.16 -23.88 -61.09
N PHE A 83 -16.35 -22.58 -60.89
CA PHE A 83 -17.56 -21.88 -61.26
C PHE A 83 -17.16 -20.62 -62.01
N ALA A 84 -17.84 -20.35 -63.12
CA ALA A 84 -17.60 -19.13 -63.89
C ALA A 84 -18.89 -18.74 -64.62
N ARG A 85 -18.75 -17.84 -65.57
CA ARG A 85 -19.87 -17.34 -66.36
C ARG A 85 -19.61 -17.61 -67.84
N ARG A 86 -19.14 -18.81 -68.15
CA ARG A 86 -18.78 -19.17 -69.52
C ARG A 86 -18.70 -20.69 -69.61
N ASP A 87 -18.54 -21.18 -70.83
CA ASP A 87 -18.35 -22.61 -71.08
C ASP A 87 -16.87 -22.88 -71.37
N TRP A 88 -16.28 -23.77 -70.57
CA TRP A 88 -14.89 -24.12 -70.75
C TRP A 88 -14.75 -25.63 -70.72
N SER A 89 -13.91 -26.16 -71.60
CA SER A 89 -13.55 -27.56 -71.54
C SER A 89 -12.64 -27.80 -70.35
N HIS A 90 -12.63 -29.05 -69.87
CA HIS A 90 -11.77 -29.39 -68.73
C HIS A 90 -10.31 -29.14 -69.07
N ASP A 91 -9.87 -29.60 -70.24
CA ASP A 91 -8.50 -29.30 -70.67
C ASP A 91 -8.28 -27.82 -70.84
N HIS A 92 -9.32 -27.06 -71.23
CA HIS A 92 -9.14 -25.65 -71.49
C HIS A 92 -8.71 -24.90 -70.22
N PHE A 93 -9.55 -24.89 -69.19
CA PHE A 93 -9.12 -24.17 -68.00
C PHE A 93 -8.03 -24.92 -67.26
N ARG A 94 -7.89 -26.23 -67.49
CA ARG A 94 -6.75 -26.95 -66.92
C ARG A 94 -5.44 -26.39 -67.43
N GLU A 95 -5.31 -26.23 -68.75
CA GLU A 95 -4.08 -25.67 -69.30
C GLU A 95 -3.97 -24.17 -69.02
N GLN A 96 -5.10 -23.47 -68.87
CA GLN A 96 -5.03 -22.08 -68.46
C GLN A 96 -4.39 -21.96 -67.07
N MET A 97 -4.85 -22.78 -66.13
CA MET A 97 -4.26 -22.78 -64.80
C MET A 97 -2.82 -23.26 -64.83
N ARG A 98 -2.51 -24.24 -65.69
CA ARG A 98 -1.12 -24.69 -65.83
C ARG A 98 -0.21 -23.55 -66.29
N LYS A 99 -0.67 -22.79 -67.29
CA LYS A 99 0.11 -21.65 -67.76
C LYS A 99 0.27 -20.61 -66.66
N GLY A 100 -0.80 -20.33 -65.92
CA GLY A 100 -0.70 -19.38 -64.83
C GLY A 100 0.30 -19.80 -63.77
N ILE A 101 0.22 -21.06 -63.34
CA ILE A 101 1.09 -21.53 -62.27
C ILE A 101 2.54 -21.59 -62.75
N GLU A 102 2.76 -21.95 -64.02
CA GLU A 102 4.11 -21.96 -64.54
C GLU A 102 4.68 -20.55 -64.69
N GLU A 103 3.82 -19.58 -65.00
CA GLU A 103 4.30 -18.21 -65.15
C GLU A 103 4.62 -17.57 -63.80
N PHE A 104 3.74 -17.77 -62.81
CA PHE A 104 3.82 -17.03 -61.55
C PHE A 104 4.26 -17.91 -60.39
N SER A 105 5.20 -18.82 -60.63
CA SER A 105 5.80 -19.64 -59.60
C SER A 105 7.09 -20.24 -60.13
N THR A 106 7.65 -21.19 -59.40
CA THR A 106 8.84 -21.91 -59.83
C THR A 106 8.51 -23.17 -60.63
N GLY A 107 7.33 -23.24 -61.24
CA GLY A 107 6.94 -24.39 -62.02
C GLY A 107 6.46 -25.55 -61.17
N ILE A 108 6.28 -26.68 -61.84
CA ILE A 108 5.82 -27.90 -61.19
C ILE A 108 7.04 -28.64 -60.62
N GLY A 109 6.96 -29.00 -59.34
CA GLY A 109 8.05 -29.73 -58.72
C GLY A 109 8.26 -31.10 -59.34
N SER A 110 7.18 -31.77 -59.71
CA SER A 110 7.22 -33.06 -60.38
C SER A 110 6.48 -32.98 -61.70
N GLU A 111 6.40 -34.12 -62.38
CA GLU A 111 5.73 -34.21 -63.67
C GLU A 111 4.40 -34.95 -63.56
N ASP A 112 4.42 -36.18 -63.04
CA ASP A 112 3.19 -36.93 -62.85
C ASP A 112 2.34 -36.32 -61.75
N LEU A 113 2.96 -35.66 -60.78
CA LEU A 113 2.21 -35.01 -59.71
C LEU A 113 1.29 -33.93 -60.24
N TRP A 114 1.70 -33.25 -61.32
CA TRP A 114 0.85 -32.23 -61.90
C TRP A 114 -0.47 -32.82 -62.38
N ASN A 115 -0.41 -33.92 -63.12
CA ASN A 115 -1.62 -34.57 -63.58
C ASN A 115 -2.40 -35.19 -62.43
N GLU A 116 -1.71 -35.73 -61.43
CA GLU A 116 -2.41 -36.29 -60.27
C GLU A 116 -3.21 -35.20 -59.56
N PHE A 117 -2.61 -34.04 -59.35
CA PHE A 117 -3.33 -32.92 -58.75
C PHE A 117 -4.48 -32.48 -59.65
N ALA A 118 -4.22 -32.35 -60.95
CA ALA A 118 -5.25 -31.90 -61.87
C ALA A 118 -6.45 -32.84 -61.89
N GLN A 119 -6.22 -34.12 -61.61
CA GLN A 119 -7.32 -35.06 -61.42
C GLN A 119 -7.98 -34.73 -60.09
N GLY A 120 -9.03 -33.90 -60.15
CA GLY A 120 -9.65 -33.36 -58.97
C GLY A 120 -10.06 -31.92 -59.18
N LEU A 121 -9.76 -31.38 -60.36
CA LEU A 121 -10.14 -30.03 -60.74
C LEU A 121 -11.20 -30.12 -61.83
N PHE A 122 -12.43 -29.74 -61.49
CA PHE A 122 -13.56 -29.81 -62.40
C PHE A 122 -14.15 -28.42 -62.58
N TYR A 123 -14.89 -28.26 -63.68
CA TYR A 123 -15.56 -27.01 -64.00
C TYR A 123 -17.04 -27.27 -64.20
N CYS A 124 -17.86 -26.36 -63.68
CA CYS A 124 -19.31 -26.46 -63.78
C CYS A 124 -19.84 -25.40 -64.73
N SER A 125 -21.16 -25.39 -64.89
CA SER A 125 -21.84 -24.43 -65.74
C SER A 125 -22.96 -23.78 -64.94
N GLY A 126 -23.11 -22.47 -65.09
CA GLY A 126 -24.15 -21.76 -64.39
C GLY A 126 -23.89 -20.27 -64.43
N ASN A 127 -24.71 -19.53 -63.68
CA ASN A 127 -24.60 -18.09 -63.60
C ASN A 127 -24.84 -17.68 -62.15
N MET A 128 -24.91 -16.38 -61.91
CA MET A 128 -25.05 -15.84 -60.57
C MET A 128 -26.48 -15.47 -60.20
N ASP A 129 -27.44 -15.68 -61.10
CA ASP A 129 -28.82 -15.27 -60.81
C ASP A 129 -29.81 -16.40 -61.11
N ASP A 130 -29.44 -17.32 -61.99
CA ASP A 130 -30.35 -18.37 -62.38
C ASP A 130 -30.58 -19.35 -61.24
N PRO A 131 -31.82 -19.57 -60.81
CA PRO A 131 -32.07 -20.68 -59.86
C PRO A 131 -31.65 -22.02 -60.41
N GLU A 132 -31.81 -22.22 -61.72
CA GLU A 132 -31.31 -23.43 -62.35
C GLU A 132 -29.80 -23.56 -62.21
N SER A 133 -29.09 -22.43 -62.07
CA SER A 133 -27.65 -22.51 -61.83
C SER A 133 -27.34 -23.21 -60.51
N TYR A 134 -28.01 -22.80 -59.43
CA TYR A 134 -27.76 -23.46 -58.16
C TYR A 134 -28.29 -24.89 -58.16
N LEU A 135 -29.39 -25.14 -58.88
CA LEU A 135 -29.87 -26.51 -58.99
C LEU A 135 -28.85 -27.40 -59.67
N LYS A 136 -28.24 -26.90 -60.76
CA LYS A 136 -27.19 -27.64 -61.45
C LYS A 136 -25.98 -27.84 -60.56
N LEU A 137 -25.62 -26.82 -59.78
CA LEU A 137 -24.50 -26.96 -58.85
C LEU A 137 -24.78 -28.02 -57.80
N LYS A 138 -26.01 -28.04 -57.28
CA LYS A 138 -26.38 -29.05 -56.29
C LYS A 138 -26.29 -30.45 -56.88
N ASN A 139 -26.79 -30.62 -58.10
CA ASN A 139 -26.70 -31.92 -58.75
C ASN A 139 -25.23 -32.31 -58.97
N PHE A 140 -24.42 -31.35 -59.42
CA PHE A 140 -23.01 -31.59 -59.65
C PHE A 140 -22.32 -32.08 -58.38
N LEU A 141 -22.57 -31.40 -57.27
CA LEU A 141 -21.95 -31.76 -56.00
C LEU A 141 -22.45 -33.11 -55.50
N GLY A 142 -23.77 -33.31 -55.51
CA GLY A 142 -24.33 -34.56 -55.04
C GLY A 142 -23.95 -35.77 -55.87
N GLU A 143 -23.51 -35.55 -57.11
CA GLU A 143 -23.01 -36.65 -57.91
C GLU A 143 -21.51 -36.84 -57.79
N LEU A 144 -20.75 -35.74 -57.69
CA LEU A 144 -19.30 -35.81 -57.69
C LEU A 144 -18.70 -36.04 -56.31
N ASP A 145 -19.50 -35.97 -55.25
CA ASP A 145 -18.98 -36.26 -53.92
C ASP A 145 -18.83 -37.74 -53.65
N GLU A 146 -19.06 -38.61 -54.65
CA GLU A 146 -18.99 -40.04 -54.42
C GLU A 146 -17.58 -40.48 -54.05
N LYS A 147 -16.57 -39.93 -54.73
CA LYS A 147 -15.18 -40.28 -54.45
C LYS A 147 -14.79 -39.83 -53.05
N ARG A 148 -14.50 -40.80 -52.19
CA ARG A 148 -14.10 -40.61 -50.79
C ARG A 148 -15.20 -40.01 -49.93
N ASN A 149 -16.36 -39.70 -50.51
CA ASN A 149 -17.55 -39.22 -49.82
C ASN A 149 -17.34 -37.83 -49.22
N THR A 150 -16.11 -37.34 -49.25
CA THR A 150 -15.75 -36.01 -48.75
C THR A 150 -16.26 -35.77 -47.33
N ARG A 151 -16.69 -36.84 -46.67
CA ARG A 151 -17.29 -36.79 -45.34
C ARG A 151 -18.47 -35.82 -45.29
N GLY A 152 -18.97 -35.41 -46.45
CA GLY A 152 -20.07 -34.46 -46.53
C GLY A 152 -19.71 -33.02 -46.26
N ASN A 153 -18.42 -32.68 -46.21
CA ASN A 153 -17.99 -31.34 -45.88
C ASN A 153 -17.81 -30.50 -47.14
N ARG A 154 -18.15 -29.21 -47.04
CA ARG A 154 -18.04 -28.29 -48.17
C ARG A 154 -17.65 -26.91 -47.66
N VAL A 155 -17.02 -26.13 -48.54
CA VAL A 155 -16.69 -24.74 -48.26
C VAL A 155 -16.73 -23.97 -49.57
N PHE A 156 -17.14 -22.70 -49.49
CA PHE A 156 -17.33 -21.85 -50.66
C PHE A 156 -16.50 -20.59 -50.51
N TYR A 157 -15.42 -20.49 -51.28
CA TYR A 157 -14.60 -19.29 -51.31
C TYR A 157 -15.18 -18.33 -52.33
N LEU A 158 -15.43 -17.10 -51.92
CA LEU A 158 -16.11 -16.11 -52.75
C LEU A 158 -15.13 -15.00 -53.12
N ALA A 159 -15.00 -14.72 -54.41
CA ALA A 159 -14.12 -13.64 -54.86
C ALA A 159 -14.73 -13.05 -56.13
N VAL A 160 -15.54 -12.01 -55.95
CA VAL A 160 -16.27 -11.40 -57.06
C VAL A 160 -16.42 -9.90 -56.80
N SER A 161 -16.99 -9.18 -57.75
CA SER A 161 -17.20 -7.76 -57.59
C SER A 161 -18.12 -7.50 -56.39
N PRO A 162 -17.90 -6.43 -55.63
CA PRO A 162 -18.61 -6.26 -54.35
C PRO A 162 -20.12 -6.22 -54.48
N ASN A 163 -20.65 -5.78 -55.61
CA ASN A 163 -22.09 -5.64 -55.76
C ASN A 163 -22.81 -6.98 -55.83
N PHE A 164 -22.10 -8.09 -55.96
CA PHE A 164 -22.72 -9.39 -56.13
C PHE A 164 -22.92 -10.15 -54.83
N PHE A 165 -22.49 -9.61 -53.69
CA PHE A 165 -22.65 -10.33 -52.43
C PHE A 165 -24.12 -10.57 -52.07
N PRO A 166 -25.00 -9.57 -52.10
CA PRO A 166 -26.40 -9.81 -51.69
C PRO A 166 -27.10 -10.85 -52.55
N PRO A 167 -27.03 -10.77 -53.90
CA PRO A 167 -27.70 -11.82 -54.69
C PRO A 167 -27.18 -13.21 -54.40
N GLY A 168 -25.85 -13.37 -54.31
CA GLY A 168 -25.30 -14.67 -54.05
C GLY A 168 -25.72 -15.23 -52.70
N ILE A 169 -25.66 -14.39 -51.67
CA ILE A 169 -26.01 -14.88 -50.33
C ILE A 169 -27.50 -15.20 -50.25
N LYS A 170 -28.35 -14.40 -50.90
CA LYS A 170 -29.78 -14.67 -50.88
C LYS A 170 -30.09 -15.98 -51.61
N GLN A 171 -29.49 -16.18 -52.79
CA GLN A 171 -29.71 -17.42 -53.52
C GLN A 171 -29.21 -18.62 -52.73
N LEU A 172 -28.06 -18.50 -52.07
CA LEU A 172 -27.55 -19.59 -51.26
C LEU A 172 -28.49 -19.89 -50.10
N GLY A 173 -29.02 -18.85 -49.45
CA GLY A 173 -29.91 -19.08 -48.32
C GLY A 173 -31.22 -19.72 -48.71
N ALA A 174 -31.83 -19.25 -49.80
CA ALA A 174 -33.10 -19.84 -50.24
C ALA A 174 -32.90 -21.28 -50.71
N ALA A 175 -31.80 -21.55 -51.40
CA ALA A 175 -31.55 -22.89 -51.91
C ALA A 175 -31.26 -23.89 -50.81
N GLY A 176 -30.90 -23.42 -49.61
CA GLY A 176 -30.55 -24.34 -48.55
C GLY A 176 -29.30 -25.14 -48.82
N MET A 177 -28.27 -24.50 -49.35
CA MET A 177 -27.01 -25.19 -49.63
C MET A 177 -26.41 -25.78 -48.37
N LEU A 178 -26.26 -24.97 -47.33
CA LEU A 178 -25.63 -25.37 -46.08
C LEU A 178 -26.66 -25.35 -44.96
N SER A 179 -26.82 -26.48 -44.29
CA SER A 179 -27.71 -26.59 -43.15
C SER A 179 -26.99 -27.05 -41.89
N ASP A 180 -26.10 -28.03 -42.02
CA ASP A 180 -25.39 -28.55 -40.86
C ASP A 180 -24.27 -27.60 -40.45
N PRO A 181 -24.28 -27.07 -39.24
CA PRO A 181 -23.22 -26.13 -38.83
C PRO A 181 -21.99 -26.82 -38.28
N VAL A 182 -21.52 -27.87 -38.95
CA VAL A 182 -20.30 -28.56 -38.55
C VAL A 182 -19.30 -28.69 -39.69
N LYS A 183 -19.72 -28.65 -40.95
CA LYS A 183 -18.84 -28.92 -42.07
C LYS A 183 -18.98 -27.93 -43.21
N SER A 184 -19.67 -26.81 -42.99
CA SER A 184 -19.90 -25.82 -44.03
C SER A 184 -19.36 -24.46 -43.58
N ARG A 185 -18.66 -23.79 -44.49
CA ARG A 185 -18.09 -22.49 -44.21
C ARG A 185 -18.22 -21.59 -45.43
N ILE A 186 -18.30 -20.29 -45.20
CA ILE A 186 -18.42 -19.30 -46.26
C ILE A 186 -17.42 -18.18 -45.98
N VAL A 187 -16.70 -17.76 -47.02
CA VAL A 187 -15.65 -16.76 -46.89
C VAL A 187 -16.05 -15.55 -47.73
N ILE A 188 -15.99 -14.37 -47.12
CA ILE A 188 -16.34 -13.11 -47.77
C ILE A 188 -15.08 -12.27 -47.90
N GLU A 189 -14.87 -11.71 -49.09
CA GLU A 189 -13.65 -10.97 -49.37
C GLU A 189 -13.88 -9.47 -49.29
N LYS A 190 -12.77 -8.73 -49.26
CA LYS A 190 -12.81 -7.28 -49.19
C LYS A 190 -13.41 -6.69 -50.46
N PRO A 191 -14.19 -5.61 -50.38
CA PRO A 191 -14.60 -4.86 -49.18
C PRO A 191 -15.92 -5.33 -48.59
N PHE A 192 -16.11 -5.15 -47.29
CA PHE A 192 -17.37 -5.51 -46.64
C PHE A 192 -18.42 -4.42 -46.74
N GLY A 193 -18.05 -3.21 -47.14
CA GLY A 193 -19.01 -2.13 -47.23
C GLY A 193 -18.30 -0.80 -47.44
N ARG A 194 -19.10 0.27 -47.38
CA ARG A 194 -18.54 1.60 -47.53
C ARG A 194 -19.05 2.62 -46.53
N ASP A 195 -20.11 2.33 -45.78
CA ASP A 195 -20.63 3.26 -44.78
C ASP A 195 -21.48 2.46 -43.80
N LEU A 196 -21.98 3.15 -42.77
CA LEU A 196 -22.66 2.48 -41.68
C LEU A 196 -23.88 1.71 -42.17
N SER A 197 -24.70 2.36 -43.01
CA SER A 197 -25.97 1.76 -43.42
C SER A 197 -25.75 0.49 -44.23
N SER A 198 -24.82 0.54 -45.18
CA SER A 198 -24.58 -0.63 -46.02
C SER A 198 -24.03 -1.79 -45.19
N ALA A 199 -23.13 -1.49 -44.25
CA ALA A 199 -22.59 -2.54 -43.40
C ALA A 199 -23.67 -3.17 -42.54
N GLN A 200 -24.55 -2.35 -41.96
CA GLN A 200 -25.65 -2.90 -41.16
C GLN A 200 -26.58 -3.76 -42.01
N SER A 201 -26.91 -3.30 -43.22
CA SER A 201 -27.80 -4.06 -44.08
C SER A 201 -27.19 -5.39 -44.48
N LEU A 202 -25.90 -5.40 -44.83
CA LEU A 202 -25.25 -6.65 -45.20
C LEU A 202 -25.17 -7.60 -44.02
N ASN A 203 -24.87 -7.08 -42.83
CA ASN A 203 -24.82 -7.93 -41.65
C ASN A 203 -26.17 -8.56 -41.36
N ARG A 204 -27.24 -7.75 -41.42
CA ARG A 204 -28.57 -8.28 -41.18
C ARG A 204 -28.95 -9.34 -42.22
N VAL A 205 -28.61 -9.08 -43.49
CA VAL A 205 -28.97 -10.02 -44.55
C VAL A 205 -28.24 -11.34 -44.34
N VAL A 206 -26.94 -11.29 -44.06
CA VAL A 206 -26.19 -12.51 -43.89
C VAL A 206 -26.52 -13.22 -42.59
N GLN A 207 -27.11 -12.50 -41.62
CA GLN A 207 -27.49 -13.14 -40.37
C GLN A 207 -28.70 -14.04 -40.54
N SER A 208 -29.62 -13.68 -41.45
CA SER A 208 -30.84 -14.46 -41.62
C SER A 208 -30.56 -15.82 -42.24
N VAL A 209 -29.57 -15.92 -43.12
CA VAL A 209 -29.31 -17.18 -43.82
C VAL A 209 -28.77 -18.22 -42.86
N CYS A 210 -27.64 -17.94 -42.23
CA CYS A 210 -26.98 -18.88 -41.33
C CYS A 210 -26.54 -18.15 -40.07
N LYS A 211 -26.21 -18.93 -39.05
CA LYS A 211 -25.71 -18.37 -37.81
C LYS A 211 -24.24 -18.00 -37.97
N GLU A 212 -23.64 -17.52 -36.89
CA GLU A 212 -22.22 -17.16 -36.88
C GLU A 212 -21.40 -18.45 -36.80
N ASN A 213 -20.10 -18.31 -36.53
CA ASN A 213 -19.13 -19.41 -36.50
C ASN A 213 -18.94 -20.04 -37.86
N GLN A 214 -19.49 -19.46 -38.92
CA GLN A 214 -19.33 -19.95 -40.28
C GLN A 214 -18.82 -18.90 -41.25
N VAL A 215 -19.03 -17.62 -40.96
CA VAL A 215 -18.57 -16.55 -41.83
C VAL A 215 -17.17 -16.15 -41.42
N TYR A 216 -16.30 -15.92 -42.40
CA TYR A 216 -14.91 -15.54 -42.19
C TYR A 216 -14.67 -14.26 -42.98
N ARG A 217 -14.85 -13.12 -42.32
CA ARG A 217 -14.74 -11.82 -43.01
C ARG A 217 -13.28 -11.48 -43.24
N ILE A 218 -12.65 -12.25 -44.13
CA ILE A 218 -11.26 -12.00 -44.47
C ILE A 218 -11.17 -10.76 -45.35
N ASP A 219 -10.15 -9.95 -45.10
CA ASP A 219 -9.89 -8.74 -45.88
C ASP A 219 -8.48 -8.25 -45.60
N HIS A 220 -8.37 -7.30 -44.68
CA HIS A 220 -7.05 -6.94 -44.14
C HIS A 220 -6.41 -8.15 -43.50
N TYR A 221 -5.11 -8.29 -43.69
CA TYR A 221 -4.36 -9.40 -43.10
C TYR A 221 -3.18 -8.85 -42.30
N LEU A 222 -3.37 -8.77 -40.99
CA LEU A 222 -2.25 -8.58 -40.06
C LEU A 222 -1.80 -9.99 -39.68
N GLY A 223 -0.82 -10.50 -40.40
CA GLY A 223 -0.49 -11.91 -40.34
C GLY A 223 -0.04 -12.35 -38.97
N LYS A 224 0.04 -13.66 -38.81
CA LYS A 224 0.52 -14.24 -37.56
C LYS A 224 1.98 -13.89 -37.35
N GLU A 225 2.53 -14.34 -36.23
CA GLU A 225 3.89 -14.01 -35.79
C GLU A 225 4.05 -12.52 -35.48
N THR A 226 2.96 -11.76 -35.53
CA THR A 226 2.96 -10.39 -35.02
C THR A 226 1.98 -10.21 -33.87
N VAL A 227 0.73 -10.62 -34.05
CA VAL A 227 -0.24 -10.55 -32.96
C VAL A 227 0.19 -11.42 -31.80
N GLN A 228 0.60 -12.66 -32.09
CA GLN A 228 1.07 -13.55 -31.03
C GLN A 228 2.30 -12.98 -30.36
N ASN A 229 3.20 -12.38 -31.14
CA ASN A 229 4.38 -11.77 -30.56
C ASN A 229 4.01 -10.66 -29.59
N LEU A 230 3.03 -9.83 -29.97
CA LEU A 230 2.63 -8.73 -29.10
C LEU A 230 2.02 -9.24 -27.80
N MET A 231 1.15 -10.25 -27.89
CA MET A 231 0.60 -10.83 -26.66
C MET A 231 1.70 -11.39 -25.77
N VAL A 232 2.55 -12.27 -26.32
CA VAL A 232 3.53 -12.91 -25.44
C VAL A 232 4.53 -11.92 -24.89
N PHE A 233 4.72 -10.77 -25.55
CA PHE A 233 5.59 -9.75 -24.97
C PHE A 233 4.87 -8.96 -23.89
N ARG A 234 3.57 -8.76 -24.00
CA ARG A 234 2.91 -7.89 -23.03
C ARG A 234 2.41 -8.62 -21.80
N PHE A 235 1.84 -9.82 -21.94
CA PHE A 235 1.16 -10.50 -20.84
C PHE A 235 1.97 -11.64 -20.23
N ALA A 236 3.30 -11.61 -20.38
CA ALA A 236 4.11 -12.64 -19.74
C ALA A 236 5.32 -12.04 -19.02
N ASN A 237 5.27 -10.77 -18.67
CA ASN A 237 6.33 -10.11 -17.92
C ASN A 237 5.73 -9.31 -16.78
N ALA A 238 6.51 -9.14 -15.72
CA ALA A 238 6.06 -8.44 -14.53
C ALA A 238 6.69 -7.07 -14.37
N ILE A 239 7.37 -6.56 -15.39
CA ILE A 239 7.98 -5.24 -15.34
C ILE A 239 7.45 -4.30 -16.40
N PHE A 240 6.54 -4.76 -17.27
CA PHE A 240 5.96 -3.93 -18.31
C PHE A 240 4.49 -3.64 -18.11
N GLU A 241 3.74 -4.60 -17.59
CA GLU A 241 2.32 -4.37 -17.36
C GLU A 241 2.02 -3.25 -16.36
N PRO A 242 2.69 -3.13 -15.21
CA PRO A 242 2.34 -2.06 -14.27
C PRO A 242 2.69 -0.66 -14.75
N LEU A 243 3.25 -0.51 -15.95
CA LEU A 243 3.61 0.80 -16.49
C LEU A 243 2.73 1.22 -17.65
N TRP A 244 1.46 0.83 -17.65
CA TRP A 244 0.51 1.22 -18.68
C TRP A 244 -0.72 1.81 -17.99
N ASN A 245 -0.66 3.10 -17.68
CA ASN A 245 -1.75 3.78 -17.01
C ASN A 245 -1.71 5.24 -17.43
N ARG A 246 -2.65 6.02 -16.90
CA ARG A 246 -2.51 7.47 -16.99
C ARG A 246 -1.42 7.98 -16.08
N GLN A 247 -0.95 7.15 -15.15
CA GLN A 247 0.04 7.62 -14.18
C GLN A 247 1.36 7.95 -14.87
N PHE A 248 1.79 7.13 -15.82
CA PHE A 248 3.09 7.33 -16.45
C PHE A 248 3.00 7.63 -17.94
N VAL A 249 2.24 6.83 -18.70
CA VAL A 249 2.15 7.05 -20.13
C VAL A 249 1.49 8.40 -20.39
N ASP A 250 2.05 9.16 -21.32
CA ASP A 250 1.61 10.51 -21.60
C ASP A 250 1.14 10.75 -23.02
N HIS A 251 1.50 9.88 -23.96
CA HIS A 251 1.38 10.18 -25.37
C HIS A 251 1.63 8.91 -26.17
N VAL A 252 0.75 8.58 -27.12
CA VAL A 252 0.97 7.46 -28.01
C VAL A 252 0.76 7.94 -29.44
N GLN A 253 1.38 7.24 -30.39
CA GLN A 253 1.14 7.56 -31.79
C GLN A 253 1.52 6.38 -32.66
N ILE A 254 0.80 6.23 -33.77
CA ILE A 254 0.97 5.10 -34.68
C ILE A 254 1.08 5.63 -36.09
N THR A 255 2.02 5.11 -36.87
CA THR A 255 2.21 5.60 -38.23
C THR A 255 2.50 4.45 -39.18
N VAL A 256 1.95 4.54 -40.39
CA VAL A 256 2.29 3.65 -41.49
C VAL A 256 2.56 4.51 -42.71
N ALA A 257 3.44 4.03 -43.59
CA ALA A 257 3.79 4.80 -44.77
C ALA A 257 4.19 3.87 -45.90
N GLU A 258 3.82 4.26 -47.10
CA GLU A 258 4.09 3.50 -48.31
C GLU A 258 4.97 4.34 -49.23
N THR A 259 5.34 3.76 -50.36
CA THR A 259 6.13 4.49 -51.34
C THR A 259 5.50 4.50 -52.72
N VAL A 260 4.85 3.41 -53.12
CA VAL A 260 4.40 3.28 -54.50
C VAL A 260 3.29 4.27 -54.81
N GLY A 261 2.40 4.51 -53.85
CA GLY A 261 1.29 5.42 -54.07
C GLY A 261 0.13 4.80 -54.82
N VAL A 262 -0.02 5.14 -56.10
CA VAL A 262 -1.10 4.64 -56.94
C VAL A 262 -0.48 3.88 -58.10
N GLU A 263 -1.13 2.79 -58.49
CA GLU A 263 -0.57 1.84 -59.45
C GLU A 263 -1.67 1.43 -60.41
N GLU A 264 -1.45 0.33 -61.14
CA GLU A 264 -2.41 -0.18 -62.10
C GLU A 264 -3.77 -0.50 -61.49
N ARG A 265 -3.90 -0.41 -60.17
CA ARG A 265 -5.20 -0.53 -59.52
C ARG A 265 -5.95 0.80 -59.46
N ALA A 266 -5.64 1.72 -60.37
CA ALA A 266 -6.37 2.97 -60.44
C ALA A 266 -7.85 2.75 -60.65
N GLY A 267 -8.21 1.67 -61.35
CA GLY A 267 -9.62 1.38 -61.57
C GLY A 267 -10.40 1.22 -60.28
N TYR A 268 -9.79 0.63 -59.27
CA TYR A 268 -10.43 0.56 -57.96
C TYR A 268 -10.20 1.82 -57.14
N TYR A 269 -8.97 2.35 -57.14
CA TYR A 269 -8.66 3.46 -56.25
C TYR A 269 -9.37 4.74 -56.63
N GLU A 270 -9.88 4.85 -57.86
CA GLU A 270 -10.58 6.07 -58.25
C GLU A 270 -11.76 6.35 -57.34
N SER A 271 -12.37 5.31 -56.77
CA SER A 271 -13.43 5.43 -55.78
C SER A 271 -12.92 4.82 -54.49
N ALA A 272 -12.16 5.59 -53.73
CA ALA A 272 -11.53 5.13 -52.51
C ALA A 272 -11.04 6.35 -51.75
N GLY A 273 -10.23 6.12 -50.72
CA GLY A 273 -9.60 7.19 -49.99
C GLY A 273 -8.72 6.62 -48.91
N ALA A 274 -7.87 7.44 -48.30
CA ALA A 274 -7.08 6.94 -47.19
C ALA A 274 -7.98 6.43 -46.08
N LEU A 275 -9.07 7.15 -45.82
CA LEU A 275 -9.97 6.79 -44.74
C LEU A 275 -10.58 5.41 -44.94
N ARG A 276 -10.99 5.10 -46.17
CA ARG A 276 -11.62 3.82 -46.46
C ARG A 276 -10.64 2.74 -46.86
N ASP A 277 -9.36 3.07 -47.04
CA ASP A 277 -8.39 2.07 -47.44
C ASP A 277 -7.51 1.59 -46.28
N MET A 278 -7.09 2.48 -45.39
CA MET A 278 -6.21 2.06 -44.32
C MET A 278 -6.79 2.25 -42.93
N VAL A 279 -7.34 3.43 -42.65
CA VAL A 279 -7.73 3.77 -41.29
C VAL A 279 -8.84 2.84 -40.79
N GLN A 280 -9.59 2.21 -41.70
CA GLN A 280 -10.64 1.31 -41.28
C GLN A 280 -10.19 -0.14 -41.16
N ASN A 281 -9.12 -0.53 -41.84
CA ASN A 281 -8.74 -1.93 -41.93
C ASN A 281 -7.50 -2.30 -41.16
N HIS A 282 -6.54 -1.39 -41.03
CA HIS A 282 -5.23 -1.71 -40.46
C HIS A 282 -4.93 -0.92 -39.19
N LEU A 283 -5.03 0.41 -39.25
CA LEU A 283 -4.69 1.22 -38.09
C LEU A 283 -5.69 0.99 -36.95
N MET A 284 -6.97 0.83 -37.27
CA MET A 284 -7.95 0.64 -36.22
C MET A 284 -7.87 -0.75 -35.60
N GLN A 285 -7.12 -1.67 -36.21
CA GLN A 285 -6.82 -2.92 -35.53
C GLN A 285 -5.54 -2.82 -34.71
N LEU A 286 -4.54 -2.09 -35.21
CA LEU A 286 -3.35 -1.84 -34.39
C LEU A 286 -3.69 -1.10 -33.11
N PHE A 287 -4.58 -0.12 -33.19
CA PHE A 287 -4.98 0.63 -32.01
C PHE A 287 -5.69 -0.27 -31.00
N CYS A 288 -6.61 -1.10 -31.47
CA CYS A 288 -7.29 -2.03 -30.57
C CYS A 288 -6.30 -2.97 -29.90
N LEU A 289 -5.32 -3.44 -30.66
CA LEU A 289 -4.32 -4.32 -30.07
C LEU A 289 -3.45 -3.60 -29.06
N THR A 290 -3.19 -2.31 -29.26
CA THR A 290 -2.35 -1.59 -28.32
C THR A 290 -3.07 -1.27 -27.02
N ALA A 291 -4.35 -0.90 -27.09
CA ALA A 291 -5.05 -0.40 -25.91
C ALA A 291 -5.92 -1.43 -25.22
N MET A 292 -5.80 -2.70 -25.57
CA MET A 292 -6.69 -3.73 -25.06
C MET A 292 -6.37 -4.08 -23.61
N ASP A 293 -7.38 -4.58 -22.90
CA ASP A 293 -7.26 -5.06 -21.53
C ASP A 293 -6.75 -6.50 -21.51
N PRO A 294 -6.11 -6.93 -20.42
CA PRO A 294 -5.56 -8.28 -20.36
C PRO A 294 -6.65 -9.32 -20.29
N PRO A 295 -6.64 -10.31 -21.18
CA PRO A 295 -7.69 -11.33 -21.17
C PRO A 295 -7.42 -12.41 -20.14
N ASN A 296 -8.48 -13.13 -19.78
CA ASN A 296 -8.42 -14.17 -18.76
C ASN A 296 -8.11 -15.56 -19.31
N ALA A 297 -8.09 -15.73 -20.62
CA ALA A 297 -7.83 -17.03 -21.22
C ALA A 297 -7.27 -16.83 -22.61
N ILE A 298 -6.66 -17.90 -23.14
CA ILE A 298 -6.02 -17.82 -24.45
C ILE A 298 -6.96 -18.17 -25.59
N ASP A 299 -8.23 -18.45 -25.31
CA ASP A 299 -9.19 -18.76 -26.36
C ASP A 299 -9.42 -17.54 -27.24
N ALA A 300 -9.82 -17.80 -28.49
CA ALA A 300 -10.06 -16.71 -29.43
C ALA A 300 -11.26 -15.86 -29.00
N ASP A 301 -12.27 -16.48 -28.42
CA ASP A 301 -13.48 -15.76 -28.05
C ASP A 301 -13.16 -14.67 -27.03
N SER A 302 -12.34 -14.99 -26.04
CA SER A 302 -11.99 -13.98 -25.03
C SER A 302 -11.26 -12.80 -25.65
N ILE A 303 -10.32 -13.08 -26.55
CA ILE A 303 -9.54 -12.00 -27.16
C ILE A 303 -10.44 -11.08 -27.98
N ARG A 304 -11.31 -11.67 -28.81
CA ARG A 304 -12.18 -10.84 -29.62
C ARG A 304 -13.17 -10.08 -28.74
N ASN A 305 -13.64 -10.69 -27.66
CA ASN A 305 -14.54 -10.00 -26.75
C ASN A 305 -13.86 -8.78 -26.12
N GLU A 306 -12.60 -8.94 -25.71
CA GLU A 306 -11.88 -7.81 -25.14
C GLU A 306 -11.67 -6.71 -26.17
N LYS A 307 -11.36 -7.08 -27.41
CA LYS A 307 -11.19 -6.07 -28.45
C LYS A 307 -12.48 -5.28 -28.67
N VAL A 308 -13.62 -5.99 -28.71
CA VAL A 308 -14.89 -5.30 -28.87
C VAL A 308 -15.16 -4.38 -27.69
N LYS A 309 -14.83 -4.83 -26.48
CA LYS A 309 -15.08 -3.99 -25.30
C LYS A 309 -14.26 -2.71 -25.35
N VAL A 310 -12.97 -2.80 -25.70
CA VAL A 310 -12.16 -1.58 -25.70
C VAL A 310 -12.59 -0.66 -26.83
N LEU A 311 -12.95 -1.21 -27.99
CA LEU A 311 -13.38 -0.34 -29.07
C LEU A 311 -14.83 0.08 -28.88
N GLN A 312 -15.14 0.60 -27.69
CA GLN A 312 -16.48 1.07 -27.40
C GLN A 312 -16.45 2.33 -26.55
N ALA A 313 -15.29 2.95 -26.37
CA ALA A 313 -15.19 4.21 -25.66
C ALA A 313 -14.21 5.15 -26.35
N THR A 314 -14.05 4.99 -27.67
CA THR A 314 -13.13 5.80 -28.46
C THR A 314 -13.94 6.81 -29.27
N ARG A 315 -13.52 8.06 -29.24
CA ARG A 315 -14.24 9.13 -29.92
C ARG A 315 -13.26 10.15 -30.45
N LEU A 316 -13.71 10.91 -31.43
CA LEU A 316 -12.93 12.03 -31.94
C LEU A 316 -12.76 13.06 -30.82
N ALA A 317 -11.62 13.75 -30.83
CA ALA A 317 -11.31 14.66 -29.73
C ALA A 317 -12.26 15.85 -29.71
N ASP A 318 -12.45 16.51 -30.85
CA ASP A 318 -13.33 17.67 -30.97
C ASP A 318 -14.33 17.37 -32.08
N ILE A 319 -15.49 16.82 -31.70
CA ILE A 319 -16.48 16.44 -32.68
C ILE A 319 -17.13 17.66 -33.31
N ASN A 320 -17.27 18.75 -32.55
CA ASN A 320 -17.96 19.94 -33.05
C ASN A 320 -17.21 20.58 -34.22
N ASN A 321 -15.92 20.82 -34.06
CA ASN A 321 -15.09 21.44 -35.08
C ASN A 321 -14.10 20.41 -35.60
N LEU A 322 -14.25 20.02 -36.86
CA LEU A 322 -13.38 19.01 -37.45
C LEU A 322 -11.95 19.51 -37.68
N GLU A 323 -11.72 20.81 -37.57
CA GLU A 323 -10.39 21.34 -37.84
C GLU A 323 -9.40 21.07 -36.72
N ASN A 324 -9.86 20.57 -35.57
CA ASN A 324 -8.97 20.20 -34.48
C ASN A 324 -8.70 18.71 -34.41
N ALA A 325 -9.35 17.91 -35.26
CA ALA A 325 -9.16 16.46 -35.20
C ALA A 325 -9.15 15.84 -36.59
N GLY A 326 -8.66 16.56 -37.60
CA GLY A 326 -8.59 15.97 -38.93
C GLY A 326 -7.92 16.82 -39.97
N ILE A 327 -7.01 16.23 -40.74
CA ILE A 327 -6.34 16.90 -41.84
C ILE A 327 -6.19 15.91 -42.99
N ARG A 328 -6.33 16.38 -44.22
CA ARG A 328 -6.19 15.54 -45.40
C ARG A 328 -5.24 16.21 -46.39
N GLY A 329 -4.84 15.45 -47.41
CA GLY A 329 -3.90 15.97 -48.39
C GLY A 329 -3.90 15.14 -49.65
N GLN A 330 -3.02 15.51 -50.57
CA GLN A 330 -2.91 14.82 -51.85
C GLN A 330 -1.59 15.21 -52.51
N TYR A 331 -0.81 14.20 -52.91
CA TYR A 331 0.56 14.46 -53.33
C TYR A 331 0.65 14.88 -54.79
N LYS A 332 1.68 15.67 -55.11
CA LYS A 332 1.86 16.19 -56.46
C LYS A 332 3.33 16.55 -56.69
N ALA A 333 3.74 16.46 -57.95
CA ALA A 333 5.05 16.94 -58.41
C ALA A 333 6.20 16.30 -57.62
N GLY A 334 6.32 14.99 -57.76
CA GLY A 334 7.27 14.24 -56.96
C GLY A 334 8.66 14.13 -57.57
N TRP A 335 9.62 13.80 -56.70
CA TRP A 335 11.01 13.61 -57.09
C TRP A 335 11.59 12.40 -56.38
N MET A 336 10.80 11.35 -56.23
CA MET A 336 11.23 10.19 -55.47
C MET A 336 12.31 9.44 -56.23
N GLY A 337 13.46 9.27 -55.58
CA GLY A 337 14.58 8.61 -56.22
C GLY A 337 15.38 9.58 -57.09
N GLY A 338 16.07 9.00 -58.07
CA GLY A 338 16.88 9.79 -58.98
C GLY A 338 16.16 10.44 -60.13
N LYS A 339 14.84 10.26 -60.24
CA LYS A 339 14.07 10.79 -61.35
C LYS A 339 12.83 11.51 -60.82
N PRO A 340 12.35 12.52 -61.55
CA PRO A 340 11.09 13.15 -61.17
C PRO A 340 9.91 12.21 -61.35
N VAL A 341 8.88 12.41 -60.54
CA VAL A 341 7.68 11.59 -60.53
C VAL A 341 6.49 12.51 -60.70
N PRO A 342 5.56 12.21 -61.61
CA PRO A 342 4.42 13.10 -61.84
C PRO A 342 3.47 13.12 -60.66
N GLY A 343 2.66 14.19 -60.61
CA GLY A 343 1.70 14.37 -59.54
C GLY A 343 0.46 13.50 -59.70
N TYR A 344 -0.40 13.56 -58.69
CA TYR A 344 -1.59 12.70 -58.68
C TYR A 344 -2.57 13.10 -59.77
N ARG A 345 -2.81 14.39 -59.93
CA ARG A 345 -3.81 14.84 -60.88
C ARG A 345 -3.36 14.65 -62.33
N GLU A 346 -2.08 14.39 -62.58
CA GLU A 346 -1.54 14.27 -63.93
C GLU A 346 -0.77 12.96 -64.04
N GLU A 347 -1.50 11.88 -64.36
CA GLU A 347 -0.91 10.57 -64.60
C GLU A 347 -1.96 9.70 -65.27
N PRO A 348 -1.55 8.57 -65.90
CA PRO A 348 -2.53 7.76 -66.63
C PRO A 348 -3.69 7.29 -65.76
N GLY A 349 -4.87 7.87 -66.01
CA GLY A 349 -6.08 7.55 -65.29
C GLY A 349 -6.26 8.51 -64.13
N VAL A 350 -7.13 9.50 -64.30
CA VAL A 350 -7.29 10.58 -63.33
C VAL A 350 -8.71 11.14 -63.46
N ASP A 351 -9.05 12.04 -62.54
CA ASP A 351 -10.20 12.92 -62.66
C ASP A 351 -9.68 14.35 -62.68
N PRO A 352 -9.89 15.12 -63.75
CA PRO A 352 -9.20 16.42 -63.88
C PRO A 352 -9.43 17.37 -62.73
N SER A 353 -10.61 17.34 -62.11
CA SER A 353 -10.90 18.12 -60.91
C SER A 353 -11.38 17.14 -59.85
N SER A 354 -10.44 16.55 -59.12
CA SER A 354 -10.76 15.52 -58.15
C SER A 354 -10.41 15.98 -56.74
N THR A 355 -10.97 15.27 -55.76
CA THR A 355 -10.73 15.56 -54.36
C THR A 355 -10.43 14.29 -53.56
N THR A 356 -9.93 13.25 -54.23
CA THR A 356 -9.63 12.01 -53.54
C THR A 356 -8.40 12.20 -52.66
N PRO A 357 -8.50 12.00 -51.36
CA PRO A 357 -7.36 12.25 -50.47
C PRO A 357 -6.35 11.11 -50.53
N THR A 358 -5.16 11.41 -50.02
CA THR A 358 -4.09 10.41 -49.92
C THR A 358 -3.36 10.46 -48.59
N PHE A 359 -3.53 11.51 -47.79
CA PHE A 359 -2.95 11.62 -46.46
C PHE A 359 -4.11 11.86 -45.50
N ALA A 360 -4.04 11.27 -44.31
CA ALA A 360 -5.18 11.39 -43.38
C ALA A 360 -4.67 11.20 -41.95
N ALA A 361 -4.55 12.30 -41.22
CA ALA A 361 -4.27 12.23 -39.81
C ALA A 361 -5.57 12.01 -39.04
N LEU A 362 -5.44 11.78 -37.73
CA LEU A 362 -6.61 11.63 -36.88
C LEU A 362 -6.18 11.78 -35.43
N LYS A 363 -7.16 12.01 -34.56
CA LYS A 363 -6.93 12.04 -33.13
C LYS A 363 -8.05 11.28 -32.43
N LEU A 364 -7.69 10.50 -31.42
CA LEU A 364 -8.65 9.72 -30.65
C LEU A 364 -8.36 9.90 -29.17
N MET A 365 -9.36 9.62 -28.34
CA MET A 365 -9.20 9.79 -26.90
C MET A 365 -10.09 8.81 -26.18
N VAL A 366 -9.52 7.67 -25.77
CA VAL A 366 -10.25 6.70 -24.95
C VAL A 366 -10.54 7.31 -23.59
N ASP A 367 -11.68 6.94 -23.01
CA ASP A 367 -12.12 7.51 -21.74
C ASP A 367 -12.66 6.45 -20.81
N ASN A 368 -12.00 5.31 -20.71
CA ASN A 368 -12.40 4.28 -19.77
C ASN A 368 -11.66 4.49 -18.45
N TRP A 369 -11.71 3.49 -17.56
CA TRP A 369 -11.15 3.65 -16.22
C TRP A 369 -9.62 3.60 -16.20
N ARG A 370 -8.98 3.27 -17.31
CA ARG A 370 -7.54 3.06 -17.33
C ARG A 370 -6.78 4.03 -18.21
N TRP A 371 -7.35 4.48 -19.32
CA TRP A 371 -6.69 5.36 -20.27
C TRP A 371 -7.33 6.76 -20.29
N GLN A 372 -7.73 7.28 -19.15
CA GLN A 372 -8.47 8.53 -19.11
C GLN A 372 -7.53 9.71 -19.33
N GLY A 373 -7.89 10.58 -20.28
CA GLY A 373 -7.09 11.76 -20.57
C GLY A 373 -5.73 11.48 -21.17
N VAL A 374 -5.65 10.57 -22.13
CA VAL A 374 -4.39 10.26 -22.80
C VAL A 374 -4.65 10.19 -24.30
N PRO A 375 -4.08 11.09 -25.09
CA PRO A 375 -4.43 11.18 -26.51
C PRO A 375 -3.63 10.24 -27.40
N PHE A 376 -4.28 9.80 -28.48
CA PHE A 376 -3.68 8.95 -29.49
C PHE A 376 -3.64 9.70 -30.81
N TYR A 377 -2.66 9.41 -31.65
CA TYR A 377 -2.57 10.02 -32.97
C TYR A 377 -2.36 8.95 -34.02
N LEU A 378 -3.10 9.06 -35.12
CA LEU A 378 -2.96 8.14 -36.24
C LEU A 378 -2.60 8.93 -37.50
N ARG A 379 -1.63 8.43 -38.25
CA ARG A 379 -1.15 9.11 -39.44
C ARG A 379 -0.86 8.08 -40.51
N THR A 380 -1.19 8.40 -41.76
CA THR A 380 -0.89 7.52 -42.88
C THR A 380 -0.86 8.33 -44.16
N GLY A 381 -0.23 7.76 -45.18
CA GLY A 381 -0.16 8.44 -46.46
C GLY A 381 0.61 7.63 -47.47
N LYS A 382 0.85 8.25 -48.62
CA LYS A 382 1.55 7.61 -49.72
C LYS A 382 2.63 8.52 -50.27
N ARG A 383 3.59 7.90 -50.97
CA ARG A 383 4.74 8.59 -51.55
C ARG A 383 5.60 9.24 -50.48
N MET A 384 5.81 8.53 -49.37
CA MET A 384 6.82 8.99 -48.42
C MET A 384 8.11 8.18 -48.58
N PRO A 385 9.26 8.76 -48.23
CA PRO A 385 10.54 8.10 -48.51
C PRO A 385 10.69 6.70 -47.91
N LYS A 386 10.60 6.59 -46.60
CA LYS A 386 10.75 5.30 -45.94
C LYS A 386 9.37 4.68 -45.71
N LYS A 387 9.33 3.35 -45.65
CA LYS A 387 8.08 2.63 -45.50
C LYS A 387 7.85 2.14 -44.08
N VAL A 388 8.27 2.90 -43.08
CA VAL A 388 8.25 2.48 -41.69
C VAL A 388 6.81 2.24 -41.21
N SER A 389 6.67 1.52 -40.09
CA SER A 389 5.38 1.35 -39.43
C SER A 389 5.68 1.01 -37.98
N GLU A 390 5.55 1.97 -37.07
CA GLU A 390 6.04 1.82 -35.72
C GLU A 390 4.97 2.22 -34.72
N ILE A 391 5.28 2.02 -33.43
CA ILE A 391 4.44 2.45 -32.32
C ILE A 391 5.34 3.08 -31.28
N ALA A 392 5.03 4.29 -30.85
CA ALA A 392 5.88 5.01 -29.90
C ALA A 392 5.07 5.39 -28.68
N ILE A 393 5.60 5.11 -27.50
CA ILE A 393 5.00 5.48 -26.22
C ILE A 393 5.97 6.40 -25.51
N GLN A 394 5.50 7.56 -25.08
CA GLN A 394 6.36 8.53 -24.42
C GLN A 394 5.92 8.68 -22.97
N PHE A 395 6.82 8.40 -22.04
CA PHE A 395 6.51 8.47 -20.62
C PHE A 395 6.58 9.91 -20.12
N ARG A 396 6.05 10.13 -18.92
CA ARG A 396 6.03 11.46 -18.34
C ARG A 396 7.43 11.84 -17.84
N GLN A 397 7.59 13.11 -17.50
CA GLN A 397 8.85 13.59 -16.94
C GLN A 397 8.92 13.28 -15.45
N VAL A 398 10.13 13.26 -14.92
CA VAL A 398 10.35 12.97 -13.51
C VAL A 398 9.73 14.09 -12.69
N PRO A 399 9.24 13.81 -11.48
CA PRO A 399 8.56 14.87 -10.72
C PRO A 399 9.43 16.08 -10.43
N LEU A 400 10.73 15.89 -10.20
CA LEU A 400 11.60 17.01 -9.93
C LEU A 400 12.99 16.71 -10.46
N LEU A 401 13.69 17.75 -10.90
CA LEU A 401 14.98 17.61 -11.60
C LEU A 401 16.11 18.00 -10.65
N ILE A 402 16.59 17.03 -9.88
CA ILE A 402 17.84 17.22 -9.14
C ILE A 402 18.98 17.51 -10.09
N PHE A 403 19.07 16.77 -11.18
CA PHE A 403 20.19 16.83 -12.12
C PHE A 403 19.80 17.67 -13.33
N GLN A 404 20.61 18.67 -13.63
CA GLN A 404 20.35 19.54 -14.78
C GLN A 404 21.03 18.97 -16.01
N SER A 405 20.25 18.76 -17.06
CA SER A 405 20.76 18.17 -18.29
C SER A 405 21.43 19.24 -19.15
N VAL A 406 21.72 18.90 -20.41
CA VAL A 406 22.31 19.84 -21.35
C VAL A 406 21.22 20.68 -21.98
N ALA A 407 21.53 21.97 -22.19
CA ALA A 407 20.60 22.91 -22.81
C ALA A 407 19.30 23.04 -22.02
N HIS A 408 19.36 22.80 -20.71
CA HIS A 408 18.23 22.94 -19.80
C HIS A 408 17.04 22.07 -20.22
N GLN A 409 17.28 21.04 -21.02
CA GLN A 409 16.19 20.19 -21.50
C GLN A 409 16.63 18.73 -21.45
N ALA A 410 15.66 17.84 -21.35
CA ALA A 410 15.90 16.41 -21.28
C ALA A 410 14.95 15.68 -22.20
N ASN A 411 15.36 14.50 -22.64
CA ASN A 411 14.54 13.68 -23.51
C ASN A 411 13.85 12.60 -22.70
N PRO A 412 12.53 12.58 -22.61
CA PRO A 412 11.84 11.56 -21.81
C PRO A 412 12.02 10.18 -22.41
N ASN A 413 11.83 9.17 -21.58
CA ASN A 413 11.98 7.78 -22.01
C ASN A 413 10.93 7.44 -23.05
N VAL A 414 11.26 6.45 -23.88
CA VAL A 414 10.41 6.08 -25.02
C VAL A 414 10.53 4.58 -25.25
N LEU A 415 9.39 3.92 -25.42
CA LEU A 415 9.34 2.53 -25.87
C LEU A 415 8.82 2.52 -27.29
N SER A 416 9.51 1.81 -28.19
CA SER A 416 9.33 2.05 -29.61
C SER A 416 9.18 0.75 -30.40
N LEU A 417 8.25 -0.10 -29.99
CA LEU A 417 7.94 -1.33 -30.72
C LEU A 417 7.86 -1.08 -32.22
N ARG A 418 8.67 -1.79 -32.99
CA ARG A 418 8.67 -1.68 -34.44
C ARG A 418 7.97 -2.88 -35.06
N ILE A 419 7.33 -2.65 -36.19
CA ILE A 419 6.56 -3.67 -36.88
C ILE A 419 7.24 -4.11 -38.17
N GLN A 420 7.65 -3.15 -39.01
CA GLN A 420 8.36 -3.49 -40.24
C GLN A 420 9.18 -2.30 -40.70
N PRO A 421 10.37 -2.52 -41.26
CA PRO A 421 11.10 -3.80 -41.36
C PRO A 421 11.93 -4.05 -40.11
N ASN A 422 12.47 -5.25 -39.91
CA ASN A 422 13.31 -5.58 -38.76
C ASN A 422 12.54 -5.39 -37.45
N GLU A 423 11.53 -6.24 -37.27
CA GLU A 423 10.73 -6.18 -36.06
C GLU A 423 11.59 -6.36 -34.82
N GLY A 424 11.30 -5.57 -33.79
CA GLY A 424 12.09 -5.62 -32.58
C GLY A 424 11.49 -4.74 -31.51
N ILE A 425 12.28 -4.49 -30.48
CA ILE A 425 11.89 -3.63 -29.36
C ILE A 425 13.09 -2.76 -29.02
N SER A 426 12.84 -1.48 -28.73
CA SER A 426 13.90 -0.56 -28.38
C SER A 426 13.51 0.23 -27.14
N LEU A 427 14.51 0.69 -26.39
CA LEU A 427 14.29 1.49 -25.21
C LEU A 427 15.30 2.63 -25.21
N ARG A 428 14.96 3.74 -24.56
CA ARG A 428 15.83 4.91 -24.53
C ARG A 428 15.77 5.54 -23.15
N PHE A 429 16.85 5.41 -22.39
CA PHE A 429 16.95 5.98 -21.06
C PHE A 429 18.12 6.97 -21.03
N GLU A 430 18.47 7.43 -19.83
CA GLU A 430 19.48 8.46 -19.64
C GLU A 430 20.68 7.91 -18.89
N ALA A 431 21.87 8.36 -19.29
CA ALA A 431 23.11 7.98 -18.62
C ALA A 431 23.97 9.22 -18.46
N LYS A 432 25.19 9.02 -17.95
CA LYS A 432 26.07 10.12 -17.56
C LYS A 432 27.20 10.28 -18.56
N MET A 433 27.42 11.52 -19.00
CA MET A 433 28.55 11.83 -19.86
C MET A 433 29.85 11.67 -19.07
N PRO A 434 30.90 11.11 -19.68
CA PRO A 434 32.10 10.76 -18.90
C PRO A 434 32.91 11.97 -18.45
N GLY A 435 32.38 13.16 -18.64
CA GLY A 435 33.04 14.35 -18.17
C GLY A 435 33.11 14.39 -16.65
N SER A 436 33.60 15.51 -16.15
CA SER A 436 33.74 15.73 -14.72
C SER A 436 32.56 16.48 -14.10
N GLU A 437 31.53 16.76 -14.89
CA GLU A 437 30.35 17.48 -14.41
C GLU A 437 29.11 16.61 -14.62
N LEU A 438 27.99 17.07 -14.04
CA LEU A 438 26.73 16.33 -14.10
C LEU A 438 25.99 16.68 -15.40
N ARG A 439 26.53 16.14 -16.50
CA ARG A 439 25.96 16.31 -17.82
C ARG A 439 25.45 14.96 -18.31
N THR A 440 24.19 14.92 -18.76
CA THR A 440 23.53 13.66 -19.11
C THR A 440 23.17 13.65 -20.58
N ARG A 441 23.47 12.53 -21.24
CA ARG A 441 23.11 12.28 -22.63
C ARG A 441 22.06 11.19 -22.66
N THR A 442 21.69 10.74 -23.86
CA THR A 442 20.70 9.69 -24.04
C THR A 442 21.32 8.53 -24.80
N VAL A 443 21.22 7.33 -24.23
CA VAL A 443 21.70 6.12 -24.88
C VAL A 443 20.49 5.23 -25.16
N ASP A 444 20.71 4.09 -25.78
CA ASP A 444 19.59 3.22 -26.12
C ASP A 444 20.04 1.77 -26.19
N MET A 445 19.07 0.87 -26.08
CA MET A 445 19.28 -0.56 -26.22
C MET A 445 18.33 -1.10 -27.29
N ASP A 446 18.72 -2.19 -27.93
CA ASP A 446 17.97 -2.71 -29.06
C ASP A 446 17.75 -4.21 -28.91
N PHE A 447 16.94 -4.74 -29.81
CA PHE A 447 16.68 -6.18 -29.88
C PHE A 447 16.00 -6.47 -31.21
N SER A 448 16.54 -7.44 -31.95
CA SER A 448 16.02 -7.81 -33.26
C SER A 448 15.62 -9.28 -33.25
N TYR A 449 14.44 -9.58 -33.80
CA TYR A 449 13.98 -10.96 -33.81
C TYR A 449 14.73 -11.79 -34.84
N GLY A 450 14.98 -11.23 -36.02
CA GLY A 450 15.55 -12.02 -37.11
C GLY A 450 16.95 -12.53 -36.81
N SER A 451 17.82 -11.66 -36.32
CA SER A 451 19.21 -12.04 -36.11
C SER A 451 19.35 -12.97 -34.91
N SER A 452 18.62 -12.71 -33.83
CA SER A 452 18.73 -13.47 -32.61
C SER A 452 17.70 -14.60 -32.52
N PHE A 453 16.98 -14.87 -33.59
CA PHE A 453 15.99 -15.95 -33.59
C PHE A 453 15.79 -16.41 -35.04
N GLY A 454 16.26 -17.61 -35.35
CA GLY A 454 16.01 -18.18 -36.66
C GLY A 454 16.58 -17.31 -37.76
N VAL A 455 15.88 -17.25 -38.89
CA VAL A 455 16.29 -16.41 -40.01
C VAL A 455 15.14 -15.48 -40.37
N ALA A 456 13.99 -16.05 -40.70
CA ALA A 456 12.81 -15.29 -41.13
C ALA A 456 11.61 -16.23 -41.06
N ALA A 457 10.49 -15.79 -41.62
CA ALA A 457 9.25 -16.56 -41.64
C ALA A 457 8.82 -16.79 -43.09
N ALA A 458 7.64 -17.40 -43.24
CA ALA A 458 7.07 -17.75 -44.54
C ALA A 458 5.95 -16.78 -44.89
N ASP A 459 5.27 -17.07 -46.00
CA ASP A 459 4.19 -16.20 -46.46
C ASP A 459 2.99 -16.28 -45.51
N ALA A 460 2.13 -15.27 -45.61
CA ALA A 460 0.99 -15.15 -44.72
C ALA A 460 -0.33 -15.61 -45.34
N TYR A 461 -0.48 -15.48 -46.66
CA TYR A 461 -1.73 -15.91 -47.30
C TYR A 461 -1.96 -17.40 -47.10
N HIS A 462 -0.90 -18.20 -47.25
CA HIS A 462 -1.03 -19.64 -47.02
C HIS A 462 -1.39 -19.93 -45.57
N ARG A 463 -0.82 -19.17 -44.63
CA ARG A 463 -1.18 -19.36 -43.23
C ARG A 463 -2.66 -19.06 -42.99
N LEU A 464 -3.17 -17.99 -43.59
CA LEU A 464 -4.58 -17.65 -43.42
C LEU A 464 -5.47 -18.72 -44.03
N LEU A 465 -5.12 -19.23 -45.22
CA LEU A 465 -5.91 -20.29 -45.82
C LEU A 465 -5.90 -21.54 -44.96
N LEU A 466 -4.74 -21.90 -44.40
CA LEU A 466 -4.66 -23.06 -43.53
C LEU A 466 -5.51 -22.87 -42.28
N ASP A 467 -5.48 -21.67 -41.71
CA ASP A 467 -6.29 -21.40 -40.52
C ASP A 467 -7.78 -21.47 -40.82
N CYS A 468 -8.18 -20.98 -41.99
CA CYS A 468 -9.57 -21.16 -42.42
C CYS A 468 -9.90 -22.64 -42.55
N MET A 469 -8.96 -23.43 -43.08
CA MET A 469 -9.19 -24.86 -43.24
C MET A 469 -9.39 -25.55 -41.90
N LEU A 470 -8.56 -25.21 -40.91
CA LEU A 470 -8.56 -25.93 -39.64
C LEU A 470 -9.88 -25.78 -38.90
N GLY A 471 -10.38 -24.55 -38.79
CA GLY A 471 -11.65 -24.33 -38.14
C GLY A 471 -11.60 -23.57 -36.83
N ASP A 472 -10.68 -22.63 -36.71
CA ASP A 472 -10.66 -21.70 -35.59
C ASP A 472 -10.58 -20.28 -36.12
N GLN A 473 -11.07 -19.32 -35.32
CA GLN A 473 -11.15 -17.92 -35.73
C GLN A 473 -10.48 -17.05 -34.66
N THR A 474 -9.18 -16.83 -34.80
CA THR A 474 -8.47 -15.96 -33.88
C THR A 474 -8.35 -14.53 -34.41
N LEU A 475 -7.99 -14.38 -35.68
CA LEU A 475 -7.81 -13.06 -36.28
C LEU A 475 -8.95 -12.66 -37.21
N PHE A 476 -9.95 -13.51 -37.39
CA PHE A 476 -11.09 -13.16 -38.23
C PHE A 476 -12.07 -12.33 -37.43
N THR A 477 -12.38 -11.14 -37.91
CA THR A 477 -13.18 -10.19 -37.14
C THR A 477 -14.63 -10.68 -36.99
N ARG A 478 -15.20 -10.44 -35.81
CA ARG A 478 -16.60 -10.71 -35.56
C ARG A 478 -17.47 -9.59 -36.12
N ALA A 479 -18.78 -9.82 -36.11
CA ALA A 479 -19.72 -8.86 -36.71
C ALA A 479 -20.25 -7.86 -35.70
N ASP A 480 -19.37 -7.26 -34.89
CA ASP A 480 -19.76 -6.12 -34.09
C ASP A 480 -18.71 -5.02 -34.21
N GLU A 481 -17.45 -5.43 -34.34
CA GLU A 481 -16.37 -4.46 -34.40
C GLU A 481 -16.36 -3.73 -35.74
N VAL A 482 -16.87 -4.34 -36.80
CA VAL A 482 -17.01 -3.63 -38.07
C VAL A 482 -17.95 -2.44 -37.90
N GLU A 483 -19.12 -2.68 -37.31
CA GLU A 483 -20.05 -1.60 -37.05
C GLU A 483 -19.45 -0.56 -36.11
N GLU A 484 -18.70 -1.01 -35.10
CA GLU A 484 -18.10 -0.07 -34.16
C GLU A 484 -17.10 0.84 -34.85
N ALA A 485 -16.24 0.28 -35.70
CA ALA A 485 -15.27 1.10 -36.42
C ALA A 485 -15.98 2.10 -37.33
N TRP A 486 -17.01 1.64 -38.05
CA TRP A 486 -17.72 2.55 -38.93
C TRP A 486 -18.37 3.68 -38.15
N ARG A 487 -18.95 3.36 -36.99
CA ARG A 487 -19.56 4.41 -36.17
C ARG A 487 -18.53 5.41 -35.68
N VAL A 488 -17.34 4.93 -35.30
CA VAL A 488 -16.30 5.83 -34.81
C VAL A 488 -15.85 6.78 -35.91
N VAL A 489 -15.67 6.27 -37.13
CA VAL A 489 -15.09 7.10 -38.18
C VAL A 489 -16.14 7.80 -39.05
N THR A 490 -17.44 7.61 -38.77
CA THR A 490 -18.46 8.22 -39.63
C THR A 490 -18.45 9.75 -39.68
N PRO A 491 -18.25 10.52 -38.58
CA PRO A 491 -18.48 11.97 -38.68
C PRO A 491 -17.51 12.66 -39.64
N VAL A 492 -16.22 12.38 -39.46
CA VAL A 492 -15.22 12.97 -40.33
C VAL A 492 -15.39 12.48 -41.76
N LEU A 493 -15.80 11.23 -41.94
CA LEU A 493 -16.06 10.71 -43.28
C LEU A 493 -17.16 11.52 -43.97
N SER A 494 -18.26 11.75 -43.26
CA SER A 494 -19.37 12.52 -43.85
C SER A 494 -18.94 13.94 -44.14
N ALA A 495 -18.19 14.56 -43.22
CA ALA A 495 -17.75 15.93 -43.43
C ALA A 495 -16.83 16.04 -44.65
N TRP A 496 -15.91 15.08 -44.83
CA TRP A 496 -14.99 15.16 -45.95
C TRP A 496 -15.67 14.80 -47.26
N ASP A 497 -16.72 13.97 -47.22
CA ASP A 497 -17.32 13.51 -48.45
C ASP A 497 -18.08 14.60 -49.20
N ALA A 498 -18.46 15.68 -48.54
CA ALA A 498 -19.19 16.75 -49.21
C ALA A 498 -18.27 17.45 -50.20
N PRO A 499 -18.65 17.55 -51.48
CA PRO A 499 -17.77 18.19 -52.47
C PRO A 499 -17.56 19.67 -52.17
N SER A 500 -16.40 20.16 -52.56
CA SER A 500 -16.01 21.53 -52.27
C SER A 500 -15.11 22.03 -53.40
N ASP A 501 -14.38 23.11 -53.15
CA ASP A 501 -13.52 23.68 -54.17
C ASP A 501 -12.33 22.74 -54.43
N PRO A 502 -12.11 22.32 -55.68
CA PRO A 502 -10.93 21.51 -55.98
C PRO A 502 -9.61 22.22 -55.68
N LEU A 503 -9.61 23.55 -55.65
CA LEU A 503 -8.38 24.29 -55.36
C LEU A 503 -8.09 24.39 -53.87
N SER A 504 -8.98 23.91 -53.01
CA SER A 504 -8.79 24.01 -51.57
C SER A 504 -8.10 22.80 -50.95
N MET A 505 -7.73 21.81 -51.75
CA MET A 505 -7.09 20.61 -51.21
C MET A 505 -5.65 20.92 -50.85
N PRO A 506 -5.24 20.72 -49.61
CA PRO A 506 -3.80 20.86 -49.29
C PRO A 506 -2.99 19.85 -50.06
N LEU A 507 -1.78 20.25 -50.45
CA LEU A 507 -0.92 19.40 -51.26
C LEU A 507 0.45 19.28 -50.59
N TYR A 508 1.18 18.24 -50.95
CA TYR A 508 2.55 18.08 -50.50
C TYR A 508 3.35 17.40 -51.58
N GLU A 509 4.57 17.89 -51.80
CA GLU A 509 5.43 17.30 -52.81
C GLU A 509 5.88 15.92 -52.38
N ALA A 510 5.85 14.97 -53.31
CA ALA A 510 6.22 13.59 -53.00
C ALA A 510 7.68 13.53 -52.56
N GLY A 511 7.88 13.16 -51.29
CA GLY A 511 9.21 13.13 -50.70
C GLY A 511 9.16 13.75 -49.32
N THR A 512 8.31 14.75 -49.16
CA THR A 512 8.10 15.36 -47.85
C THR A 512 7.24 14.44 -46.99
N TRP A 513 7.36 14.60 -45.68
CA TRP A 513 6.62 13.73 -44.77
C TRP A 513 5.14 14.10 -44.71
N GLU A 514 4.81 15.39 -44.64
CA GLU A 514 3.44 15.79 -44.36
C GLU A 514 3.25 17.23 -44.79
N PRO A 515 2.01 17.66 -45.02
CA PRO A 515 1.72 19.09 -45.20
C PRO A 515 1.74 19.83 -43.87
N ALA A 516 1.73 21.15 -43.96
CA ALA A 516 2.00 21.98 -42.79
C ALA A 516 0.85 21.97 -41.78
N GLU A 517 -0.37 21.73 -42.24
CA GLU A 517 -1.52 21.76 -41.34
C GLU A 517 -1.43 20.67 -40.28
N ALA A 518 -0.97 19.47 -40.67
CA ALA A 518 -0.76 18.41 -39.69
C ALA A 518 0.30 18.81 -38.68
N GLU A 519 1.35 19.49 -39.13
CA GLU A 519 2.36 19.97 -38.21
C GLU A 519 1.75 20.93 -37.20
N TRP A 520 0.89 21.83 -37.65
CA TRP A 520 0.24 22.74 -36.72
C TRP A 520 -0.63 21.98 -35.74
N LEU A 521 -1.36 20.97 -36.22
CA LEU A 521 -2.21 20.17 -35.34
C LEU A 521 -1.41 19.53 -34.22
N ILE A 522 -0.26 18.94 -34.56
CA ILE A 522 0.54 18.29 -33.53
C ILE A 522 1.19 19.32 -32.61
N ASN A 523 1.61 20.46 -33.15
CA ASN A 523 2.38 21.41 -32.34
C ASN A 523 1.49 22.27 -31.47
N LYS A 524 0.19 22.32 -31.74
CA LYS A 524 -0.69 23.18 -30.94
C LYS A 524 -0.69 22.81 -29.46
N ASP A 525 -0.29 21.59 -29.12
CA ASP A 525 -0.30 21.14 -27.73
C ASP A 525 1.07 21.12 -27.08
N GLY A 526 2.13 20.91 -27.86
CA GLY A 526 3.47 20.94 -27.30
C GLY A 526 4.25 19.65 -27.47
N ARG A 527 3.92 18.89 -28.50
CA ARG A 527 4.58 17.63 -28.81
C ARG A 527 5.17 17.73 -30.22
N ARG A 528 5.67 16.61 -30.74
CA ARG A 528 6.30 16.64 -32.05
C ARG A 528 6.22 15.28 -32.71
N TRP A 529 6.01 15.27 -34.02
CA TRP A 529 6.06 14.02 -34.77
C TRP A 529 7.46 13.42 -34.68
N ARG A 530 7.52 12.10 -34.54
CA ARG A 530 8.80 11.41 -34.43
C ARG A 530 9.39 11.28 -35.83
N ARG A 531 10.47 12.00 -36.08
CA ARG A 531 11.15 11.96 -37.38
C ARG A 531 11.85 10.62 -37.50
N LEU A 532 11.23 9.68 -38.22
CA LEU A 532 11.81 8.37 -38.40
C LEU A 532 12.66 8.33 -39.67
N LEU B 61 34.48 -20.96 53.41
CA LEU B 61 33.47 -19.99 53.80
C LEU B 61 34.10 -18.71 54.34
N GLU B 62 35.16 -18.85 55.13
CA GLU B 62 35.85 -17.69 55.68
C GLU B 62 36.60 -16.90 54.61
N ALA B 63 36.75 -17.45 53.41
CA ALA B 63 37.39 -16.74 52.31
C ALA B 63 36.43 -15.85 51.54
N ILE B 64 35.15 -15.81 51.93
CA ILE B 64 34.18 -14.98 51.23
C ILE B 64 34.54 -13.50 51.37
N GLU B 65 34.90 -13.08 52.58
CA GLU B 65 35.25 -11.68 52.84
C GLU B 65 36.72 -11.38 52.54
N SER B 66 37.62 -12.32 52.83
CA SER B 66 39.04 -12.08 52.59
C SER B 66 39.33 -11.94 51.10
N GLU B 67 38.73 -12.80 50.28
CA GLU B 67 38.96 -12.72 48.84
C GLU B 67 38.43 -11.43 48.24
N LEU B 68 37.48 -10.77 48.91
CA LEU B 68 36.95 -9.51 48.39
C LEU B 68 38.02 -8.43 48.32
N ALA B 69 39.03 -8.51 49.19
CA ALA B 69 40.15 -7.57 49.11
C ALA B 69 40.90 -7.72 47.79
N GLN B 70 41.08 -8.97 47.34
CA GLN B 70 41.67 -9.19 46.02
C GLN B 70 40.77 -8.63 44.92
N ILE B 71 39.46 -8.81 45.06
CA ILE B 71 38.53 -8.25 44.09
C ILE B 71 38.52 -6.74 44.15
N TRP B 72 38.73 -6.16 45.34
CA TRP B 72 38.71 -4.70 45.46
C TRP B 72 39.79 -4.06 44.59
N GLN B 73 40.98 -4.66 44.55
CA GLN B 73 42.02 -4.15 43.66
C GLN B 73 41.60 -4.27 42.20
N THR B 74 40.95 -5.37 41.84
CA THR B 74 40.51 -5.61 40.47
C THR B 74 39.49 -4.56 40.04
N ARG B 86 33.89 -1.66 37.70
CA ARG B 86 33.08 -2.69 38.34
C ARG B 86 31.63 -2.23 38.51
N ALA B 87 30.74 -3.17 38.77
CA ALA B 87 29.33 -2.86 38.95
C ALA B 87 29.07 -2.56 40.42
N THR B 88 28.62 -1.33 40.69
CA THR B 88 28.29 -0.88 42.04
C THR B 88 26.87 -0.33 42.01
N THR B 89 25.89 -1.22 42.15
CA THR B 89 24.47 -0.86 42.12
C THR B 89 23.76 -1.70 43.17
N PHE B 90 22.42 -1.73 43.09
CA PHE B 90 21.64 -2.51 44.04
C PHE B 90 21.88 -4.00 43.84
N SER B 91 21.83 -4.75 44.94
CA SER B 91 22.12 -6.17 44.90
C SER B 91 20.84 -6.98 44.70
N PHE B 92 21.01 -8.25 44.39
CA PHE B 92 19.90 -9.16 44.15
C PHE B 92 20.17 -10.46 44.87
N LEU B 93 19.10 -11.17 45.23
CA LEU B 93 19.20 -12.44 45.92
C LEU B 93 18.19 -13.41 45.35
N VAL B 94 18.53 -14.71 45.41
CA VAL B 94 17.68 -15.78 44.91
C VAL B 94 17.84 -16.99 45.80
N TYR B 95 16.89 -17.91 45.70
CA TYR B 95 16.90 -19.15 46.48
C TYR B 95 16.92 -20.38 45.61
N GLU B 96 16.04 -20.46 44.61
CA GLU B 96 16.00 -21.55 43.63
C GLU B 96 15.96 -22.93 44.29
N PRO B 97 14.84 -23.31 44.93
CA PRO B 97 14.65 -24.70 45.35
C PRO B 97 15.12 -25.74 44.34
N ASP B 98 14.86 -25.48 43.06
CA ASP B 98 15.16 -26.47 42.03
C ASP B 98 16.65 -26.77 41.98
N ARG B 99 16.97 -28.03 41.72
CA ARG B 99 18.35 -28.50 41.72
C ARG B 99 19.08 -28.21 40.41
N VAL B 100 18.38 -27.65 39.42
CA VAL B 100 19.01 -27.35 38.14
C VAL B 100 20.11 -26.30 38.35
N GLN B 101 21.08 -26.31 37.42
CA GLN B 101 22.23 -25.43 37.49
C GLN B 101 23.00 -25.62 38.80
N SER B 102 23.11 -26.88 39.23
CA SER B 102 23.84 -27.21 40.45
C SER B 102 24.33 -28.65 40.40
N ASN B 190 20.47 -4.17 36.65
CA ASN B 190 21.77 -3.88 37.23
C ASN B 190 22.25 -5.03 38.11
N PRO B 191 22.97 -5.98 37.52
CA PRO B 191 23.47 -7.15 38.27
C PRO B 191 24.75 -6.84 39.05
N CYS B 192 24.56 -6.26 40.24
CA CYS B 192 25.70 -5.85 41.05
C CYS B 192 26.29 -7.03 41.82
N ARG B 193 25.50 -7.61 42.73
CA ARG B 193 25.95 -8.72 43.57
C ARG B 193 24.91 -9.83 43.51
N ILE B 194 25.15 -10.81 42.64
CA ILE B 194 24.24 -11.94 42.48
C ILE B 194 24.76 -13.09 43.32
N ILE B 195 23.92 -13.57 44.24
CA ILE B 195 24.28 -14.65 45.16
C ILE B 195 23.40 -15.85 44.80
N THR B 196 23.98 -16.83 44.12
CA THR B 196 23.22 -17.99 43.62
C THR B 196 23.18 -19.08 44.70
N LEU B 197 22.37 -18.84 45.71
CA LEU B 197 22.13 -19.85 46.73
C LEU B 197 21.35 -21.01 46.14
N CYS B 198 21.78 -22.23 46.45
CA CYS B 198 21.08 -23.42 45.95
C CYS B 198 21.07 -24.53 46.99
N PRO B 199 20.25 -24.42 48.04
CA PRO B 199 20.11 -25.53 48.99
C PRO B 199 18.87 -26.38 48.73
N GLN B 208 28.65 -24.86 50.89
CA GLN B 208 29.99 -24.30 51.07
C GLN B 208 30.04 -22.86 50.58
N ALA B 209 31.17 -22.50 49.96
CA ALA B 209 31.34 -21.17 49.39
C ALA B 209 32.08 -21.29 48.07
N GLN B 210 31.59 -20.58 47.06
CA GLN B 210 32.19 -20.58 45.73
C GLN B 210 32.27 -19.15 45.21
N LEU B 211 32.73 -18.22 46.05
CA LEU B 211 32.78 -16.82 45.67
C LEU B 211 33.82 -16.62 44.57
N SER B 212 33.40 -15.98 43.47
CA SER B 212 34.30 -15.69 42.37
C SER B 212 33.67 -14.57 41.55
N ALA B 213 34.28 -13.38 41.58
CA ALA B 213 33.74 -12.20 40.89
C ALA B 213 34.49 -12.02 39.58
N TYR B 214 33.98 -12.66 38.53
CA TYR B 214 34.54 -12.57 37.19
C TYR B 214 36.02 -12.97 37.16
N CYS B 227 30.56 -4.61 35.84
CA CYS B 227 31.08 -5.70 35.02
C CYS B 227 30.48 -7.04 35.43
N CYS B 228 29.27 -6.98 35.98
CA CYS B 228 28.53 -8.17 36.41
C CYS B 228 29.33 -8.97 37.45
N GLU B 229 29.57 -8.33 38.59
CA GLU B 229 30.27 -8.99 39.68
C GLU B 229 29.44 -10.15 40.21
N TYR B 230 30.10 -11.29 40.43
CA TYR B 230 29.44 -12.51 40.89
C TYR B 230 29.81 -12.78 42.33
N ILE B 231 28.80 -13.02 43.17
CA ILE B 231 29.01 -13.32 44.58
C ILE B 231 28.34 -14.68 44.82
N THR B 232 28.36 -15.53 43.79
CA THR B 232 27.67 -16.82 43.86
C THR B 232 28.27 -17.69 44.96
N LEU B 233 27.40 -18.26 45.79
CA LEU B 233 27.80 -19.15 46.88
C LEU B 233 27.09 -20.48 46.70
N ARG B 234 27.87 -21.56 46.65
CA ARG B 234 27.32 -22.90 46.48
C ARG B 234 26.86 -23.42 47.85
N GLY B 235 25.55 -23.62 47.99
CA GLY B 235 24.96 -23.98 49.27
C GLY B 235 24.29 -25.33 49.27
N THR B 236 24.95 -26.34 48.70
CA THR B 236 24.34 -27.65 48.54
C THR B 236 23.87 -28.24 49.88
N SER B 237 24.48 -27.84 50.97
CA SER B 237 24.01 -28.21 52.30
C SER B 237 22.91 -27.25 52.74
N ASP B 238 21.81 -27.81 53.23
CA ASP B 238 20.70 -26.98 53.70
C ASP B 238 21.03 -26.39 55.06
N ALA B 239 20.05 -25.68 55.64
CA ALA B 239 20.18 -25.06 56.96
C ALA B 239 21.40 -24.14 57.01
N LEU B 240 21.42 -23.19 56.09
CA LEU B 240 22.48 -22.18 56.02
C LEU B 240 22.08 -20.89 56.72
N GLU B 241 21.16 -20.96 57.68
CA GLU B 241 20.76 -19.77 58.41
C GLU B 241 21.92 -19.21 59.22
N ARG B 242 22.71 -20.08 59.84
CA ARG B 242 23.82 -19.62 60.68
C ARG B 242 24.85 -18.85 59.86
N ILE B 243 25.20 -19.37 58.68
CA ILE B 243 26.10 -18.65 57.79
C ILE B 243 25.43 -17.42 57.20
N GLY B 244 24.12 -17.31 57.32
CA GLY B 244 23.40 -16.13 56.86
C GLY B 244 23.61 -14.90 57.72
N GLY B 245 24.19 -15.06 58.91
CA GLY B 245 24.51 -13.90 59.72
C GLY B 245 25.52 -12.99 59.04
N VAL B 246 26.56 -13.57 58.46
CA VAL B 246 27.52 -12.77 57.70
C VAL B 246 26.93 -12.37 56.35
N ILE B 247 26.02 -13.18 55.80
CA ILE B 247 25.34 -12.80 54.56
C ILE B 247 24.54 -11.52 54.78
N THR B 248 23.88 -11.41 55.93
CA THR B 248 23.20 -10.18 56.28
C THR B 248 24.19 -9.02 56.39
N GLU B 249 25.36 -9.28 56.96
CA GLU B 249 26.41 -8.28 56.96
C GLU B 249 26.92 -8.01 55.55
N LEU B 250 26.82 -9.01 54.66
CA LEU B 250 27.23 -8.87 53.26
C LEU B 250 26.08 -8.41 52.38
N MET B 251 25.12 -7.68 52.94
CA MET B 251 23.96 -7.26 52.17
C MET B 251 24.27 -6.03 51.32
N LEU B 252 25.42 -5.39 51.54
CA LEU B 252 25.89 -4.19 50.84
C LEU B 252 24.91 -3.04 51.02
N PRO B 253 24.84 -2.44 52.21
CA PRO B 253 23.89 -1.35 52.48
C PRO B 253 24.36 0.03 51.98
N THR B 254 24.16 0.27 50.70
CA THR B 254 24.47 1.58 50.11
C THR B 254 23.30 2.17 49.35
N LEU B 255 22.50 1.35 48.69
CA LEU B 255 21.32 1.78 47.94
C LEU B 255 20.22 0.78 48.23
N PRO B 256 18.95 1.16 48.00
CA PRO B 256 17.86 0.20 48.19
C PRO B 256 18.05 -1.03 47.32
N LYS B 257 17.76 -2.19 47.89
CA LYS B 257 18.03 -3.47 47.24
C LYS B 257 16.76 -4.30 47.19
N TYR B 258 16.84 -5.42 46.47
CA TYR B 258 15.70 -6.28 46.22
C TYR B 258 16.07 -7.74 46.42
N VAL B 259 15.09 -8.54 46.80
CA VAL B 259 15.29 -9.95 47.13
C VAL B 259 14.17 -10.78 46.52
N TRP B 260 14.53 -11.92 45.94
CA TRP B 260 13.58 -12.85 45.36
C TRP B 260 13.47 -14.08 46.26
N TRP B 261 12.24 -14.45 46.62
CA TRP B 261 11.96 -15.62 47.45
C TRP B 261 11.03 -16.54 46.67
N LYS B 262 11.60 -17.34 45.78
CA LYS B 262 10.77 -18.18 44.90
C LYS B 262 10.59 -19.59 45.43
N ALA B 263 10.21 -19.75 46.69
CA ALA B 263 9.84 -21.08 47.19
C ALA B 263 8.42 -21.17 47.70
N SER B 264 8.08 -20.41 48.74
CA SER B 264 6.82 -20.59 49.46
C SER B 264 6.73 -19.58 50.60
N PRO B 265 5.56 -19.39 51.21
CA PRO B 265 5.48 -18.59 52.43
C PRO B 265 5.62 -19.44 53.68
N GLU B 266 6.35 -18.90 54.65
CA GLU B 266 6.60 -19.62 55.90
C GLU B 266 6.99 -18.61 56.97
N ALA B 267 6.86 -19.04 58.23
CA ALA B 267 7.25 -18.19 59.35
C ALA B 267 8.12 -18.97 60.34
N GLU B 268 7.97 -20.30 60.36
CA GLU B 268 8.79 -21.12 61.25
C GLU B 268 10.26 -21.05 60.86
N TYR B 269 10.55 -21.12 59.56
CA TYR B 269 11.91 -20.95 59.08
C TYR B 269 12.37 -19.53 59.38
N GLY B 270 13.25 -19.37 60.35
CA GLY B 270 13.61 -18.05 60.84
C GLY B 270 14.35 -17.20 59.83
N LEU B 271 14.77 -17.77 58.71
CA LEU B 271 15.54 -17.01 57.73
C LEU B 271 14.70 -15.88 57.14
N PHE B 272 13.39 -16.08 56.99
CA PHE B 272 12.53 -15.04 56.47
C PHE B 272 12.54 -13.81 57.36
N GLN B 273 12.47 -14.01 58.68
CA GLN B 273 12.37 -12.88 59.59
C GLN B 273 13.59 -11.97 59.48
N ARG B 274 14.78 -12.56 59.36
CA ARG B 274 15.97 -11.77 59.14
C ARG B 274 15.94 -11.11 57.77
N LEU B 275 15.39 -11.80 56.77
CA LEU B 275 15.37 -11.27 55.42
C LEU B 275 14.46 -10.04 55.32
N LEU B 276 13.26 -10.10 55.92
CA LEU B 276 12.33 -8.99 55.79
C LEU B 276 12.83 -7.75 56.50
N SER B 277 13.46 -7.90 57.67
CA SER B 277 13.99 -6.75 58.38
C SER B 277 15.18 -6.14 57.66
N HIS B 278 16.01 -6.98 57.05
CA HIS B 278 17.22 -6.50 56.38
C HIS B 278 16.90 -5.98 54.99
N ALA B 279 16.34 -6.84 54.14
CA ALA B 279 16.12 -6.48 52.74
C ALA B 279 15.10 -5.36 52.63
N ASP B 280 15.38 -4.40 51.74
CA ASP B 280 14.47 -3.28 51.53
C ASP B 280 13.15 -3.75 50.96
N MET B 281 13.19 -4.65 49.98
CA MET B 281 11.98 -5.11 49.32
C MET B 281 12.15 -6.56 48.89
N ILE B 282 11.04 -7.28 48.82
CA ILE B 282 11.02 -8.68 48.41
C ILE B 282 9.99 -8.85 47.31
N ILE B 283 10.20 -9.87 46.47
CA ILE B 283 9.33 -10.15 45.34
C ILE B 283 9.02 -11.65 45.34
N VAL B 284 7.74 -11.99 45.16
CA VAL B 284 7.30 -13.37 45.14
C VAL B 284 6.36 -13.56 43.94
N ASP B 285 6.15 -14.82 43.59
CA ASP B 285 5.25 -15.18 42.49
C ASP B 285 4.18 -16.13 43.00
N SER B 286 2.92 -15.82 42.71
CA SER B 286 1.78 -16.62 43.17
C SER B 286 1.35 -17.63 42.12
N SER B 287 2.31 -18.36 41.55
CA SER B 287 2.04 -19.38 40.57
C SER B 287 2.75 -20.70 40.82
N ILE B 288 3.83 -20.71 41.62
CA ILE B 288 4.61 -21.90 41.88
C ILE B 288 4.20 -22.58 43.18
N PHE B 289 3.12 -22.13 43.82
CA PHE B 289 2.73 -22.64 45.11
C PHE B 289 2.41 -24.14 45.03
N ASN B 290 2.58 -24.81 46.17
CA ASN B 290 2.39 -26.25 46.26
C ASN B 290 0.89 -26.56 46.38
N ASN B 291 0.58 -27.80 46.73
CA ASN B 291 -0.81 -28.23 46.85
C ASN B 291 -1.64 -27.39 47.82
N PRO B 292 -1.18 -27.07 49.02
CA PRO B 292 -2.01 -26.27 49.93
C PRO B 292 -2.33 -24.90 49.36
N GLU B 293 -3.54 -24.42 49.66
CA GLU B 293 -3.99 -23.11 49.21
C GLU B 293 -4.08 -22.09 50.32
N GLN B 294 -4.16 -22.52 51.58
CA GLN B 294 -4.18 -21.59 52.70
C GLN B 294 -2.84 -20.89 52.90
N ASP B 295 -1.78 -21.35 52.23
CA ASP B 295 -0.50 -20.66 52.31
C ASP B 295 -0.60 -19.25 51.73
N LEU B 296 -1.38 -19.09 50.66
CA LEU B 296 -1.62 -17.76 50.11
C LEU B 296 -2.28 -16.86 51.14
N LEU B 297 -3.16 -17.43 51.97
CA LEU B 297 -3.77 -16.67 53.05
C LEU B 297 -2.70 -16.15 54.02
N GLN B 298 -1.72 -16.99 54.34
CA GLN B 298 -0.63 -16.55 55.20
C GLN B 298 0.13 -15.41 54.55
N LEU B 299 0.36 -15.49 53.24
CA LEU B 299 0.96 -14.36 52.53
C LEU B 299 0.06 -13.14 52.60
N ALA B 300 -1.24 -13.34 52.44
CA ALA B 300 -2.17 -12.21 52.47
C ALA B 300 -2.15 -11.51 53.82
N GLN B 301 -2.07 -12.29 54.91
CA GLN B 301 -2.05 -11.69 56.24
C GLN B 301 -0.83 -10.79 56.43
N LEU B 302 0.32 -11.20 55.88
CA LEU B 302 1.54 -10.41 56.07
C LEU B 302 1.45 -9.05 55.40
N VAL B 303 0.61 -8.92 54.37
CA VAL B 303 0.50 -7.65 53.66
C VAL B 303 -0.14 -6.59 54.55
N ASN B 304 -1.12 -6.99 55.37
CA ASN B 304 -1.75 -6.03 56.28
C ASN B 304 -0.74 -5.43 57.25
N LYS B 305 0.14 -6.25 57.79
CA LYS B 305 1.27 -5.73 58.53
C LYS B 305 2.17 -4.95 57.57
N PRO B 306 2.75 -3.83 58.00
CA PRO B 306 3.52 -3.01 57.07
C PRO B 306 4.75 -3.74 56.53
N GLU B 307 4.72 -4.09 55.25
CA GLU B 307 5.79 -4.80 54.59
C GLU B 307 5.94 -4.22 53.19
N ALA B 308 6.70 -4.91 52.34
CA ALA B 308 6.89 -4.50 50.95
C ALA B 308 6.91 -5.75 50.09
N ILE B 309 5.75 -6.12 49.56
CA ILE B 309 5.62 -7.25 48.66
C ILE B 309 4.93 -6.76 47.39
N ALA B 310 5.50 -7.11 46.24
CA ALA B 310 5.05 -6.64 44.94
C ALA B 310 4.90 -7.82 43.98
N ASP B 311 4.16 -8.84 44.42
CA ASP B 311 3.99 -10.07 43.66
C ASP B 311 3.62 -9.79 42.21
N LEU B 312 4.34 -10.44 41.29
CA LEU B 312 4.19 -10.15 39.87
C LEU B 312 2.89 -10.68 39.30
N ASN B 313 2.19 -11.58 39.99
CA ASN B 313 0.93 -12.09 39.47
C ASN B 313 -0.09 -10.98 39.30
N TRP B 314 0.03 -9.91 40.09
CA TRP B 314 -0.85 -8.76 39.92
C TRP B 314 -0.58 -8.05 38.60
N SER B 315 0.65 -8.12 38.09
CA SER B 315 0.95 -7.47 36.82
C SER B 315 0.23 -8.13 35.66
N ARG B 316 -0.01 -9.43 35.75
CA ARG B 316 -0.70 -10.14 34.67
C ARG B 316 -2.15 -9.70 34.52
N LEU B 317 -2.73 -9.09 35.53
CA LEU B 317 -4.10 -8.61 35.47
C LEU B 317 -4.22 -7.21 34.89
N ALA B 318 -3.10 -6.61 34.47
CA ALA B 318 -3.15 -5.27 33.90
C ALA B 318 -4.04 -5.18 32.65
N PRO B 319 -3.95 -6.08 31.66
CA PRO B 319 -4.84 -5.91 30.50
C PRO B 319 -6.28 -6.27 30.81
N TRP B 320 -6.51 -7.30 31.64
CA TRP B 320 -7.88 -7.68 31.97
C TRP B 320 -8.61 -6.54 32.68
N GLN B 321 -7.95 -5.90 33.64
CA GLN B 321 -8.56 -4.76 34.31
C GLN B 321 -8.82 -3.63 33.33
N GLU B 322 -7.87 -3.36 32.45
CA GLU B 322 -8.07 -2.31 31.45
C GLU B 322 -9.19 -2.68 30.49
N LEU B 323 -9.25 -3.95 30.08
CA LEU B 323 -10.27 -4.36 29.12
C LEU B 323 -11.66 -4.30 29.75
N THR B 324 -11.78 -4.65 31.03
CA THR B 324 -13.07 -4.60 31.70
C THR B 324 -13.61 -3.17 31.74
N ALA B 325 -12.74 -2.20 32.01
CA ALA B 325 -13.18 -0.80 32.04
C ALA B 325 -13.52 -0.26 30.66
N GLU B 326 -13.17 -1.00 29.60
CA GLU B 326 -13.45 -0.50 28.26
C GLU B 326 -14.92 -0.61 27.89
N ALA B 327 -15.63 -1.60 28.44
CA ALA B 327 -17.01 -1.82 28.07
C ALA B 327 -17.90 -0.66 28.51
N PHE B 328 -17.66 -0.11 29.69
CA PHE B 328 -18.55 0.88 30.27
C PHE B 328 -18.13 2.31 29.95
N ASP B 329 -17.13 2.49 29.08
CA ASP B 329 -16.59 3.83 28.84
C ASP B 329 -17.59 4.82 28.26
N PRO B 330 -18.33 4.52 27.19
CA PRO B 330 -19.15 5.55 26.57
C PRO B 330 -20.24 6.04 27.51
N PRO B 331 -20.68 7.28 27.35
CA PRO B 331 -21.68 7.84 28.28
C PRO B 331 -23.01 7.10 28.27
N GLU B 332 -23.33 6.38 27.20
CA GLU B 332 -24.63 5.73 27.11
C GLU B 332 -24.78 4.66 28.18
N ARG B 333 -23.71 3.93 28.48
CA ARG B 333 -23.73 2.85 29.45
C ARG B 333 -23.36 3.32 30.85
N ARG B 334 -23.55 4.60 31.15
CA ARG B 334 -23.16 5.11 32.46
C ARG B 334 -23.98 4.48 33.57
N SER B 335 -25.29 4.34 33.38
CA SER B 335 -26.16 3.80 34.41
C SER B 335 -26.11 2.27 34.48
N ALA B 336 -25.48 1.61 33.51
CA ALA B 336 -25.44 0.16 33.54
C ALA B 336 -24.64 -0.35 34.74
N VAL B 337 -23.60 0.39 35.15
CA VAL B 337 -22.72 -0.07 36.22
C VAL B 337 -23.43 -0.12 37.56
N GLY B 338 -24.58 0.53 37.68
CA GLY B 338 -25.31 0.55 38.93
C GLY B 338 -26.23 -0.63 39.17
N GLU B 339 -26.22 -1.61 38.28
CA GLU B 339 -27.10 -2.77 38.40
C GLU B 339 -26.34 -4.07 38.58
N ILE B 340 -25.03 -4.09 38.29
CA ILE B 340 -24.23 -5.31 38.25
C ILE B 340 -24.50 -6.19 39.46
N ASP B 341 -24.91 -7.43 39.21
CA ASP B 341 -25.24 -8.35 40.30
C ASP B 341 -24.59 -9.71 40.11
N GLN B 342 -24.43 -10.15 38.86
CA GLN B 342 -23.94 -11.49 38.55
C GLN B 342 -22.59 -11.40 37.87
N ILE B 343 -21.61 -12.11 38.43
CA ILE B 343 -20.29 -12.22 37.84
C ILE B 343 -19.83 -13.66 37.94
N SER B 344 -19.36 -14.21 36.82
CA SER B 344 -18.82 -15.56 36.79
C SER B 344 -17.42 -15.52 36.19
N ILE B 345 -16.53 -16.34 36.72
CA ILE B 345 -15.13 -16.37 36.30
C ILE B 345 -14.77 -17.80 35.96
N ASP B 346 -14.14 -17.98 34.80
CA ASP B 346 -13.72 -19.30 34.34
C ASP B 346 -12.21 -19.33 34.25
N TYR B 347 -11.59 -20.26 34.98
CA TYR B 347 -10.15 -20.34 35.09
C TYR B 347 -9.71 -21.80 34.95
N GLU B 348 -8.45 -21.98 34.58
CA GLU B 348 -7.90 -23.34 34.43
C GLU B 348 -7.90 -24.06 35.75
N LYS B 349 -8.10 -25.38 35.69
CA LYS B 349 -8.16 -26.19 36.90
C LYS B 349 -6.87 -26.09 37.68
N GLY B 350 -6.98 -25.88 38.99
CA GLY B 350 -5.81 -25.79 39.84
C GLY B 350 -5.88 -24.65 40.83
N ASN B 351 -4.77 -23.93 40.99
CA ASN B 351 -4.72 -22.81 41.92
C ASN B 351 -5.59 -21.66 41.43
N HIS B 352 -6.36 -21.09 42.34
CA HIS B 352 -7.29 -20.01 42.01
C HIS B 352 -6.80 -18.66 42.51
N ALA B 353 -5.49 -18.50 42.68
CA ALA B 353 -4.96 -17.23 43.18
C ALA B 353 -5.22 -16.10 42.20
N GLN B 354 -5.11 -16.37 40.90
CA GLN B 354 -5.33 -15.33 39.91
C GLN B 354 -6.79 -14.91 39.83
N ALA B 355 -7.71 -15.85 40.01
CA ALA B 355 -9.14 -15.52 39.93
C ALA B 355 -9.62 -14.77 41.15
N LEU B 356 -9.17 -15.16 42.34
CA LEU B 356 -9.63 -14.48 43.55
C LEU B 356 -9.18 -13.02 43.58
N MET B 357 -7.99 -12.74 43.04
CA MET B 357 -7.52 -11.35 43.02
C MET B 357 -8.43 -10.47 42.17
N TYR B 358 -8.85 -10.97 40.99
CA TYR B 358 -9.73 -10.19 40.15
C TYR B 358 -11.07 -9.93 40.84
N LEU B 359 -11.62 -10.96 41.49
CA LEU B 359 -12.89 -10.80 42.19
C LEU B 359 -12.78 -9.76 43.28
N GLY B 360 -11.68 -9.77 44.03
CA GLY B 360 -11.48 -8.75 45.05
C GLY B 360 -11.39 -7.35 44.49
N TRP B 361 -10.83 -7.21 43.28
CA TRP B 361 -10.66 -5.88 42.72
C TRP B 361 -12.00 -5.23 42.39
N VAL B 362 -12.88 -5.96 41.70
CA VAL B 362 -14.15 -5.37 41.29
C VAL B 362 -15.02 -5.09 42.51
N ALA B 363 -14.95 -5.95 43.53
CA ALA B 363 -15.74 -5.74 44.73
C ALA B 363 -15.35 -4.44 45.43
N SER B 364 -14.05 -4.14 45.45
CA SER B 364 -13.60 -2.92 46.12
C SER B 364 -14.13 -1.67 45.43
N ARG B 365 -14.32 -1.73 44.11
CA ARG B 365 -14.74 -0.55 43.37
C ARG B 365 -16.24 -0.30 43.41
N LEU B 366 -17.02 -1.25 43.94
CA LEU B 366 -18.46 -1.07 44.05
C LEU B 366 -18.94 -1.11 45.50
N GLN B 367 -18.02 -1.06 46.46
CA GLN B 367 -18.35 -1.05 47.88
C GLN B 367 -19.14 -2.30 48.28
N TRP B 368 -18.50 -3.45 48.13
CA TRP B 368 -19.05 -4.74 48.52
C TRP B 368 -18.29 -5.28 49.74
N THR B 369 -18.97 -6.13 50.50
CA THR B 369 -18.36 -6.75 51.66
C THR B 369 -18.72 -8.23 51.70
N PRO B 370 -17.81 -9.09 52.14
CA PRO B 370 -18.10 -10.53 52.16
C PRO B 370 -19.21 -10.88 53.14
N VAL B 371 -19.93 -11.95 52.82
CA VAL B 371 -21.03 -12.40 53.65
C VAL B 371 -20.84 -13.86 54.03
N SER B 372 -20.70 -14.72 53.03
CA SER B 372 -20.60 -16.15 53.26
C SER B 372 -19.70 -16.76 52.20
N TYR B 373 -19.25 -17.98 52.47
CA TYR B 373 -18.35 -18.68 51.56
C TYR B 373 -18.60 -20.17 51.70
N SER B 374 -19.00 -20.82 50.61
CA SER B 374 -19.24 -22.25 50.59
C SER B 374 -18.27 -22.89 49.61
N TYR B 375 -18.45 -24.19 49.37
CA TYR B 375 -17.59 -24.90 48.44
C TYR B 375 -18.35 -26.10 47.89
N GLN B 376 -18.25 -26.31 46.58
CA GLN B 376 -18.91 -27.41 45.89
C GLN B 376 -17.88 -28.14 45.05
N PRO B 377 -17.11 -29.05 45.66
CA PRO B 377 -16.10 -29.78 44.90
C PRO B 377 -16.73 -30.68 43.85
N GLY B 378 -15.99 -30.90 42.77
CA GLY B 378 -16.50 -31.71 41.68
C GLY B 378 -15.53 -31.69 40.51
N VAL B 379 -16.06 -32.05 39.34
CA VAL B 379 -15.24 -32.06 38.14
C VAL B 379 -14.84 -30.65 37.72
N TYR B 380 -15.54 -29.62 38.21
CA TYR B 380 -15.25 -28.25 37.84
C TYR B 380 -14.91 -27.35 39.01
N GLU B 381 -15.07 -27.82 40.26
CA GLU B 381 -14.73 -27.05 41.45
C GLU B 381 -15.46 -25.71 41.48
N ILE B 382 -16.79 -25.80 41.53
CA ILE B 382 -17.63 -24.61 41.53
C ILE B 382 -17.64 -24.03 42.95
N HIS B 383 -17.02 -22.87 43.12
CA HIS B 383 -17.04 -22.19 44.40
C HIS B 383 -18.28 -21.30 44.48
N LYS B 384 -18.41 -20.56 45.58
CA LYS B 384 -19.56 -19.68 45.76
C LYS B 384 -19.23 -18.62 46.80
N ILE B 385 -19.42 -17.35 46.44
CA ILE B 385 -19.20 -16.23 47.33
C ILE B 385 -20.42 -15.32 47.25
N GLN B 386 -20.84 -14.79 48.40
CA GLN B 386 -21.99 -13.92 48.50
C GLN B 386 -21.61 -12.62 49.19
N PHE B 387 -22.16 -11.50 48.71
CA PHE B 387 -21.81 -10.19 49.21
C PHE B 387 -23.07 -9.43 49.60
N CYS B 388 -22.86 -8.27 50.24
CA CYS B 388 -23.91 -7.31 50.56
C CYS B 388 -23.72 -6.05 49.72
N ALA B 389 -24.58 -5.07 49.95
CA ALA B 389 -24.60 -3.86 49.13
C ALA B 389 -25.29 -2.75 49.92
N PRO B 390 -25.10 -1.49 49.52
CA PRO B 390 -25.86 -0.41 50.19
C PRO B 390 -27.37 -0.61 50.12
N ASN B 391 -27.86 -1.14 49.01
CA ASN B 391 -29.27 -1.49 48.88
C ASN B 391 -29.56 -2.86 49.48
N GLN B 392 -28.54 -3.58 49.94
CA GLN B 392 -28.68 -4.90 50.55
C GLN B 392 -29.30 -5.91 49.59
N ARG B 393 -29.07 -5.73 48.30
CA ARG B 393 -29.47 -6.77 47.36
C ARG B 393 -28.46 -7.91 47.40
N PRO B 394 -28.91 -9.16 47.31
CA PRO B 394 -27.97 -10.28 47.30
C PRO B 394 -27.10 -10.26 46.06
N ILE B 395 -25.86 -10.72 46.22
CA ILE B 395 -24.89 -10.79 45.15
C ILE B 395 -24.43 -12.24 45.00
N GLU B 396 -24.34 -12.71 43.75
CA GLU B 396 -23.97 -14.08 43.46
C GLU B 396 -22.78 -14.12 42.52
N ALA B 397 -21.77 -14.91 42.86
CA ALA B 397 -20.60 -15.08 42.02
C ALA B 397 -20.08 -16.51 42.17
N GLU B 398 -19.49 -17.03 41.11
CA GLU B 398 -19.01 -18.41 41.10
C GLU B 398 -17.79 -18.52 40.20
N LEU B 399 -16.93 -19.49 40.51
CA LEU B 399 -15.73 -19.76 39.75
C LEU B 399 -15.76 -21.20 39.26
N ALA B 400 -15.40 -21.41 38.00
CA ALA B 400 -15.43 -22.73 37.38
C ALA B 400 -14.03 -23.12 36.95
N GLY B 401 -13.65 -24.35 37.27
CA GLY B 401 -12.30 -24.83 37.02
C GLY B 401 -12.16 -25.73 35.81
N LEU B 402 -12.77 -25.35 34.68
CA LEU B 402 -12.77 -26.12 33.44
C LEU B 402 -11.37 -26.65 33.13
N PRO B 403 -11.18 -27.97 33.12
CA PRO B 403 -9.87 -28.54 32.82
C PRO B 403 -9.64 -28.62 31.31
N LEU B 404 -8.63 -27.92 30.82
CA LEU B 404 -8.28 -27.96 29.41
C LEU B 404 -7.20 -28.97 29.09
N ALA B 405 -6.40 -29.37 30.08
CA ALA B 405 -5.31 -30.34 29.92
C ALA B 405 -4.25 -29.87 28.93
N ASP B 406 -4.20 -28.57 28.66
CA ASP B 406 -3.22 -28.01 27.73
C ASP B 406 -2.64 -26.73 28.29
N THR B 407 -2.30 -26.74 29.58
CA THR B 407 -1.74 -25.56 30.22
C THR B 407 -0.41 -25.19 29.57
N GLY B 408 -0.25 -23.91 29.25
CA GLY B 408 0.96 -23.45 28.60
C GLY B 408 2.03 -22.98 29.56
N GLN B 409 2.61 -23.92 30.30
CA GLN B 409 3.74 -23.67 31.18
C GLN B 409 3.38 -22.81 32.39
N VAL B 410 2.14 -22.32 32.44
CA VAL B 410 1.67 -21.51 33.55
C VAL B 410 0.26 -21.93 33.90
N LEU B 411 -0.01 -22.13 35.18
CA LEU B 411 -1.31 -22.60 35.66
C LEU B 411 -2.12 -21.45 36.24
N GLY B 412 -3.44 -21.64 36.26
CA GLY B 412 -4.33 -20.69 36.87
C GLY B 412 -4.45 -19.37 36.13
N ASP B 413 -5.04 -19.39 34.93
CA ASP B 413 -5.24 -18.19 34.14
C ASP B 413 -6.69 -18.08 33.71
N LEU B 414 -7.16 -16.85 33.56
CA LEU B 414 -8.54 -16.60 33.20
C LEU B 414 -8.82 -17.10 31.78
N ILE B 415 -10.05 -17.55 31.57
CA ILE B 415 -10.49 -18.00 30.24
C ILE B 415 -11.61 -17.09 29.75
N SER B 416 -12.42 -16.57 30.66
CA SER B 416 -13.52 -15.69 30.30
C SER B 416 -14.15 -15.15 31.58
N LEU B 417 -15.04 -14.18 31.42
CA LEU B 417 -15.82 -13.65 32.53
C LEU B 417 -17.14 -13.14 31.98
N LYS B 418 -18.14 -13.06 32.87
CA LYS B 418 -19.49 -12.66 32.48
C LYS B 418 -20.06 -11.78 33.56
N LEU B 419 -20.33 -10.52 33.22
CA LEU B 419 -20.95 -9.57 34.15
C LEU B 419 -22.42 -9.47 33.78
N GLY B 420 -23.22 -10.38 34.33
CA GLY B 420 -24.60 -10.53 33.94
C GLY B 420 -25.55 -9.70 34.77
N SER B 421 -26.85 -9.98 34.60
CA SER B 421 -27.91 -9.25 35.28
C SER B 421 -28.99 -10.22 35.69
N THR B 422 -29.67 -9.89 36.80
CA THR B 422 -30.75 -10.72 37.35
C THR B 422 -32.05 -9.93 37.46
N ASN B 423 -32.13 -8.77 36.82
CA ASN B 423 -33.30 -7.92 36.91
C ASN B 423 -34.27 -8.23 35.78
N THR B 424 -35.40 -7.53 35.78
CA THR B 424 -36.43 -7.73 34.77
C THR B 424 -36.25 -6.84 33.56
N GLN B 425 -35.88 -5.58 33.77
CA GLN B 425 -35.72 -4.62 32.68
C GLN B 425 -34.29 -4.09 32.62
N ALA B 426 -33.32 -4.94 32.96
CA ALA B 426 -31.93 -4.55 32.90
C ALA B 426 -31.51 -4.31 31.45
N GLN B 427 -30.53 -3.41 31.28
CA GLN B 427 -30.08 -3.04 29.95
C GLN B 427 -29.51 -4.24 29.21
N CYS B 428 -28.40 -4.78 29.69
CA CYS B 428 -27.75 -5.94 29.11
C CYS B 428 -26.56 -6.30 30.00
N GLY B 429 -25.93 -7.43 29.68
CA GLY B 429 -24.75 -7.90 30.36
C GLY B 429 -23.49 -7.61 29.57
N THR B 430 -22.47 -8.45 29.78
CA THR B 430 -21.24 -8.33 29.02
C THR B 430 -20.45 -9.62 29.21
N VAL B 431 -20.01 -10.21 28.10
CA VAL B 431 -19.27 -11.46 28.11
C VAL B 431 -18.04 -11.29 27.25
N LEU B 432 -16.89 -11.76 27.75
CA LEU B 432 -15.62 -11.64 27.05
C LEU B 432 -15.04 -13.04 26.84
N CYS B 433 -15.22 -13.59 25.64
CA CYS B 433 -14.58 -14.85 25.29
C CYS B 433 -13.09 -14.66 25.13
N SER B 434 -12.36 -15.78 25.15
CA SER B 434 -10.92 -15.76 24.86
C SER B 434 -10.47 -16.86 23.90
N GLY B 435 -11.23 -17.94 23.76
CA GLY B 435 -10.84 -19.02 22.87
C GLY B 435 -12.07 -19.66 22.26
N THR B 436 -11.83 -20.65 21.40
CA THR B 436 -12.94 -21.35 20.76
C THR B 436 -13.79 -22.09 21.79
N VAL B 437 -13.15 -22.85 22.66
CA VAL B 437 -13.91 -23.58 23.68
C VAL B 437 -14.48 -22.62 24.72
N GLY B 438 -13.81 -21.49 24.94
CA GLY B 438 -14.28 -20.53 25.93
C GLY B 438 -15.59 -19.86 25.58
N CYS B 439 -16.09 -20.06 24.36
CA CYS B 439 -17.38 -19.53 23.93
C CYS B 439 -18.48 -20.57 24.10
N MET B 440 -18.38 -21.40 25.14
CA MET B 440 -19.37 -22.44 25.41
C MET B 440 -20.62 -21.90 26.09
N ARG B 441 -20.69 -20.60 26.36
CA ARG B 441 -21.82 -19.99 27.07
C ARG B 441 -22.82 -19.34 26.11
N MET B 442 -23.06 -19.96 24.96
CA MET B 442 -23.97 -19.41 23.96
C MET B 442 -25.23 -20.25 23.83
N GLU B 443 -25.79 -20.67 24.96
CA GLU B 443 -26.99 -21.48 25.00
C GLU B 443 -27.92 -20.94 26.08
N ALA B 444 -28.92 -21.74 26.42
CA ALA B 444 -29.91 -21.42 27.47
C ALA B 444 -30.71 -20.21 27.02
N GLY B 445 -31.28 -19.47 27.98
CA GLY B 445 -32.16 -18.36 27.66
C GLY B 445 -31.47 -17.02 27.71
N GLY B 446 -31.25 -16.43 26.54
CA GLY B 446 -30.54 -15.16 26.45
C GLY B 446 -29.04 -15.26 26.57
N GLY B 447 -28.49 -16.47 26.71
CA GLY B 447 -27.05 -16.60 26.84
C GLY B 447 -26.31 -16.01 25.66
N ALA B 448 -26.79 -16.28 24.45
CA ALA B 448 -26.31 -15.61 23.26
C ALA B 448 -27.19 -14.44 22.85
N GLN B 449 -28.22 -14.13 23.63
CA GLN B 449 -29.16 -13.06 23.31
C GLN B 449 -29.13 -11.93 24.33
N ASN B 450 -29.18 -12.25 25.62
CA ASN B 450 -29.19 -11.22 26.66
C ASN B 450 -27.80 -10.72 27.00
N TYR B 451 -26.75 -11.25 26.36
CA TYR B 451 -25.38 -10.82 26.60
C TYR B 451 -24.76 -10.44 25.27
N ARG B 452 -24.05 -9.32 25.24
CA ARG B 452 -23.36 -8.89 24.04
C ARG B 452 -21.94 -9.45 24.05
N VAL B 453 -21.67 -10.40 23.16
CA VAL B 453 -20.44 -11.18 23.18
C VAL B 453 -19.36 -10.44 22.40
N GLN B 454 -18.23 -10.20 23.04
CA GLN B 454 -17.05 -9.68 22.39
C GLN B 454 -16.04 -10.81 22.21
N GLN B 455 -14.84 -10.47 21.76
CA GLN B 455 -13.78 -11.45 21.61
C GLN B 455 -12.44 -10.80 21.90
N VAL B 456 -11.53 -11.56 22.51
CA VAL B 456 -10.17 -11.12 22.76
C VAL B 456 -9.22 -12.13 22.13
N THR B 457 -8.11 -11.64 21.60
CA THR B 457 -7.18 -12.51 20.89
C THR B 457 -6.57 -13.54 21.82
N ALA B 458 -5.71 -13.09 22.73
CA ALA B 458 -5.05 -13.98 23.68
C ALA B 458 -4.32 -13.17 24.74
N LEU B 459 -4.56 -13.48 26.01
CA LEU B 459 -3.83 -12.84 27.12
C LEU B 459 -3.61 -13.93 28.17
N ASP B 460 -2.49 -14.63 28.06
CA ASP B 460 -2.21 -15.76 28.95
C ASP B 460 -0.78 -16.23 28.73
N ASP B 461 -0.20 -16.81 29.78
CA ASP B 461 1.13 -17.43 29.73
C ASP B 461 2.20 -16.44 29.27
N GLN B 462 2.39 -15.40 30.08
CA GLN B 462 3.43 -14.41 29.82
C GLN B 462 4.78 -14.97 30.26
N ASN B 463 5.81 -14.14 30.22
CA ASN B 463 7.16 -14.54 30.61
C ASN B 463 7.55 -13.85 31.90
N THR B 464 8.30 -14.57 32.74
CA THR B 464 8.68 -14.03 34.04
C THR B 464 9.72 -12.92 33.91
N GLU B 465 10.50 -12.92 32.82
CA GLU B 465 11.59 -11.97 32.69
C GLU B 465 11.08 -10.55 32.50
N GLN B 466 10.14 -10.35 31.56
CA GLN B 466 9.71 -9.00 31.23
C GLN B 466 8.98 -8.34 32.39
N LEU B 467 8.11 -9.09 33.07
CA LEU B 467 7.40 -8.52 34.21
C LEU B 467 8.35 -8.17 35.34
N LEU B 468 9.36 -9.01 35.58
CA LEU B 468 10.31 -8.77 36.64
C LEU B 468 11.05 -7.45 36.44
N GLY B 469 11.47 -7.18 35.20
CA GLY B 469 12.19 -5.94 34.94
C GLY B 469 11.36 -4.71 35.23
N ARG B 470 10.10 -4.71 34.78
CA ARG B 470 9.26 -3.54 35.01
C ARG B 470 9.00 -3.32 36.50
N GLN B 471 8.71 -4.39 37.23
CA GLN B 471 8.48 -4.25 38.66
C GLN B 471 9.75 -3.84 39.39
N LEU B 472 10.90 -4.31 38.92
CA LEU B 472 12.17 -3.88 39.51
C LEU B 472 12.38 -2.39 39.34
N GLN B 473 11.95 -1.84 38.19
CA GLN B 473 12.17 -0.42 37.91
C GLN B 473 11.44 0.45 38.92
N ARG B 474 10.20 0.13 39.24
CA ARG B 474 9.41 0.93 40.15
C ARG B 474 9.63 0.51 41.59
N TRP B 475 9.35 1.43 42.50
CA TRP B 475 9.51 1.20 43.93
C TRP B 475 8.54 2.09 44.68
N GLY B 476 8.02 1.57 45.80
CA GLY B 476 7.10 2.33 46.62
C GLY B 476 5.97 1.49 47.18
N ARG B 477 4.80 2.11 47.36
CA ARG B 477 3.61 1.43 47.86
C ARG B 477 2.46 1.69 46.90
N ASP B 478 1.66 0.65 46.64
CA ASP B 478 0.54 0.73 45.72
C ASP B 478 -0.77 0.72 46.50
N ALA B 479 -1.64 1.67 46.20
CA ALA B 479 -2.93 1.74 46.88
C ALA B 479 -3.88 0.65 46.39
N LEU B 480 -3.90 0.41 45.08
CA LEU B 480 -4.84 -0.56 44.51
C LEU B 480 -4.57 -1.97 45.03
N TYR B 481 -3.30 -2.37 45.08
CA TYR B 481 -2.98 -3.72 45.50
C TYR B 481 -3.39 -3.96 46.95
N ASP B 482 -3.14 -2.99 47.83
CA ASP B 482 -3.46 -3.17 49.24
C ASP B 482 -4.96 -3.29 49.45
N GLU B 483 -5.75 -2.48 48.74
CA GLU B 483 -7.20 -2.52 48.91
C GLU B 483 -7.77 -3.84 48.42
N SER B 484 -7.27 -4.35 47.29
CA SER B 484 -7.72 -5.65 46.81
C SER B 484 -7.37 -6.76 47.78
N MET B 485 -6.15 -6.73 48.32
CA MET B 485 -5.74 -7.76 49.27
C MET B 485 -6.48 -7.66 50.59
N ALA B 486 -7.04 -6.49 50.90
CA ALA B 486 -7.83 -6.36 52.12
C ALA B 486 -9.08 -7.23 52.07
N ILE B 487 -9.77 -7.23 50.93
CA ILE B 487 -10.98 -8.04 50.79
C ILE B 487 -10.62 -9.52 50.75
N VAL B 488 -9.51 -9.86 50.10
CA VAL B 488 -9.11 -11.26 49.98
C VAL B 488 -8.86 -11.88 51.36
N LEU B 489 -8.31 -11.08 52.28
CA LEU B 489 -8.08 -11.58 53.63
C LEU B 489 -9.39 -11.94 54.32
N ALA B 490 -10.41 -11.10 54.15
CA ALA B 490 -11.69 -11.35 54.81
C ALA B 490 -12.35 -12.63 54.31
N ILE B 491 -12.32 -12.85 52.99
CA ILE B 491 -13.00 -14.02 52.42
C ILE B 491 -12.36 -15.31 52.92
N LEU B 492 -11.03 -15.36 52.92
CA LEU B 492 -10.36 -16.60 53.29
C LEU B 492 -10.52 -16.93 54.77
N GLN B 493 -10.65 -15.91 55.62
CA GLN B 493 -10.87 -16.15 57.04
C GLN B 493 -12.21 -16.80 57.32
N LEU B 494 -13.19 -16.62 56.44
CA LEU B 494 -14.51 -17.23 56.58
C LEU B 494 -14.60 -18.59 55.91
N SER B 495 -13.61 -18.96 55.10
CA SER B 495 -13.68 -20.22 54.35
C SER B 495 -13.70 -21.42 55.29
N GLN B 496 -12.84 -21.42 56.30
CA GLN B 496 -12.78 -22.54 57.22
C GLN B 496 -14.09 -22.69 58.00
N ALA B 497 -14.68 -21.57 58.43
CA ALA B 497 -15.96 -21.63 59.11
C ALA B 497 -17.11 -21.86 58.16
N GLY B 498 -17.03 -21.32 56.94
CA GLY B 498 -18.09 -21.48 55.96
C GLY B 498 -18.02 -22.79 55.20
N ARG C 40 -44.54 6.97 -17.57
CA ARG C 40 -43.83 5.88 -16.92
C ARG C 40 -44.77 4.74 -16.58
N THR C 41 -45.80 4.55 -17.40
CA THR C 41 -46.80 3.52 -17.19
C THR C 41 -46.84 2.58 -18.39
N PRO C 42 -46.84 1.27 -18.18
CA PRO C 42 -46.92 0.35 -19.31
C PRO C 42 -48.24 0.47 -20.06
N GLU C 43 -48.19 0.19 -21.35
CA GLU C 43 -49.35 0.27 -22.21
C GLU C 43 -50.32 -0.88 -21.90
N PRO C 44 -51.58 -0.77 -22.32
CA PRO C 44 -52.56 -1.82 -22.00
C PRO C 44 -52.14 -3.18 -22.53
N LEU C 45 -52.48 -4.22 -21.76
CA LEU C 45 -52.04 -5.57 -22.04
C LEU C 45 -52.98 -6.55 -21.34
N ILE C 46 -52.93 -7.80 -21.76
CA ILE C 46 -53.72 -8.88 -21.18
C ILE C 46 -52.77 -10.00 -20.74
N LEU C 47 -52.93 -10.46 -19.51
CA LEU C 47 -52.08 -11.51 -18.96
C LEU C 47 -52.94 -12.68 -18.53
N THR C 48 -52.45 -13.89 -18.79
CA THR C 48 -53.13 -15.12 -18.42
C THR C 48 -52.33 -15.85 -17.35
N ILE C 49 -53.01 -16.23 -16.27
CA ILE C 49 -52.38 -16.91 -15.14
C ILE C 49 -52.72 -18.39 -15.25
N PHE C 50 -51.70 -19.21 -15.50
CA PHE C 50 -51.90 -20.64 -15.62
C PHE C 50 -52.09 -21.27 -14.25
N GLY C 51 -52.89 -22.32 -14.19
CA GLY C 51 -53.16 -22.99 -12.94
C GLY C 51 -53.93 -22.12 -11.96
N ALA C 52 -55.10 -21.67 -12.39
CA ALA C 52 -55.92 -20.81 -11.55
C ALA C 52 -56.45 -21.60 -10.36
N SER C 53 -57.17 -20.90 -9.47
CA SER C 53 -57.66 -21.40 -8.20
C SER C 53 -56.54 -21.87 -7.27
N GLY C 54 -55.29 -21.62 -7.64
CA GLY C 54 -54.17 -21.98 -6.81
C GLY C 54 -54.01 -21.01 -5.65
N ASP C 55 -53.40 -21.51 -4.58
CA ASP C 55 -53.16 -20.66 -3.41
C ASP C 55 -52.18 -19.54 -3.74
N LEU C 56 -51.12 -19.86 -4.48
CA LEU C 56 -50.03 -18.90 -4.67
C LEU C 56 -50.53 -17.61 -5.30
N THR C 57 -51.25 -17.71 -6.41
CA THR C 57 -51.79 -16.51 -7.04
C THR C 57 -52.72 -15.79 -6.07
N GLN C 58 -53.61 -16.54 -5.42
CA GLN C 58 -54.66 -15.93 -4.61
C GLN C 58 -54.09 -15.09 -3.47
N ARG C 59 -53.07 -15.59 -2.78
CA ARG C 59 -52.53 -14.84 -1.66
C ARG C 59 -51.24 -14.09 -1.99
N LYS C 60 -50.81 -14.07 -3.24
CA LYS C 60 -49.61 -13.28 -3.49
C LYS C 60 -49.74 -12.27 -4.61
N LEU C 61 -50.46 -12.60 -5.68
CA LEU C 61 -50.42 -11.82 -6.91
C LEU C 61 -51.67 -11.00 -7.14
N VAL C 62 -52.86 -11.60 -6.95
CA VAL C 62 -54.10 -10.85 -7.15
C VAL C 62 -54.20 -9.65 -6.21
N PRO C 63 -53.93 -9.77 -4.90
CA PRO C 63 -53.91 -8.56 -4.07
C PRO C 63 -52.90 -7.54 -4.54
N ALA C 64 -51.76 -8.00 -5.05
CA ALA C 64 -50.79 -7.07 -5.63
C ALA C 64 -51.38 -6.35 -6.83
N ILE C 65 -52.10 -7.07 -7.69
CA ILE C 65 -52.74 -6.41 -8.82
C ILE C 65 -53.73 -5.37 -8.33
N TYR C 66 -54.47 -5.68 -7.26
CA TYR C 66 -55.38 -4.70 -6.69
C TYR C 66 -54.62 -3.47 -6.22
N GLN C 67 -53.46 -3.66 -5.58
CA GLN C 67 -52.69 -2.53 -5.09
C GLN C 67 -52.19 -1.66 -6.23
N MET C 68 -51.66 -2.29 -7.29
CA MET C 68 -51.25 -1.51 -8.47
C MET C 68 -52.43 -0.76 -9.08
N LYS C 69 -53.61 -1.39 -9.14
CA LYS C 69 -54.77 -0.70 -9.68
C LYS C 69 -55.13 0.50 -8.80
N ARG C 70 -55.07 0.34 -7.49
CA ARG C 70 -55.30 1.45 -6.57
C ARG C 70 -54.12 2.39 -6.48
N GLU C 71 -52.97 2.02 -7.05
CA GLU C 71 -51.78 2.87 -7.06
C GLU C 71 -51.76 3.82 -8.24
N ARG C 72 -52.82 3.83 -9.06
CA ARG C 72 -52.93 4.69 -10.25
C ARG C 72 -51.71 4.59 -11.16
N ARG C 73 -51.02 3.44 -11.11
CA ARG C 73 -49.84 3.23 -11.95
C ARG C 73 -50.05 2.05 -12.89
N LEU C 74 -51.23 1.97 -13.50
CA LEU C 74 -51.55 0.88 -14.41
C LEU C 74 -52.76 1.30 -15.22
N PRO C 75 -52.75 1.15 -16.54
CA PRO C 75 -53.90 1.54 -17.35
C PRO C 75 -55.13 0.75 -16.97
N PRO C 76 -56.31 1.37 -17.03
CA PRO C 76 -57.55 0.67 -16.67
C PRO C 76 -58.08 -0.27 -17.74
N GLU C 77 -57.28 -0.60 -18.75
CA GLU C 77 -57.75 -1.47 -19.82
C GLU C 77 -57.38 -2.93 -19.64
N LEU C 78 -56.40 -3.24 -18.79
CA LEU C 78 -55.95 -4.62 -18.64
C LEU C 78 -57.02 -5.47 -17.98
N THR C 79 -57.10 -6.73 -18.41
CA THR C 79 -58.03 -7.68 -17.82
C THR C 79 -57.30 -9.00 -17.60
N VAL C 80 -57.46 -9.55 -16.40
CA VAL C 80 -56.78 -10.78 -16.01
C VAL C 80 -57.70 -11.95 -16.25
N VAL C 81 -57.19 -12.97 -16.94
CA VAL C 81 -57.95 -14.16 -17.28
C VAL C 81 -57.26 -15.37 -16.68
N GLY C 82 -57.99 -16.16 -15.90
CA GLY C 82 -57.43 -17.35 -15.29
C GLY C 82 -57.39 -18.53 -16.25
N PHE C 83 -56.90 -19.65 -15.73
CA PHE C 83 -56.82 -20.88 -16.51
C PHE C 83 -56.63 -22.03 -15.52
N ALA C 84 -57.60 -22.96 -15.50
CA ALA C 84 -57.54 -24.09 -14.59
C ALA C 84 -58.37 -25.23 -15.17
N ARG C 85 -58.43 -26.33 -14.42
CA ARG C 85 -59.19 -27.50 -14.88
C ARG C 85 -60.68 -27.33 -14.72
N ARG C 86 -61.12 -26.62 -13.67
CA ARG C 86 -62.55 -26.49 -13.39
C ARG C 86 -63.22 -25.58 -14.40
N ASP C 87 -64.46 -25.93 -14.74
CA ASP C 87 -65.29 -25.15 -15.65
C ASP C 87 -66.47 -24.58 -14.88
N TRP C 88 -66.64 -23.26 -14.96
CA TRP C 88 -67.62 -22.53 -14.16
C TRP C 88 -67.59 -21.06 -14.57
N SER C 89 -68.54 -20.30 -14.05
CA SER C 89 -68.75 -18.92 -14.45
C SER C 89 -67.72 -18.02 -13.76
N HIS C 90 -67.94 -16.70 -13.84
CA HIS C 90 -66.96 -15.73 -13.39
C HIS C 90 -67.32 -15.03 -12.09
N ASP C 91 -68.61 -14.91 -11.77
CA ASP C 91 -69.02 -14.19 -10.56
C ASP C 91 -68.58 -14.92 -9.30
N HIS C 92 -68.68 -16.25 -9.29
CA HIS C 92 -68.22 -17.01 -8.14
C HIS C 92 -66.71 -16.87 -7.99
N PHE C 93 -66.00 -16.83 -9.12
CA PHE C 93 -64.57 -16.52 -9.09
C PHE C 93 -64.32 -15.16 -8.46
N ARG C 94 -65.10 -14.16 -8.85
CA ARG C 94 -64.91 -12.81 -8.33
C ARG C 94 -65.13 -12.76 -6.83
N GLU C 95 -66.17 -13.43 -6.33
CA GLU C 95 -66.41 -13.43 -4.89
C GLU C 95 -65.32 -14.22 -4.16
N GLN C 96 -64.77 -15.25 -4.80
CA GLN C 96 -63.65 -15.98 -4.22
C GLN C 96 -62.46 -15.05 -4.01
N MET C 97 -62.09 -14.29 -5.05
CA MET C 97 -60.98 -13.35 -4.90
C MET C 97 -61.33 -12.26 -3.90
N ARG C 98 -62.60 -11.88 -3.78
CA ARG C 98 -62.98 -10.91 -2.76
C ARG C 98 -62.70 -11.46 -1.37
N LYS C 99 -63.06 -12.71 -1.13
CA LYS C 99 -62.76 -13.34 0.15
C LYS C 99 -61.26 -13.38 0.40
N GLY C 100 -60.49 -13.74 -0.63
CA GLY C 100 -59.05 -13.81 -0.46
C GLY C 100 -58.43 -12.46 -0.11
N ILE C 101 -58.80 -11.41 -0.85
CA ILE C 101 -58.21 -10.10 -0.60
C ILE C 101 -58.67 -9.55 0.75
N GLU C 102 -59.91 -9.82 1.14
CA GLU C 102 -60.40 -9.30 2.41
C GLU C 102 -59.78 -10.03 3.59
N GLU C 103 -59.40 -11.30 3.41
CA GLU C 103 -58.78 -12.04 4.50
C GLU C 103 -57.26 -11.90 4.53
N PHE C 104 -56.63 -11.45 3.43
CA PHE C 104 -55.18 -11.35 3.40
C PHE C 104 -54.69 -9.92 3.16
N SER C 105 -55.29 -9.20 2.22
CA SER C 105 -54.91 -7.81 1.98
C SER C 105 -55.70 -6.89 2.91
N THR C 106 -55.62 -5.59 2.64
CA THR C 106 -56.28 -4.58 3.49
C THR C 106 -57.76 -4.51 3.14
N GLY C 107 -58.45 -5.61 3.40
CA GLY C 107 -59.87 -5.70 3.13
C GLY C 107 -60.23 -5.54 1.67
N ILE C 108 -61.23 -4.72 1.38
CA ILE C 108 -61.66 -4.45 0.00
C ILE C 108 -61.68 -2.98 -0.33
N GLY C 109 -61.59 -2.09 0.66
CA GLY C 109 -61.68 -0.66 0.42
C GLY C 109 -63.11 -0.16 0.35
N SER C 110 -63.78 -0.43 -0.77
CA SER C 110 -65.18 -0.03 -0.94
C SER C 110 -65.83 -0.95 -1.97
N GLU C 111 -67.15 -1.02 -1.91
CA GLU C 111 -67.89 -1.89 -2.83
C GLU C 111 -67.74 -1.43 -4.27
N ASP C 112 -67.77 -0.11 -4.51
CA ASP C 112 -67.63 0.40 -5.86
C ASP C 112 -66.25 0.06 -6.44
N LEU C 113 -65.20 0.21 -5.64
CA LEU C 113 -63.86 -0.13 -6.11
C LEU C 113 -63.77 -1.62 -6.41
N TRP C 114 -64.36 -2.46 -5.55
CA TRP C 114 -64.31 -3.90 -5.80
C TRP C 114 -65.07 -4.27 -7.06
N ASN C 115 -66.22 -3.63 -7.31
CA ASN C 115 -66.95 -3.90 -8.53
C ASN C 115 -66.16 -3.46 -9.76
N GLU C 116 -65.51 -2.29 -9.67
CA GLU C 116 -64.73 -1.79 -10.78
C GLU C 116 -63.56 -2.72 -11.10
N PHE C 117 -62.94 -3.30 -10.07
CA PHE C 117 -61.87 -4.25 -10.33
C PHE C 117 -62.40 -5.59 -10.82
N ALA C 118 -63.54 -6.02 -10.28
CA ALA C 118 -64.08 -7.34 -10.59
C ALA C 118 -64.70 -7.42 -11.97
N GLN C 119 -65.15 -6.30 -12.54
CA GLN C 119 -65.72 -6.35 -13.88
C GLN C 119 -64.69 -6.66 -14.95
N GLY C 120 -63.40 -6.62 -14.63
CA GLY C 120 -62.37 -6.97 -15.59
C GLY C 120 -61.79 -8.36 -15.41
N LEU C 121 -62.11 -9.01 -14.29
CA LEU C 121 -61.57 -10.32 -13.96
C LEU C 121 -62.44 -11.38 -14.61
N PHE C 122 -61.88 -12.10 -15.59
CA PHE C 122 -62.59 -13.13 -16.32
C PHE C 122 -62.01 -14.50 -15.97
N TYR C 123 -62.50 -15.53 -16.67
CA TYR C 123 -62.08 -16.90 -16.41
C TYR C 123 -62.23 -17.73 -17.68
N CYS C 124 -61.50 -18.84 -17.73
CA CYS C 124 -61.64 -19.82 -18.79
C CYS C 124 -61.25 -21.18 -18.24
N SER C 125 -61.62 -22.22 -18.96
CA SER C 125 -61.41 -23.59 -18.49
C SER C 125 -60.75 -24.42 -19.58
N GLY C 126 -60.10 -25.48 -19.16
CA GLY C 126 -59.44 -26.42 -20.04
C GLY C 126 -58.25 -27.08 -19.37
N ASN C 127 -57.94 -28.30 -19.83
CA ASN C 127 -56.78 -29.01 -19.33
C ASN C 127 -55.50 -28.34 -19.80
N MET C 128 -54.48 -28.34 -18.93
CA MET C 128 -53.23 -27.67 -19.27
C MET C 128 -52.51 -28.39 -20.40
N ASP C 129 -52.52 -29.71 -20.40
CA ASP C 129 -51.75 -30.50 -21.37
C ASP C 129 -52.56 -30.92 -22.59
N ASP C 130 -53.81 -30.47 -22.72
CA ASP C 130 -54.64 -30.84 -23.86
C ASP C 130 -54.35 -29.90 -25.02
N PRO C 131 -53.78 -30.37 -26.13
CA PRO C 131 -53.50 -29.46 -27.25
C PRO C 131 -54.74 -28.81 -27.82
N GLU C 132 -55.88 -29.52 -27.80
CA GLU C 132 -57.09 -28.96 -28.39
C GLU C 132 -57.56 -27.73 -27.64
N SER C 133 -57.33 -27.67 -26.33
CA SER C 133 -57.77 -26.52 -25.54
C SER C 133 -57.04 -25.24 -25.95
N TYR C 134 -55.86 -25.35 -26.55
CA TYR C 134 -55.07 -24.15 -26.81
C TYR C 134 -55.60 -23.35 -27.98
N LEU C 135 -56.14 -24.00 -29.02
CA LEU C 135 -56.81 -23.26 -30.08
C LEU C 135 -58.01 -22.51 -29.54
N LYS C 136 -58.80 -23.16 -28.68
CA LYS C 136 -59.93 -22.49 -28.04
C LYS C 136 -59.47 -21.31 -27.22
N LEU C 137 -58.36 -21.47 -26.48
CA LEU C 137 -57.84 -20.36 -25.70
C LEU C 137 -57.39 -19.21 -26.60
N LYS C 138 -56.79 -19.53 -27.74
CA LYS C 138 -56.36 -18.50 -28.67
C LYS C 138 -57.56 -17.70 -29.19
N ASN C 139 -58.63 -18.40 -29.57
CA ASN C 139 -59.83 -17.70 -30.02
C ASN C 139 -60.47 -16.89 -28.90
N PHE C 140 -60.47 -17.44 -27.68
CA PHE C 140 -60.99 -16.72 -26.53
C PHE C 140 -60.24 -15.41 -26.32
N LEU C 141 -58.91 -15.46 -26.38
CA LEU C 141 -58.13 -14.26 -26.17
C LEU C 141 -58.28 -13.29 -27.33
N GLY C 142 -58.45 -13.80 -28.55
CA GLY C 142 -58.70 -12.92 -29.68
C GLY C 142 -60.00 -12.16 -29.53
N GLU C 143 -61.08 -12.85 -29.16
CA GLU C 143 -62.36 -12.16 -28.96
C GLU C 143 -62.29 -11.23 -27.75
N LEU C 144 -61.52 -11.57 -26.73
CA LEU C 144 -61.37 -10.67 -25.60
C LEU C 144 -60.64 -9.39 -25.99
N ASP C 145 -59.59 -9.51 -26.80
CA ASP C 145 -58.93 -8.31 -27.30
C ASP C 145 -59.85 -7.50 -28.19
N GLU C 146 -60.71 -8.18 -28.96
CA GLU C 146 -61.73 -7.48 -29.72
C GLU C 146 -62.64 -6.68 -28.80
N LYS C 147 -63.06 -7.27 -27.69
CA LYS C 147 -63.98 -6.60 -26.78
C LYS C 147 -63.32 -5.42 -26.07
N ARG C 148 -62.09 -5.62 -25.58
CA ARG C 148 -61.45 -4.64 -24.71
C ARG C 148 -60.53 -3.67 -25.44
N ASN C 149 -60.14 -3.97 -26.68
CA ASN C 149 -59.27 -3.11 -27.48
C ASN C 149 -57.93 -2.88 -26.78
N THR C 150 -57.18 -3.98 -26.62
CA THR C 150 -55.87 -3.95 -26.02
C THR C 150 -54.76 -4.27 -27.02
N ARG C 151 -55.07 -4.31 -28.31
CA ARG C 151 -54.13 -4.49 -29.41
C ARG C 151 -53.04 -5.50 -29.09
N GLY C 152 -53.48 -6.73 -28.79
CA GLY C 152 -52.53 -7.80 -28.54
C GLY C 152 -51.72 -7.53 -27.28
N ASN C 153 -50.41 -7.73 -27.40
CA ASN C 153 -49.46 -7.48 -26.30
C ASN C 153 -49.84 -8.30 -25.07
N ARG C 154 -49.73 -9.61 -25.22
CA ARG C 154 -50.04 -10.52 -24.14
C ARG C 154 -48.83 -10.70 -23.23
N VAL C 155 -49.09 -11.25 -22.04
CA VAL C 155 -48.04 -11.61 -21.09
C VAL C 155 -48.45 -12.91 -20.40
N PHE C 156 -47.57 -13.89 -20.39
CA PHE C 156 -47.85 -15.20 -19.81
C PHE C 156 -47.10 -15.35 -18.50
N TYR C 157 -47.82 -15.74 -17.45
CA TYR C 157 -47.23 -15.94 -16.13
C TYR C 157 -47.52 -17.38 -15.71
N LEU C 158 -46.46 -18.19 -15.59
CA LEU C 158 -46.61 -19.58 -15.22
C LEU C 158 -46.44 -19.72 -13.71
N ALA C 159 -47.51 -20.16 -13.03
CA ALA C 159 -47.46 -20.48 -11.60
C ALA C 159 -48.00 -21.90 -11.44
N VAL C 160 -47.13 -22.89 -11.66
CA VAL C 160 -47.49 -24.29 -11.59
C VAL C 160 -46.32 -25.05 -10.96
N SER C 161 -46.56 -26.32 -10.64
CA SER C 161 -45.50 -27.17 -10.15
C SER C 161 -44.47 -27.38 -11.26
N PRO C 162 -43.18 -27.47 -10.91
CA PRO C 162 -42.13 -27.43 -11.93
C PRO C 162 -42.20 -28.56 -12.95
N ASN C 163 -42.87 -29.67 -12.64
CA ASN C 163 -42.89 -30.79 -13.57
C ASN C 163 -43.70 -30.52 -14.82
N PHE C 164 -44.49 -29.45 -14.85
CA PHE C 164 -45.29 -29.12 -16.02
C PHE C 164 -44.60 -28.12 -16.95
N PHE C 165 -43.39 -27.68 -16.63
CA PHE C 165 -42.73 -26.68 -17.46
C PHE C 165 -42.45 -27.15 -18.88
N PRO C 166 -41.87 -28.33 -19.12
CA PRO C 166 -41.60 -28.74 -20.50
C PRO C 166 -42.87 -28.89 -21.33
N PRO C 167 -43.91 -29.60 -20.84
CA PRO C 167 -45.14 -29.68 -21.65
C PRO C 167 -45.77 -28.33 -21.92
N GLY C 168 -45.78 -27.44 -20.91
CA GLY C 168 -46.37 -26.13 -21.12
C GLY C 168 -45.63 -25.32 -22.16
N ILE C 169 -44.30 -25.30 -22.07
CA ILE C 169 -43.50 -24.55 -23.04
C ILE C 169 -43.69 -25.14 -24.44
N LYS C 170 -43.67 -26.47 -24.54
CA LYS C 170 -43.83 -27.11 -25.85
C LYS C 170 -45.18 -26.77 -26.47
N GLN C 171 -46.25 -26.84 -25.68
CA GLN C 171 -47.58 -26.57 -26.21
C GLN C 171 -47.75 -25.09 -26.56
N LEU C 172 -47.16 -24.21 -25.77
CA LEU C 172 -47.23 -22.79 -26.09
C LEU C 172 -46.49 -22.49 -27.39
N GLY C 173 -45.33 -23.12 -27.60
CA GLY C 173 -44.57 -22.85 -28.81
C GLY C 173 -45.06 -23.59 -30.03
N ALA C 174 -45.87 -24.63 -29.86
CA ALA C 174 -46.28 -25.46 -30.99
C ALA C 174 -47.43 -24.84 -31.76
N ALA C 175 -48.56 -24.61 -31.09
CA ALA C 175 -49.74 -24.12 -31.78
C ALA C 175 -49.51 -22.73 -32.38
N GLY C 176 -48.86 -21.84 -31.64
CA GLY C 176 -48.42 -20.59 -32.22
C GLY C 176 -48.89 -19.32 -31.55
N MET C 177 -49.25 -19.38 -30.27
CA MET C 177 -49.65 -18.17 -29.56
C MET C 177 -48.49 -17.26 -29.22
N LEU C 178 -47.25 -17.68 -29.46
CA LEU C 178 -46.09 -16.81 -29.23
C LEU C 178 -45.15 -16.95 -30.42
N SER C 179 -45.24 -16.00 -31.35
CA SER C 179 -44.32 -15.94 -32.47
C SER C 179 -43.83 -14.54 -32.82
N ASP C 180 -44.47 -13.49 -32.33
CA ASP C 180 -44.08 -12.13 -32.67
C ASP C 180 -42.82 -11.71 -31.92
N PRO C 181 -42.09 -10.73 -32.44
CA PRO C 181 -40.88 -10.26 -31.75
C PRO C 181 -41.18 -9.73 -30.35
N VAL C 182 -42.00 -8.69 -30.25
CA VAL C 182 -42.40 -8.16 -28.95
C VAL C 182 -43.92 -8.11 -28.84
N LYS C 183 -44.51 -9.23 -28.48
CA LYS C 183 -45.93 -9.30 -28.17
C LYS C 183 -46.25 -10.10 -26.91
N SER C 184 -45.36 -10.99 -26.47
CA SER C 184 -45.65 -11.79 -25.31
C SER C 184 -44.35 -12.24 -24.65
N ARG C 185 -44.41 -12.46 -23.34
CA ARG C 185 -43.28 -12.90 -22.55
C ARG C 185 -43.73 -14.05 -21.67
N ILE C 186 -42.77 -14.92 -21.32
CA ILE C 186 -43.03 -16.05 -20.45
C ILE C 186 -42.22 -15.89 -19.17
N VAL C 187 -42.89 -15.91 -18.03
CA VAL C 187 -42.24 -15.79 -16.74
C VAL C 187 -42.38 -17.12 -16.02
N ILE C 188 -41.26 -17.65 -15.53
CA ILE C 188 -41.21 -19.00 -14.96
C ILE C 188 -40.96 -18.91 -13.46
N GLU C 189 -41.50 -19.89 -12.73
CA GLU C 189 -41.43 -19.91 -11.28
C GLU C 189 -40.00 -20.08 -10.80
N LYS C 190 -39.82 -20.04 -9.48
CA LYS C 190 -38.47 -20.10 -8.90
C LYS C 190 -37.76 -21.42 -9.15
N PRO C 191 -38.36 -22.61 -8.95
CA PRO C 191 -37.54 -23.83 -9.07
C PRO C 191 -37.17 -24.12 -10.50
N PHE C 192 -35.93 -23.85 -10.89
CA PHE C 192 -35.50 -24.06 -12.25
C PHE C 192 -34.88 -25.43 -12.46
N GLY C 193 -35.02 -26.33 -11.50
CA GLY C 193 -34.54 -27.68 -11.70
C GLY C 193 -33.32 -28.00 -10.89
N ARG C 194 -33.30 -29.18 -10.28
CA ARG C 194 -32.16 -29.63 -9.53
C ARG C 194 -31.05 -30.09 -10.48
N ASP C 195 -29.86 -30.28 -9.92
CA ASP C 195 -28.71 -30.78 -10.66
C ASP C 195 -28.31 -29.85 -11.80
N LEU C 196 -27.54 -30.35 -12.74
CA LEU C 196 -27.08 -29.59 -13.90
C LEU C 196 -27.69 -30.06 -15.20
N SER C 197 -27.81 -31.37 -15.38
CA SER C 197 -28.36 -31.92 -16.62
C SER C 197 -29.79 -31.46 -16.84
N SER C 198 -30.59 -31.42 -15.77
CA SER C 198 -31.96 -30.95 -15.89
C SER C 198 -31.98 -29.49 -16.32
N ALA C 199 -31.09 -28.66 -15.76
CA ALA C 199 -31.03 -27.27 -16.18
C ALA C 199 -30.68 -27.16 -17.65
N GLN C 200 -29.72 -27.96 -18.11
CA GLN C 200 -29.32 -27.90 -19.51
C GLN C 200 -30.46 -28.33 -20.42
N SER C 201 -31.19 -29.38 -20.04
CA SER C 201 -32.30 -29.85 -20.88
C SER C 201 -33.41 -28.81 -20.96
N LEU C 202 -33.76 -28.20 -19.82
CA LEU C 202 -34.78 -27.17 -19.85
C LEU C 202 -34.33 -25.99 -20.69
N ASN C 203 -33.06 -25.60 -20.58
CA ASN C 203 -32.55 -24.52 -21.40
C ASN C 203 -32.66 -24.85 -22.89
N ARG C 204 -32.30 -26.07 -23.26
CA ARG C 204 -32.37 -26.47 -24.67
C ARG C 204 -33.79 -26.44 -25.19
N VAL C 205 -34.75 -26.95 -24.40
CA VAL C 205 -36.12 -26.95 -24.89
C VAL C 205 -36.69 -25.54 -24.93
N VAL C 206 -36.22 -24.65 -24.04
CA VAL C 206 -36.67 -23.26 -24.12
C VAL C 206 -36.13 -22.60 -25.38
N GLN C 207 -34.85 -22.81 -25.69
CA GLN C 207 -34.21 -22.12 -26.81
C GLN C 207 -34.52 -22.82 -28.13
N SER C 208 -35.81 -23.00 -28.37
CA SER C 208 -36.28 -23.49 -29.65
C SER C 208 -37.52 -22.77 -30.17
N VAL C 209 -38.20 -21.98 -29.35
CA VAL C 209 -39.44 -21.32 -29.77
C VAL C 209 -39.38 -19.85 -29.41
N CYS C 210 -38.36 -19.46 -28.64
CA CYS C 210 -38.24 -18.08 -28.17
C CYS C 210 -36.80 -17.63 -28.34
N LYS C 211 -36.63 -16.32 -28.44
CA LYS C 211 -35.31 -15.70 -28.36
C LYS C 211 -35.08 -15.19 -26.94
N GLU C 212 -33.84 -14.80 -26.66
CA GLU C 212 -33.54 -14.31 -25.32
C GLU C 212 -33.94 -12.85 -25.17
N ASN C 213 -35.17 -12.53 -25.54
CA ASN C 213 -35.73 -11.21 -25.36
C ASN C 213 -37.09 -11.22 -24.68
N GLN C 214 -37.67 -12.39 -24.44
CA GLN C 214 -39.01 -12.46 -23.87
C GLN C 214 -39.13 -13.56 -22.81
N VAL C 215 -38.02 -14.06 -22.28
CA VAL C 215 -38.02 -15.11 -21.28
C VAL C 215 -37.45 -14.55 -20.00
N TYR C 216 -38.22 -14.64 -18.92
CA TYR C 216 -37.85 -14.07 -17.62
C TYR C 216 -37.90 -15.16 -16.57
N ARG C 217 -36.84 -15.25 -15.78
CA ARG C 217 -36.76 -16.20 -14.66
C ARG C 217 -36.67 -15.41 -13.37
N ILE C 218 -37.48 -15.78 -12.38
CA ILE C 218 -37.59 -15.03 -11.13
C ILE C 218 -37.29 -15.97 -9.97
N ASP C 219 -36.04 -15.97 -9.51
CA ASP C 219 -35.75 -16.51 -8.18
C ASP C 219 -34.56 -15.73 -7.62
N HIS C 220 -34.86 -14.61 -6.97
CA HIS C 220 -33.86 -13.91 -6.18
C HIS C 220 -34.37 -13.41 -4.84
N TYR C 221 -35.65 -13.06 -4.71
CA TYR C 221 -36.19 -12.40 -3.54
C TYR C 221 -35.25 -11.30 -3.04
N LEU C 222 -34.64 -10.59 -3.98
CA LEU C 222 -33.70 -9.51 -3.69
C LEU C 222 -34.17 -8.26 -4.40
N GLY C 223 -34.31 -7.18 -3.64
CA GLY C 223 -34.91 -5.98 -4.17
C GLY C 223 -33.99 -5.22 -5.12
N LYS C 224 -34.55 -4.17 -5.71
CA LYS C 224 -33.76 -3.28 -6.55
C LYS C 224 -33.01 -2.22 -5.73
N GLU C 225 -33.34 -2.09 -4.44
CA GLU C 225 -32.67 -1.08 -3.62
C GLU C 225 -31.22 -1.47 -3.34
N THR C 226 -30.98 -2.71 -2.94
CA THR C 226 -29.63 -3.10 -2.56
C THR C 226 -28.67 -3.06 -3.75
N VAL C 227 -29.11 -3.53 -4.91
CA VAL C 227 -28.23 -3.58 -6.07
C VAL C 227 -27.80 -2.18 -6.48
N GLN C 228 -28.78 -1.28 -6.64
CA GLN C 228 -28.45 0.09 -7.03
C GLN C 228 -27.60 0.76 -5.97
N ASN C 229 -27.91 0.54 -4.70
CA ASN C 229 -27.14 1.17 -3.64
C ASN C 229 -25.68 0.72 -3.68
N LEU C 230 -25.45 -0.59 -3.81
CA LEU C 230 -24.09 -1.09 -3.85
C LEU C 230 -23.33 -0.55 -5.06
N MET C 231 -23.97 -0.57 -6.23
CA MET C 231 -23.27 -0.09 -7.42
C MET C 231 -22.91 1.39 -7.29
N VAL C 232 -23.85 2.20 -6.81
CA VAL C 232 -23.58 3.63 -6.69
C VAL C 232 -22.49 3.90 -5.67
N PHE C 233 -22.52 3.20 -4.53
CA PHE C 233 -21.48 3.41 -3.52
C PHE C 233 -20.12 2.95 -4.01
N ARG C 234 -20.07 1.97 -4.90
CA ARG C 234 -18.77 1.47 -5.34
C ARG C 234 -18.17 2.26 -6.49
N PHE C 235 -18.99 2.73 -7.44
CA PHE C 235 -18.48 3.28 -8.68
C PHE C 235 -18.56 4.79 -8.79
N ALA C 236 -19.05 5.49 -7.78
CA ALA C 236 -19.13 6.94 -7.83
C ALA C 236 -18.21 7.60 -6.80
N ASN C 237 -17.20 6.87 -6.32
CA ASN C 237 -16.28 7.37 -5.33
C ASN C 237 -14.85 7.16 -5.81
N ALA C 238 -13.94 8.01 -5.34
CA ALA C 238 -12.54 7.94 -5.74
C ALA C 238 -11.61 7.63 -4.57
N ILE C 239 -12.15 7.07 -3.49
CA ILE C 239 -11.32 6.71 -2.34
C ILE C 239 -11.59 5.27 -1.94
N PHE C 240 -12.27 4.52 -2.78
CA PHE C 240 -12.55 3.12 -2.47
C PHE C 240 -12.11 2.16 -3.56
N GLU C 241 -12.20 2.57 -4.82
CA GLU C 241 -11.74 1.70 -5.90
C GLU C 241 -10.25 1.38 -5.84
N PRO C 242 -9.34 2.32 -5.58
CA PRO C 242 -7.92 1.95 -5.50
C PRO C 242 -7.59 0.97 -4.39
N LEU C 243 -8.44 0.85 -3.37
CA LEU C 243 -8.21 -0.04 -2.25
C LEU C 243 -8.95 -1.36 -2.38
N TRP C 244 -9.25 -1.78 -3.61
CA TRP C 244 -10.04 -2.97 -3.88
C TRP C 244 -9.28 -3.83 -4.87
N ASN C 245 -8.33 -4.60 -4.39
CA ASN C 245 -7.54 -5.50 -5.24
C ASN C 245 -6.75 -6.45 -4.34
N ARG C 246 -5.82 -7.17 -4.95
CA ARG C 246 -5.13 -8.26 -4.26
C ARG C 246 -4.20 -7.76 -3.17
N GLN C 247 -3.71 -6.52 -3.29
CA GLN C 247 -2.69 -6.04 -2.36
C GLN C 247 -3.27 -5.77 -0.97
N PHE C 248 -4.22 -4.85 -0.87
CA PHE C 248 -4.74 -4.44 0.44
C PHE C 248 -6.02 -5.20 0.81
N VAL C 249 -6.03 -6.52 0.77
CA VAL C 249 -7.18 -7.30 1.22
C VAL C 249 -6.67 -8.64 1.71
N ASP C 250 -7.27 -9.15 2.79
CA ASP C 250 -6.89 -10.43 3.36
C ASP C 250 -7.89 -11.54 3.05
N HIS C 251 -9.19 -11.29 3.23
CA HIS C 251 -10.24 -12.23 2.86
C HIS C 251 -11.56 -11.50 3.01
N VAL C 252 -12.64 -12.12 2.54
CA VAL C 252 -13.97 -11.56 2.70
C VAL C 252 -14.90 -12.65 3.21
N GLN C 253 -15.96 -12.23 3.91
CA GLN C 253 -16.93 -13.17 4.46
C GLN C 253 -18.34 -12.69 4.15
N ILE C 254 -19.20 -13.62 3.79
CA ILE C 254 -20.61 -13.33 3.53
C ILE C 254 -21.45 -14.30 4.36
N THR C 255 -22.36 -13.76 5.16
CA THR C 255 -23.20 -14.59 6.00
C THR C 255 -24.66 -14.23 5.77
N VAL C 256 -25.51 -15.26 5.71
CA VAL C 256 -26.95 -15.10 5.63
C VAL C 256 -27.57 -16.03 6.65
N ALA C 257 -28.12 -15.48 7.72
CA ALA C 257 -28.60 -16.26 8.85
C ALA C 257 -30.07 -15.97 9.09
N GLU C 258 -30.86 -17.01 9.22
CA GLU C 258 -32.29 -16.91 9.51
C GLU C 258 -32.53 -17.38 10.94
N THR C 259 -33.80 -17.38 11.34
CA THR C 259 -34.14 -17.81 12.69
C THR C 259 -35.29 -18.80 12.71
N VAL C 260 -36.18 -18.72 11.72
CA VAL C 260 -37.37 -19.57 11.72
C VAL C 260 -36.98 -21.00 11.38
N GLY C 261 -37.84 -21.93 11.79
CA GLY C 261 -37.60 -23.34 11.55
C GLY C 261 -38.00 -23.76 10.15
N VAL C 262 -38.07 -25.08 9.96
CA VAL C 262 -38.46 -25.60 8.66
C VAL C 262 -39.93 -25.35 8.38
N GLU C 263 -40.72 -25.06 9.40
CA GLU C 263 -42.16 -24.83 9.28
C GLU C 263 -42.87 -26.02 8.64
N GLU C 264 -44.00 -25.77 7.99
CA GLU C 264 -44.82 -26.86 7.46
C GLU C 264 -44.42 -27.30 6.07
N ARG C 265 -43.44 -26.65 5.43
CA ARG C 265 -43.01 -27.04 4.10
C ARG C 265 -42.09 -28.25 4.17
N ALA C 266 -42.52 -29.30 4.86
CA ALA C 266 -41.65 -30.44 5.15
C ALA C 266 -41.25 -31.17 3.88
N GLY C 267 -42.22 -31.54 3.05
CA GLY C 267 -41.91 -32.26 1.84
C GLY C 267 -41.05 -31.45 0.89
N TYR C 268 -41.37 -30.17 0.73
CA TYR C 268 -40.57 -29.31 -0.14
C TYR C 268 -39.13 -29.23 0.34
N TYR C 269 -38.93 -29.02 1.65
CA TYR C 269 -37.58 -28.93 2.16
C TYR C 269 -36.84 -30.25 2.01
N GLU C 270 -37.51 -31.37 2.27
CA GLU C 270 -36.87 -32.67 2.13
C GLU C 270 -36.40 -32.89 0.71
N SER C 271 -37.23 -32.51 -0.27
CA SER C 271 -36.82 -32.70 -1.66
C SER C 271 -35.76 -31.71 -2.10
N ALA C 272 -35.73 -30.51 -1.50
CA ALA C 272 -34.84 -29.46 -2.00
C ALA C 272 -33.47 -29.46 -1.32
N GLY C 273 -33.44 -29.30 0.00
CA GLY C 273 -32.18 -29.21 0.70
C GLY C 273 -31.65 -27.79 0.76
N ALA C 274 -31.12 -27.41 1.93
CA ALA C 274 -30.65 -26.06 2.22
C ALA C 274 -29.43 -25.69 1.46
N LEU C 275 -28.90 -26.51 0.55
CA LEU C 275 -27.91 -26.03 -0.40
C LEU C 275 -28.59 -25.42 -1.62
N ARG C 276 -29.42 -26.21 -2.31
CA ARG C 276 -30.19 -25.67 -3.44
C ARG C 276 -31.08 -24.52 -3.01
N ASP C 277 -31.56 -24.54 -1.78
CA ASP C 277 -32.52 -23.52 -1.36
C ASP C 277 -31.91 -22.12 -1.37
N MET C 278 -30.69 -21.99 -0.87
CA MET C 278 -30.15 -20.64 -0.68
C MET C 278 -28.82 -20.43 -1.39
N VAL C 279 -27.91 -21.41 -1.31
CA VAL C 279 -26.54 -21.16 -1.73
C VAL C 279 -26.38 -21.10 -3.24
N GLN C 280 -27.32 -21.63 -4.00
CA GLN C 280 -27.23 -21.54 -5.45
C GLN C 280 -27.63 -20.16 -5.98
N ASN C 281 -28.64 -19.53 -5.41
CA ASN C 281 -29.11 -18.24 -5.92
C ASN C 281 -28.65 -17.05 -5.07
N HIS C 282 -29.01 -17.01 -3.80
CA HIS C 282 -28.85 -15.78 -3.03
C HIS C 282 -27.38 -15.45 -2.82
N LEU C 283 -26.64 -16.37 -2.19
CA LEU C 283 -25.24 -16.11 -1.91
C LEU C 283 -24.45 -15.92 -3.20
N MET C 284 -24.81 -16.64 -4.25
CA MET C 284 -24.09 -16.48 -5.50
C MET C 284 -24.28 -15.08 -6.07
N GLN C 285 -25.51 -14.54 -5.99
CA GLN C 285 -25.73 -13.18 -6.43
C GLN C 285 -24.93 -12.19 -5.59
N LEU C 286 -24.92 -12.38 -4.27
CA LEU C 286 -24.18 -11.46 -3.41
C LEU C 286 -22.69 -11.49 -3.72
N PHE C 287 -22.14 -12.68 -3.94
CA PHE C 287 -20.72 -12.80 -4.23
C PHE C 287 -20.38 -12.19 -5.58
N CYS C 288 -21.24 -12.41 -6.59
CA CYS C 288 -21.00 -11.79 -7.89
C CYS C 288 -21.00 -10.28 -7.80
N LEU C 289 -21.91 -9.71 -7.01
CA LEU C 289 -21.94 -8.25 -6.88
C LEU C 289 -20.77 -7.74 -6.05
N THR C 290 -20.23 -8.56 -5.14
CA THR C 290 -19.11 -8.12 -4.34
C THR C 290 -17.79 -8.15 -5.13
N ALA C 291 -17.63 -9.11 -6.04
CA ALA C 291 -16.33 -9.25 -6.69
C ALA C 291 -16.38 -9.04 -8.20
N MET C 292 -17.02 -7.96 -8.65
CA MET C 292 -17.25 -7.69 -10.05
C MET C 292 -16.39 -6.53 -10.54
N ASP C 293 -15.92 -6.61 -11.78
CA ASP C 293 -15.16 -5.53 -12.42
C ASP C 293 -16.09 -4.40 -12.85
N PRO C 294 -15.58 -3.17 -12.88
CA PRO C 294 -16.45 -2.02 -13.20
C PRO C 294 -17.00 -2.13 -14.62
N PRO C 295 -18.24 -1.71 -14.84
CA PRO C 295 -18.80 -1.77 -16.19
C PRO C 295 -18.56 -0.50 -16.95
N ASN C 296 -19.08 -0.43 -18.16
CA ASN C 296 -18.92 0.74 -19.04
C ASN C 296 -20.29 1.12 -19.58
N ALA C 297 -20.79 2.30 -19.19
CA ALA C 297 -22.08 2.81 -19.64
C ALA C 297 -23.19 1.81 -19.30
N ILE C 298 -23.42 1.69 -17.99
CA ILE C 298 -24.31 0.66 -17.47
C ILE C 298 -25.66 0.70 -18.16
N ASP C 299 -26.16 -0.48 -18.51
CA ASP C 299 -27.50 -0.66 -19.08
C ASP C 299 -27.95 -2.08 -18.69
N ALA C 300 -28.96 -2.59 -19.39
CA ALA C 300 -29.52 -3.88 -19.01
C ALA C 300 -28.59 -5.04 -19.29
N ASP C 301 -27.57 -4.87 -20.15
CA ASP C 301 -26.78 -5.99 -20.62
C ASP C 301 -25.33 -5.99 -20.14
N SER C 302 -24.71 -4.81 -20.01
CA SER C 302 -23.31 -4.78 -19.60
C SER C 302 -23.12 -5.36 -18.22
N ILE C 303 -24.05 -5.08 -17.30
CA ILE C 303 -23.93 -5.61 -15.94
C ILE C 303 -23.96 -7.13 -15.95
N ARG C 304 -24.90 -7.70 -16.71
CA ARG C 304 -24.99 -9.16 -16.75
C ARG C 304 -23.78 -9.77 -17.42
N ASN C 305 -23.23 -9.11 -18.45
CA ASN C 305 -22.02 -9.61 -19.08
C ASN C 305 -20.86 -9.64 -18.09
N GLU C 306 -20.71 -8.58 -17.30
CA GLU C 306 -19.64 -8.55 -16.31
C GLU C 306 -19.83 -9.63 -15.25
N LYS C 307 -21.07 -9.82 -14.80
CA LYS C 307 -21.32 -10.86 -13.81
C LYS C 307 -20.95 -12.23 -14.34
N VAL C 308 -21.33 -12.53 -15.59
CA VAL C 308 -20.98 -13.83 -16.17
C VAL C 308 -19.47 -13.98 -16.29
N LYS C 309 -18.79 -12.92 -16.73
CA LYS C 309 -17.35 -13.00 -16.88
C LYS C 309 -16.67 -13.30 -15.55
N VAL C 310 -17.12 -12.64 -14.47
CA VAL C 310 -16.54 -12.92 -13.16
C VAL C 310 -16.82 -14.37 -12.76
N LEU C 311 -18.06 -14.81 -12.93
CA LEU C 311 -18.42 -16.16 -12.49
C LEU C 311 -17.71 -17.24 -13.28
N GLN C 312 -17.21 -16.94 -14.47
CA GLN C 312 -16.59 -17.99 -15.27
C GLN C 312 -15.22 -18.42 -14.76
N ALA C 313 -14.66 -17.73 -13.76
CA ALA C 313 -13.32 -18.02 -13.30
C ALA C 313 -13.29 -18.22 -11.78
N THR C 314 -14.23 -19.01 -11.26
CA THR C 314 -14.23 -19.36 -9.85
C THR C 314 -14.22 -20.88 -9.71
N ARG C 315 -13.74 -21.33 -8.56
CA ARG C 315 -13.62 -22.76 -8.29
C ARG C 315 -13.58 -22.97 -6.79
N LEU C 316 -13.90 -24.18 -6.36
CA LEU C 316 -13.83 -24.49 -4.94
C LEU C 316 -12.37 -24.53 -4.49
N ALA C 317 -12.19 -24.71 -3.18
CA ALA C 317 -10.84 -24.72 -2.63
C ALA C 317 -10.02 -25.88 -3.19
N ASP C 318 -10.58 -27.09 -3.15
CA ASP C 318 -9.96 -28.26 -3.76
C ASP C 318 -11.03 -29.29 -4.05
N ILE C 319 -10.72 -30.21 -4.94
CA ILE C 319 -11.65 -31.26 -5.32
C ILE C 319 -11.15 -32.65 -4.96
N ASN C 320 -9.88 -32.81 -4.61
CA ASN C 320 -9.38 -34.10 -4.17
C ASN C 320 -10.08 -34.56 -2.90
N ASN C 321 -9.94 -33.80 -1.82
CA ASN C 321 -10.59 -34.09 -0.55
C ASN C 321 -11.57 -32.97 -0.26
N LEU C 322 -12.84 -33.32 -0.01
CA LEU C 322 -13.89 -32.34 0.20
C LEU C 322 -14.11 -32.01 1.65
N GLU C 323 -13.12 -32.25 2.51
CA GLU C 323 -13.23 -31.88 3.91
C GLU C 323 -12.54 -30.55 4.21
N ASN C 324 -12.06 -29.86 3.17
CA ASN C 324 -11.48 -28.54 3.32
C ASN C 324 -12.27 -27.46 2.60
N ALA C 325 -13.39 -27.81 1.97
CA ALA C 325 -14.17 -26.84 1.25
C ALA C 325 -15.67 -27.07 1.41
N GLY C 326 -16.10 -27.61 2.55
CA GLY C 326 -17.52 -27.75 2.79
C GLY C 326 -17.87 -28.64 3.97
N ILE C 327 -18.83 -28.21 4.77
CA ILE C 327 -19.25 -28.94 5.97
C ILE C 327 -20.74 -28.74 6.14
N ARG C 328 -21.48 -29.83 6.29
CA ARG C 328 -22.92 -29.78 6.46
C ARG C 328 -23.29 -29.90 7.93
N GLY C 329 -24.59 -29.96 8.21
CA GLY C 329 -25.03 -30.12 9.58
C GLY C 329 -26.49 -29.86 9.83
N GLN C 330 -27.12 -30.68 10.66
CA GLN C 330 -28.52 -30.55 11.03
C GLN C 330 -28.65 -29.88 12.39
N TYR C 331 -29.87 -29.44 12.71
CA TYR C 331 -30.15 -28.77 13.97
C TYR C 331 -31.06 -29.64 14.84
N LYS C 332 -30.77 -29.67 16.13
CA LYS C 332 -31.48 -30.52 17.08
C LYS C 332 -32.16 -29.66 18.14
N ALA C 333 -32.69 -30.32 19.17
CA ALA C 333 -33.47 -29.64 20.19
C ALA C 333 -32.62 -28.63 20.95
N GLY C 334 -33.25 -27.55 21.38
CA GLY C 334 -32.56 -26.50 22.09
C GLY C 334 -33.51 -25.49 22.70
N TRP C 335 -32.97 -24.32 23.01
CA TRP C 335 -33.74 -23.23 23.61
C TRP C 335 -33.77 -22.05 22.64
N MET C 336 -34.96 -21.48 22.45
CA MET C 336 -35.13 -20.37 21.53
C MET C 336 -36.15 -19.40 22.11
N GLY C 337 -35.71 -18.17 22.38
CA GLY C 337 -36.61 -17.15 22.90
C GLY C 337 -37.24 -17.47 24.23
N GLY C 338 -36.50 -18.15 25.11
CA GLY C 338 -37.02 -18.51 26.42
C GLY C 338 -37.91 -19.72 26.44
N LYS C 339 -38.09 -20.42 25.33
CA LYS C 339 -38.95 -21.58 25.26
C LYS C 339 -38.23 -22.72 24.55
N PRO C 340 -38.58 -23.97 24.88
CA PRO C 340 -38.00 -25.11 24.18
C PRO C 340 -38.46 -25.18 22.73
N VAL C 341 -37.61 -25.79 21.91
CA VAL C 341 -37.91 -25.97 20.49
C VAL C 341 -37.58 -27.40 20.08
N PRO C 342 -38.46 -28.08 19.36
CA PRO C 342 -38.18 -29.47 18.96
C PRO C 342 -37.07 -29.54 17.91
N GLY C 343 -36.43 -30.71 17.86
CA GLY C 343 -35.39 -30.94 16.89
C GLY C 343 -35.94 -31.26 15.51
N TYR C 344 -35.02 -31.39 14.55
CA TYR C 344 -35.43 -31.59 13.16
C TYR C 344 -36.07 -32.94 12.96
N ARG C 345 -35.44 -34.01 13.42
CA ARG C 345 -36.03 -35.33 13.22
C ARG C 345 -37.03 -35.60 14.33
N GLU C 346 -37.89 -34.62 14.61
CA GLU C 346 -39.03 -34.81 15.50
C GLU C 346 -40.26 -34.03 15.04
N GLU C 347 -40.20 -33.36 13.91
CA GLU C 347 -41.25 -32.50 13.38
C GLU C 347 -42.15 -33.29 12.45
N PRO C 348 -43.36 -32.78 12.18
CA PRO C 348 -44.24 -33.48 11.23
C PRO C 348 -43.62 -33.53 9.84
N GLY C 349 -43.92 -34.61 9.13
CA GLY C 349 -43.45 -34.78 7.76
C GLY C 349 -42.12 -35.48 7.57
N VAL C 350 -41.10 -35.05 8.29
CA VAL C 350 -39.76 -35.61 8.13
C VAL C 350 -39.68 -36.97 8.81
N ASP C 351 -39.06 -37.93 8.13
CA ASP C 351 -38.83 -39.24 8.71
C ASP C 351 -37.76 -39.15 9.79
N PRO C 352 -37.73 -40.10 10.72
CA PRO C 352 -36.75 -40.04 11.81
C PRO C 352 -35.34 -40.46 11.42
N SER C 353 -35.03 -40.54 10.13
CA SER C 353 -33.68 -40.88 9.70
C SER C 353 -33.24 -40.04 8.51
N SER C 354 -33.73 -38.82 8.39
CA SER C 354 -33.36 -37.97 7.27
C SER C 354 -31.92 -37.48 7.41
N THR C 355 -31.33 -37.12 6.27
CA THR C 355 -29.99 -36.54 6.25
C THR C 355 -29.94 -35.23 5.47
N THR C 356 -31.04 -34.52 5.38
CA THR C 356 -31.06 -33.27 4.62
C THR C 356 -30.29 -32.19 5.37
N PRO C 357 -29.34 -31.52 4.73
CA PRO C 357 -28.59 -30.47 5.42
C PRO C 357 -29.47 -29.27 5.74
N THR C 358 -29.05 -28.52 6.77
CA THR C 358 -29.67 -27.24 7.08
C THR C 358 -28.61 -26.18 7.39
N PHE C 359 -27.38 -26.39 6.95
CA PHE C 359 -26.28 -25.45 7.17
C PHE C 359 -25.15 -25.80 6.21
N ALA C 360 -24.72 -24.85 5.39
CA ALA C 360 -23.69 -25.13 4.40
C ALA C 360 -22.62 -24.05 4.44
N ALA C 361 -21.37 -24.47 4.55
CA ALA C 361 -20.22 -23.57 4.49
C ALA C 361 -19.35 -23.95 3.30
N LEU C 362 -18.74 -22.95 2.68
CA LEU C 362 -17.93 -23.17 1.50
C LEU C 362 -16.69 -22.28 1.57
N LYS C 363 -15.84 -22.39 0.55
CA LYS C 363 -14.67 -21.51 0.46
C LYS C 363 -14.33 -21.39 -1.03
N LEU C 364 -14.83 -20.33 -1.66
CA LEU C 364 -14.55 -20.12 -3.07
C LEU C 364 -13.19 -19.45 -3.24
N MET C 365 -12.76 -19.30 -4.49
CA MET C 365 -11.46 -18.70 -4.76
C MET C 365 -11.44 -18.22 -6.20
N VAL C 366 -11.40 -16.92 -6.41
CA VAL C 366 -11.45 -16.33 -7.74
C VAL C 366 -10.04 -16.20 -8.28
N ASP C 367 -9.87 -16.52 -9.56
CA ASP C 367 -8.54 -16.66 -10.17
C ASP C 367 -8.33 -15.73 -11.35
N ASN C 368 -8.87 -14.52 -11.30
CA ASN C 368 -8.65 -13.58 -12.39
C ASN C 368 -7.44 -12.69 -12.06
N TRP C 369 -7.25 -11.61 -12.81
CA TRP C 369 -6.02 -10.84 -12.76
C TRP C 369 -5.90 -9.94 -11.54
N ARG C 370 -6.94 -9.80 -10.72
CA ARG C 370 -6.89 -8.87 -9.62
C ARG C 370 -7.30 -9.46 -8.27
N TRP C 371 -7.82 -10.67 -8.23
CA TRP C 371 -8.22 -11.31 -6.98
C TRP C 371 -7.45 -12.60 -6.75
N GLN C 372 -6.21 -12.67 -7.21
CA GLN C 372 -5.45 -13.91 -7.12
C GLN C 372 -5.01 -14.19 -5.69
N GLY C 373 -5.33 -15.38 -5.20
CA GLY C 373 -4.92 -15.76 -3.86
C GLY C 373 -5.59 -14.98 -2.74
N VAL C 374 -6.88 -14.74 -2.84
CA VAL C 374 -7.65 -14.07 -1.79
C VAL C 374 -8.96 -14.83 -1.62
N PRO C 375 -9.14 -15.56 -0.54
CA PRO C 375 -10.25 -16.51 -0.43
C PRO C 375 -11.54 -15.90 0.08
N PHE C 376 -12.65 -16.45 -0.41
CA PHE C 376 -13.99 -15.99 -0.09
C PHE C 376 -14.69 -17.05 0.74
N TYR C 377 -15.34 -16.66 1.83
CA TYR C 377 -16.05 -17.58 2.69
C TYR C 377 -17.55 -17.32 2.62
N LEU C 378 -18.35 -18.38 2.71
CA LEU C 378 -19.80 -18.27 2.62
C LEU C 378 -20.45 -19.23 3.58
N ARG C 379 -21.53 -18.81 4.23
CA ARG C 379 -22.23 -19.73 5.14
C ARG C 379 -23.66 -19.26 5.35
N THR C 380 -24.62 -20.12 5.03
CA THR C 380 -26.02 -19.90 5.34
C THR C 380 -26.33 -20.56 6.69
N GLY C 381 -27.60 -20.75 7.02
CA GLY C 381 -27.93 -21.46 8.23
C GLY C 381 -29.42 -21.42 8.50
N LYS C 382 -29.78 -22.03 9.64
CA LYS C 382 -31.14 -22.01 10.13
C LYS C 382 -31.11 -22.17 11.65
N ARG C 383 -32.14 -21.66 12.30
CA ARG C 383 -32.27 -21.68 13.75
C ARG C 383 -31.07 -21.04 14.45
N MET C 384 -30.53 -19.99 13.84
CA MET C 384 -29.45 -19.21 14.42
C MET C 384 -29.99 -18.20 15.42
N PRO C 385 -29.15 -17.67 16.31
CA PRO C 385 -29.66 -16.78 17.36
C PRO C 385 -30.37 -15.53 16.85
N LYS C 386 -29.93 -14.93 15.75
CA LYS C 386 -30.57 -13.70 15.30
C LYS C 386 -30.48 -13.58 13.80
N LYS C 387 -31.31 -12.71 13.24
CA LYS C 387 -31.46 -12.57 11.79
C LYS C 387 -30.60 -11.40 11.31
N VAL C 388 -29.55 -11.70 10.55
CA VAL C 388 -28.58 -10.70 10.12
C VAL C 388 -28.01 -11.16 8.77
N SER C 389 -27.71 -10.19 7.91
CA SER C 389 -26.93 -10.43 6.70
C SER C 389 -25.82 -9.39 6.61
N GLU C 390 -24.66 -9.77 6.09
CA GLU C 390 -23.50 -8.90 6.18
C GLU C 390 -22.51 -9.22 5.08
N ILE C 391 -21.58 -8.29 4.85
CA ILE C 391 -20.44 -8.48 3.96
C ILE C 391 -19.23 -7.79 4.56
N ALA C 392 -18.25 -8.53 5.05
CA ALA C 392 -17.12 -7.96 5.77
C ALA C 392 -15.84 -8.15 4.99
N ILE C 393 -15.09 -7.07 4.80
CA ILE C 393 -13.82 -7.07 4.09
C ILE C 393 -12.73 -6.66 5.05
N GLN C 394 -11.68 -7.47 5.15
CA GLN C 394 -10.62 -7.26 6.14
C GLN C 394 -9.33 -6.90 5.45
N PHE C 395 -8.75 -5.76 5.81
CA PHE C 395 -7.53 -5.27 5.19
C PHE C 395 -6.30 -5.88 5.85
N ARG C 396 -5.16 -5.71 5.20
CA ARG C 396 -3.92 -6.31 5.66
C ARG C 396 -3.29 -5.47 6.77
N GLN C 397 -2.30 -6.05 7.45
CA GLN C 397 -1.60 -5.35 8.50
C GLN C 397 -0.65 -4.32 7.90
N VAL C 398 -0.21 -3.39 8.75
CA VAL C 398 0.74 -2.36 8.32
C VAL C 398 2.09 -3.01 8.04
N PRO C 399 2.86 -2.50 7.08
CA PRO C 399 4.18 -3.09 6.82
C PRO C 399 5.12 -3.02 8.02
N LEU C 400 5.03 -1.97 8.82
CA LEU C 400 5.89 -1.80 9.97
C LEU C 400 5.04 -1.46 11.19
N LEU C 401 5.46 -1.95 12.36
CA LEU C 401 4.73 -1.75 13.60
C LEU C 401 5.64 -1.02 14.57
N ILE C 402 5.24 0.18 14.99
CA ILE C 402 5.99 0.97 15.94
C ILE C 402 5.17 1.31 17.19
N PHE C 403 3.91 1.71 17.01
CA PHE C 403 3.06 2.04 18.15
C PHE C 403 2.55 0.78 18.81
N GLN C 404 2.67 0.73 20.14
CA GLN C 404 2.17 -0.40 20.89
C GLN C 404 0.69 -0.21 21.20
N SER C 405 0.00 -1.32 21.45
CA SER C 405 -1.40 -1.27 21.80
C SER C 405 -1.57 -0.89 23.27
N VAL C 406 -2.81 -0.62 23.65
CA VAL C 406 -3.11 -0.32 25.05
C VAL C 406 -3.44 -1.57 25.85
N ALA C 407 -3.76 -2.69 25.18
CA ALA C 407 -4.10 -3.91 25.89
C ALA C 407 -3.45 -5.12 25.24
N HIS C 408 -2.28 -4.92 24.63
CA HIS C 408 -1.54 -6.00 23.96
C HIS C 408 -2.41 -6.72 22.93
N GLN C 409 -3.36 -5.99 22.37
CA GLN C 409 -4.33 -6.55 21.44
C GLN C 409 -4.27 -5.74 20.15
N ALA C 410 -4.09 -6.44 19.03
CA ALA C 410 -3.98 -5.79 17.73
C ALA C 410 -5.09 -6.28 16.80
N ASN C 411 -5.71 -5.35 16.10
CA ASN C 411 -6.79 -5.67 15.19
C ASN C 411 -6.60 -4.96 13.87
N PRO C 412 -7.06 -5.56 12.77
CA PRO C 412 -6.98 -4.90 11.47
C PRO C 412 -8.26 -4.15 11.13
N ASN C 413 -8.11 -3.17 10.25
CA ASN C 413 -9.25 -2.37 9.81
C ASN C 413 -10.21 -3.23 9.01
N VAL C 414 -11.50 -3.02 9.24
CA VAL C 414 -12.55 -3.84 8.63
C VAL C 414 -13.64 -2.94 8.10
N LEU C 415 -14.08 -3.20 6.88
CA LEU C 415 -15.22 -2.52 6.30
C LEU C 415 -16.39 -3.49 6.22
N SER C 416 -17.59 -3.03 6.57
CA SER C 416 -18.77 -3.89 6.51
C SER C 416 -19.92 -3.13 5.89
N LEU C 417 -20.86 -3.87 5.31
CA LEU C 417 -22.04 -3.28 4.66
C LEU C 417 -23.25 -4.11 5.07
N ARG C 418 -23.89 -3.74 6.18
CA ARG C 418 -25.07 -4.49 6.61
C ARG C 418 -26.16 -4.44 5.55
N ILE C 419 -27.06 -5.42 5.59
CA ILE C 419 -28.14 -5.51 4.62
C ILE C 419 -29.52 -5.57 5.26
N GLN C 420 -29.83 -6.60 6.04
CA GLN C 420 -31.20 -6.84 6.42
C GLN C 420 -31.73 -5.95 7.55
N PRO C 421 -31.10 -5.92 8.73
CA PRO C 421 -31.75 -5.25 9.87
C PRO C 421 -31.89 -3.74 9.71
N ASN C 422 -30.80 -3.03 9.46
CA ASN C 422 -30.84 -1.58 9.31
C ASN C 422 -29.72 -1.20 8.36
N GLU C 423 -30.06 -1.01 7.09
CA GLU C 423 -29.05 -0.88 6.04
C GLU C 423 -28.13 0.30 6.30
N GLY C 424 -26.83 0.09 6.09
CA GLY C 424 -25.87 1.14 6.34
C GLY C 424 -24.48 0.69 5.96
N ILE C 425 -23.52 1.59 6.16
CA ILE C 425 -22.10 1.34 5.90
C ILE C 425 -21.33 1.67 7.16
N SER C 426 -20.39 0.82 7.55
CA SER C 426 -19.60 1.03 8.76
C SER C 426 -18.13 0.81 8.47
N LEU C 427 -17.28 1.41 9.31
CA LEU C 427 -15.83 1.33 9.14
C LEU C 427 -15.19 1.47 10.51
N ARG C 428 -14.04 0.80 10.69
CA ARG C 428 -13.35 0.78 11.97
C ARG C 428 -11.87 1.09 11.79
N PHE C 429 -11.32 1.89 12.71
CA PHE C 429 -9.92 2.29 12.66
C PHE C 429 -9.44 2.61 14.06
N GLU C 430 -8.13 2.78 14.22
CA GLU C 430 -7.51 3.03 15.51
C GLU C 430 -7.29 4.52 15.77
N ALA C 431 -7.21 4.86 17.05
CA ALA C 431 -6.91 6.22 17.48
C ALA C 431 -6.32 6.15 18.89
N LYS C 432 -5.67 7.23 19.30
CA LYS C 432 -4.87 7.22 20.52
C LYS C 432 -5.74 7.34 21.77
N MET C 433 -5.37 6.59 22.79
CA MET C 433 -6.07 6.62 24.07
C MET C 433 -5.65 7.86 24.84
N PRO C 434 -6.57 8.76 25.19
CA PRO C 434 -6.17 9.99 25.90
C PRO C 434 -5.45 9.69 27.20
N GLY C 435 -4.42 10.48 27.48
CA GLY C 435 -3.62 10.28 28.67
C GLY C 435 -2.26 10.95 28.58
N SER C 436 -1.20 10.22 28.91
CA SER C 436 0.15 10.76 28.91
C SER C 436 1.12 9.98 28.03
N GLU C 437 0.86 8.70 27.77
CA GLU C 437 1.71 7.86 26.94
C GLU C 437 1.03 7.64 25.58
N LEU C 438 1.70 6.88 24.72
CA LEU C 438 1.25 6.66 23.35
C LEU C 438 0.78 5.21 23.21
N ARG C 439 -0.54 5.02 23.24
CA ARG C 439 -1.15 3.73 23.00
C ARG C 439 -2.39 3.93 22.14
N THR C 440 -2.80 2.88 21.44
CA THR C 440 -3.92 2.92 20.53
C THR C 440 -5.06 2.03 21.04
N ARG C 441 -6.29 2.45 20.76
CA ARG C 441 -7.47 1.66 21.09
C ARG C 441 -8.43 1.70 19.91
N THR C 442 -9.14 0.59 19.71
CA THR C 442 -10.01 0.47 18.53
C THR C 442 -11.24 1.33 18.67
N VAL C 443 -11.69 1.88 17.54
CA VAL C 443 -12.87 2.74 17.48
C VAL C 443 -13.49 2.61 16.09
N ASP C 444 -14.69 3.15 15.92
CA ASP C 444 -15.39 2.98 14.65
C ASP C 444 -16.28 4.18 14.36
N MET C 445 -16.54 4.39 13.08
CA MET C 445 -17.50 5.37 12.60
C MET C 445 -18.77 4.65 12.14
N ASP C 446 -19.72 5.41 11.60
CA ASP C 446 -21.04 4.84 11.37
C ASP C 446 -21.79 5.65 10.34
N PHE C 447 -22.80 5.03 9.74
CA PHE C 447 -23.73 5.70 8.84
C PHE C 447 -24.96 4.84 8.59
N SER C 448 -26.15 5.39 8.83
CA SER C 448 -27.39 4.64 8.68
C SER C 448 -28.32 5.38 7.73
N TYR C 449 -29.05 4.61 6.91
CA TYR C 449 -29.94 5.23 5.93
C TYR C 449 -31.18 5.82 6.59
N GLY C 450 -31.68 5.17 7.63
CA GLY C 450 -32.93 5.59 8.24
C GLY C 450 -32.84 6.86 9.07
N SER C 451 -31.63 7.33 9.38
CA SER C 451 -31.46 8.57 10.11
C SER C 451 -31.05 9.74 9.23
N SER C 452 -30.67 9.49 7.97
CA SER C 452 -30.28 10.54 7.06
C SER C 452 -31.26 10.68 5.89
N PHE C 453 -31.52 9.59 5.16
CA PHE C 453 -32.42 9.67 4.01
C PHE C 453 -33.88 9.60 4.44
N GLY C 454 -34.26 8.50 5.07
CA GLY C 454 -35.64 8.30 5.47
C GLY C 454 -35.92 6.82 5.64
N VAL C 455 -37.22 6.51 5.71
CA VAL C 455 -37.70 5.15 5.89
C VAL C 455 -38.43 4.73 4.63
N ALA C 456 -38.04 3.59 4.07
CA ALA C 456 -38.65 3.04 2.86
C ALA C 456 -39.35 1.73 3.20
N ALA C 457 -40.59 1.58 2.72
CA ALA C 457 -41.39 0.39 2.96
C ALA C 457 -41.73 -0.31 1.65
N ALA C 458 -40.84 -0.25 0.67
CA ALA C 458 -41.10 -0.81 -0.64
C ALA C 458 -41.21 -2.33 -0.57
N ASP C 459 -42.06 -2.89 -1.43
CA ASP C 459 -42.27 -4.32 -1.54
C ASP C 459 -41.59 -4.83 -2.80
N ALA C 460 -40.76 -5.87 -2.65
CA ALA C 460 -39.99 -6.38 -3.78
C ALA C 460 -40.90 -6.93 -4.87
N TYR C 461 -41.97 -7.63 -4.47
CA TYR C 461 -42.87 -8.22 -5.46
C TYR C 461 -43.51 -7.16 -6.33
N HIS C 462 -43.86 -6.02 -5.74
CA HIS C 462 -44.49 -4.95 -6.50
C HIS C 462 -43.56 -4.45 -7.61
N ARG C 463 -42.33 -4.13 -7.24
CA ARG C 463 -41.36 -3.64 -8.23
C ARG C 463 -41.08 -4.71 -9.28
N LEU C 464 -40.99 -5.98 -8.86
CA LEU C 464 -40.73 -7.06 -9.79
C LEU C 464 -41.85 -7.17 -10.82
N LEU C 465 -43.10 -7.15 -10.37
CA LEU C 465 -44.22 -7.27 -11.29
C LEU C 465 -44.31 -6.07 -12.21
N LEU C 466 -44.05 -4.87 -11.70
CA LEU C 466 -44.04 -3.69 -12.56
C LEU C 466 -42.97 -3.79 -13.63
N ASP C 467 -41.77 -4.25 -13.26
CA ASP C 467 -40.71 -4.41 -14.25
C ASP C 467 -41.09 -5.47 -15.28
N CYS C 468 -41.70 -6.57 -14.84
CA CYS C 468 -42.11 -7.61 -15.77
C CYS C 468 -43.14 -7.08 -16.77
N MET C 469 -44.12 -6.32 -16.28
CA MET C 469 -45.14 -5.76 -17.17
C MET C 469 -44.51 -4.80 -18.16
N LEU C 470 -43.60 -3.94 -17.70
CA LEU C 470 -42.93 -3.01 -18.61
C LEU C 470 -41.83 -3.71 -19.40
N GLY C 471 -40.83 -4.24 -18.69
CA GLY C 471 -39.72 -4.93 -19.29
C GLY C 471 -38.46 -4.09 -19.35
N ASP C 472 -37.63 -4.23 -18.33
CA ASP C 472 -36.32 -3.59 -18.25
C ASP C 472 -35.33 -4.56 -17.63
N GLN C 473 -35.33 -5.80 -18.13
CA GLN C 473 -34.69 -6.91 -17.44
C GLN C 473 -33.24 -6.60 -17.08
N THR C 474 -32.98 -6.46 -15.79
CA THR C 474 -31.63 -6.28 -15.27
C THR C 474 -31.41 -7.23 -14.10
N LEU C 475 -32.48 -7.54 -13.38
CA LEU C 475 -32.43 -8.41 -12.21
C LEU C 475 -32.79 -9.85 -12.53
N PHE C 476 -32.87 -10.20 -13.80
CA PHE C 476 -33.22 -11.55 -14.22
C PHE C 476 -32.01 -12.22 -14.86
N THR C 477 -31.86 -13.51 -14.59
CA THR C 477 -30.69 -14.25 -15.05
C THR C 477 -30.76 -14.55 -16.55
N ARG C 478 -29.60 -14.75 -17.16
CA ARG C 478 -29.48 -15.03 -18.58
C ARG C 478 -29.33 -16.52 -18.88
N ALA C 479 -29.41 -17.36 -17.86
CA ALA C 479 -29.28 -18.82 -17.92
C ALA C 479 -27.85 -19.27 -18.18
N ASP C 480 -27.01 -18.34 -18.63
CA ASP C 480 -25.58 -18.64 -18.70
C ASP C 480 -24.99 -18.66 -17.31
N GLU C 481 -25.32 -17.67 -16.48
CA GLU C 481 -24.92 -17.73 -15.10
C GLU C 481 -25.62 -18.86 -14.37
N VAL C 482 -26.79 -19.29 -14.84
CA VAL C 482 -27.44 -20.43 -14.24
C VAL C 482 -26.58 -21.69 -14.43
N GLU C 483 -26.17 -21.95 -15.67
CA GLU C 483 -25.30 -23.09 -15.93
C GLU C 483 -23.99 -22.97 -15.16
N GLU C 484 -23.43 -21.75 -15.11
CA GLU C 484 -22.16 -21.57 -14.41
C GLU C 484 -22.30 -21.86 -12.91
N ALA C 485 -23.35 -21.36 -12.28
CA ALA C 485 -23.54 -21.62 -10.86
C ALA C 485 -23.72 -23.10 -10.60
N TRP C 486 -24.49 -23.78 -11.45
CA TRP C 486 -24.67 -25.21 -11.25
C TRP C 486 -23.34 -25.94 -11.37
N ARG C 487 -22.51 -25.53 -12.34
CA ARG C 487 -21.19 -26.15 -12.47
C ARG C 487 -20.33 -25.90 -11.24
N VAL C 488 -20.39 -24.69 -10.68
CA VAL C 488 -19.58 -24.38 -9.50
C VAL C 488 -19.98 -25.25 -8.32
N VAL C 489 -21.28 -25.46 -8.13
CA VAL C 489 -21.73 -26.20 -6.94
C VAL C 489 -21.81 -27.71 -7.14
N THR C 490 -21.72 -28.20 -8.38
CA THR C 490 -21.97 -29.62 -8.64
C THR C 490 -21.14 -30.60 -7.81
N PRO C 491 -19.82 -30.43 -7.63
CA PRO C 491 -19.07 -31.47 -6.88
C PRO C 491 -19.59 -31.71 -5.47
N VAL C 492 -19.87 -30.63 -4.72
CA VAL C 492 -20.36 -30.79 -3.37
C VAL C 492 -21.73 -31.47 -3.38
N LEU C 493 -22.60 -31.08 -4.31
CA LEU C 493 -23.93 -31.67 -4.38
C LEU C 493 -23.84 -33.18 -4.65
N SER C 494 -23.01 -33.57 -5.60
CA SER C 494 -22.86 -35.00 -5.89
C SER C 494 -22.30 -35.74 -4.70
N ALA C 495 -21.32 -35.15 -4.01
CA ALA C 495 -20.73 -35.82 -2.86
C ALA C 495 -21.75 -35.99 -1.74
N TRP C 496 -22.55 -34.96 -1.47
CA TRP C 496 -23.50 -35.01 -0.38
C TRP C 496 -24.73 -35.85 -0.72
N ASP C 497 -24.98 -36.11 -2.00
CA ASP C 497 -26.05 -37.04 -2.39
C ASP C 497 -25.50 -38.46 -2.28
N ALA C 498 -25.49 -38.96 -1.06
CA ALA C 498 -24.80 -40.18 -0.67
C ALA C 498 -25.77 -41.15 -0.03
N PRO C 499 -25.34 -42.39 0.24
CA PRO C 499 -26.15 -43.28 1.08
C PRO C 499 -26.32 -42.70 2.48
N SER C 500 -27.14 -43.40 3.28
CA SER C 500 -27.70 -42.82 4.49
C SER C 500 -26.65 -42.40 5.51
N ASP C 501 -25.95 -43.37 6.10
CA ASP C 501 -25.06 -43.12 7.23
C ASP C 501 -25.75 -42.23 8.27
N PRO C 502 -26.83 -42.70 8.89
CA PRO C 502 -27.64 -41.80 9.73
C PRO C 502 -26.89 -41.19 10.89
N LEU C 503 -25.93 -41.91 11.47
CA LEU C 503 -25.22 -41.42 12.64
C LEU C 503 -23.96 -40.65 12.29
N SER C 504 -23.75 -40.34 11.01
CA SER C 504 -22.57 -39.62 10.54
C SER C 504 -22.90 -38.20 10.12
N MET C 505 -23.82 -37.55 10.83
CA MET C 505 -24.20 -36.18 10.55
C MET C 505 -23.95 -35.31 11.77
N PRO C 506 -23.14 -34.26 11.66
CA PRO C 506 -22.95 -33.36 12.80
C PRO C 506 -24.24 -32.62 13.15
N LEU C 507 -24.40 -32.32 14.43
CA LEU C 507 -25.57 -31.64 14.93
C LEU C 507 -25.16 -30.45 15.78
N TYR C 508 -25.88 -29.34 15.63
CA TYR C 508 -25.63 -28.14 16.40
C TYR C 508 -26.91 -27.74 17.10
N GLU C 509 -26.81 -27.45 18.40
CA GLU C 509 -28.00 -27.15 19.18
C GLU C 509 -28.66 -25.87 18.68
N ALA C 510 -29.99 -25.92 18.54
CA ALA C 510 -30.75 -24.78 18.03
C ALA C 510 -30.60 -23.57 18.94
N GLY C 511 -29.90 -22.55 18.47
CA GLY C 511 -29.59 -21.40 19.30
C GLY C 511 -28.12 -21.04 19.22
N THR C 512 -27.27 -22.03 18.98
CA THR C 512 -25.84 -21.79 18.82
C THR C 512 -25.59 -21.24 17.42
N TRP C 513 -24.32 -21.09 17.05
CA TRP C 513 -23.97 -20.49 15.78
C TRP C 513 -23.60 -21.49 14.70
N GLU C 514 -22.93 -22.57 15.03
CA GLU C 514 -22.46 -23.52 14.03
C GLU C 514 -21.90 -24.75 14.73
N PRO C 515 -21.87 -25.88 14.04
CA PRO C 515 -21.15 -27.04 14.56
C PRO C 515 -19.64 -26.80 14.56
N ALA C 516 -18.94 -27.55 15.41
CA ALA C 516 -17.53 -27.29 15.66
C ALA C 516 -16.65 -27.50 14.44
N GLU C 517 -17.10 -28.28 13.46
CA GLU C 517 -16.24 -28.56 12.31
C GLU C 517 -16.04 -27.33 11.44
N ALA C 518 -17.06 -26.50 11.27
CA ALA C 518 -16.87 -25.25 10.54
C ALA C 518 -15.89 -24.35 11.28
N GLU C 519 -16.00 -24.33 12.60
CA GLU C 519 -15.04 -23.60 13.42
C GLU C 519 -13.62 -24.07 13.12
N TRP C 520 -13.42 -25.38 13.06
CA TRP C 520 -12.10 -25.91 12.72
C TRP C 520 -11.69 -25.50 11.31
N LEU C 521 -12.65 -25.50 10.38
CA LEU C 521 -12.33 -25.12 9.01
C LEU C 521 -11.75 -23.72 8.94
N ILE C 522 -12.37 -22.78 9.64
CA ILE C 522 -11.87 -21.41 9.56
C ILE C 522 -10.57 -21.27 10.35
N ASN C 523 -10.45 -21.96 11.49
CA ASN C 523 -9.28 -21.76 12.34
C ASN C 523 -8.06 -22.57 11.91
N LYS C 524 -8.20 -23.46 10.93
CA LYS C 524 -7.02 -24.15 10.43
C LYS C 524 -6.03 -23.17 9.80
N ASP C 525 -6.53 -22.04 9.29
CA ASP C 525 -5.67 -21.05 8.64
C ASP C 525 -5.34 -19.86 9.51
N GLY C 526 -6.14 -19.55 10.52
CA GLY C 526 -5.80 -18.47 11.44
C GLY C 526 -6.92 -17.48 11.70
N ARG C 527 -7.71 -17.18 10.67
CA ARG C 527 -8.79 -16.21 10.84
C ARG C 527 -9.97 -16.87 11.54
N ARG C 528 -10.81 -16.04 12.15
CA ARG C 528 -11.94 -16.52 12.94
C ARG C 528 -13.24 -15.95 12.41
N TRP C 529 -14.30 -16.74 12.51
CA TRP C 529 -15.63 -16.30 12.08
C TRP C 529 -16.03 -15.06 12.85
N ARG C 530 -16.66 -14.11 12.16
CA ARG C 530 -17.09 -12.88 12.81
C ARG C 530 -18.26 -13.16 13.74
N ARG C 531 -18.05 -12.99 15.04
CA ARG C 531 -19.10 -13.21 16.02
C ARG C 531 -20.05 -12.01 15.97
N LEU C 532 -20.94 -12.06 14.99
CA LEU C 532 -21.88 -10.97 14.75
C LEU C 532 -22.77 -10.69 15.95
N ARG D 40 39.83 25.43 -12.28
CA ARG D 40 39.41 24.93 -10.98
C ARG D 40 40.58 24.30 -10.23
N THR D 41 41.79 24.68 -10.62
CA THR D 41 42.98 24.17 -9.96
C THR D 41 43.04 24.69 -8.52
N PRO D 42 43.31 23.84 -7.54
CA PRO D 42 43.31 24.30 -6.15
C PRO D 42 44.45 25.27 -5.87
N GLU D 43 44.28 26.03 -4.80
CA GLU D 43 45.27 27.01 -4.40
C GLU D 43 46.52 26.31 -3.86
N PRO D 44 47.68 26.95 -3.98
CA PRO D 44 48.92 26.32 -3.50
C PRO D 44 48.96 26.22 -1.98
N LEU D 45 49.75 25.27 -1.51
CA LEU D 45 49.89 24.97 -0.09
C LEU D 45 51.07 24.03 0.09
N ILE D 46 51.37 23.69 1.35
CA ILE D 46 52.51 22.84 1.66
C ILE D 46 52.03 21.58 2.35
N LEU D 47 52.72 20.47 2.06
CA LEU D 47 52.38 19.15 2.56
C LEU D 47 53.39 18.69 3.59
N THR D 48 52.90 18.07 4.65
CA THR D 48 53.74 17.37 5.61
C THR D 48 53.39 15.89 5.60
N ILE D 49 54.39 15.03 5.45
CA ILE D 49 54.15 13.60 5.33
C ILE D 49 54.72 12.89 6.55
N PHE D 50 53.88 12.71 7.56
CA PHE D 50 54.34 12.04 8.78
C PHE D 50 54.72 10.60 8.48
N GLY D 51 55.76 10.12 9.16
CA GLY D 51 56.20 8.75 8.97
C GLY D 51 56.63 8.45 7.55
N ALA D 52 57.07 9.46 6.81
CA ALA D 52 57.53 9.26 5.44
C ALA D 52 58.89 8.59 5.46
N SER D 53 59.50 8.45 4.28
CA SER D 53 60.81 7.82 4.13
C SER D 53 60.80 6.40 4.68
N GLY D 54 59.68 5.70 4.48
CA GLY D 54 59.56 4.34 4.96
C GLY D 54 59.41 3.36 3.82
N ASP D 55 58.30 2.63 3.79
CA ASP D 55 58.01 1.69 2.72
C ASP D 55 56.69 2.04 2.07
N LEU D 56 56.68 1.96 0.73
CA LEU D 56 55.50 2.10 -0.11
C LEU D 56 55.01 3.54 -0.18
N THR D 57 55.54 4.40 0.69
CA THR D 57 55.17 5.81 0.65
C THR D 57 55.66 6.46 -0.63
N GLN D 58 56.89 6.14 -1.04
CA GLN D 58 57.44 6.70 -2.26
C GLN D 58 56.61 6.30 -3.47
N ARG D 59 56.40 4.99 -3.64
CA ARG D 59 55.68 4.50 -4.81
C ARG D 59 54.21 4.88 -4.80
N LYS D 60 53.63 5.20 -3.63
CA LYS D 60 52.24 5.59 -3.58
C LYS D 60 52.02 7.09 -3.68
N LEU D 61 53.03 7.90 -3.35
CA LEU D 61 52.85 9.35 -3.37
C LEU D 61 53.63 10.03 -4.48
N VAL D 62 54.94 9.79 -4.57
CA VAL D 62 55.78 10.60 -5.45
C VAL D 62 55.37 10.50 -6.92
N PRO D 63 55.18 9.31 -7.50
CA PRO D 63 54.72 9.28 -8.91
C PRO D 63 53.40 9.98 -9.12
N ALA D 64 52.47 9.84 -8.17
CA ALA D 64 51.15 10.46 -8.33
C ALA D 64 51.24 11.98 -8.31
N ILE D 65 51.96 12.53 -7.33
CA ILE D 65 52.08 13.98 -7.24
C ILE D 65 52.89 14.51 -8.44
N TYR D 66 53.89 13.75 -8.89
CA TYR D 66 54.68 14.17 -10.03
C TYR D 66 53.82 14.23 -11.29
N GLN D 67 53.00 13.20 -11.52
CA GLN D 67 52.12 13.21 -12.67
C GLN D 67 51.08 14.32 -12.56
N MET D 68 50.59 14.57 -11.35
CA MET D 68 49.64 15.66 -11.15
C MET D 68 50.27 17.00 -11.50
N LYS D 69 51.49 17.24 -11.02
CA LYS D 69 52.17 18.50 -11.31
C LYS D 69 52.47 18.65 -12.79
N ARG D 70 52.90 17.56 -13.44
CA ARG D 70 53.19 17.61 -14.87
C ARG D 70 51.94 17.90 -15.68
N GLU D 71 50.76 17.50 -15.19
CA GLU D 71 49.50 17.74 -15.87
C GLU D 71 48.78 18.97 -15.33
N ARG D 72 49.54 19.98 -14.90
CA ARG D 72 49.05 21.27 -14.42
C ARG D 72 47.85 21.14 -13.48
N ARG D 73 47.81 20.05 -12.70
CA ARG D 73 46.74 19.88 -11.73
C ARG D 73 46.90 20.81 -10.54
N LEU D 74 48.14 21.20 -10.24
CA LEU D 74 48.45 22.07 -9.12
C LEU D 74 49.26 23.25 -9.61
N PRO D 75 49.19 24.39 -8.91
CA PRO D 75 50.01 25.55 -9.28
C PRO D 75 51.48 25.27 -9.02
N PRO D 76 52.38 26.06 -9.61
CA PRO D 76 53.82 25.77 -9.47
C PRO D 76 54.36 26.07 -8.08
N GLU D 77 53.49 26.37 -7.13
CA GLU D 77 53.88 26.71 -5.76
C GLU D 77 53.59 25.58 -4.79
N LEU D 78 53.81 24.34 -5.22
CA LEU D 78 53.54 23.16 -4.40
C LEU D 78 54.86 22.61 -3.85
N THR D 79 54.89 22.35 -2.55
CA THR D 79 56.07 21.82 -1.89
C THR D 79 55.69 20.59 -1.08
N VAL D 80 56.68 19.75 -0.81
CA VAL D 80 56.52 18.58 0.04
C VAL D 80 57.64 18.58 1.08
N VAL D 81 57.33 18.04 2.27
CA VAL D 81 58.29 17.97 3.36
C VAL D 81 58.27 16.56 3.93
N GLY D 82 59.44 16.04 4.28
CA GLY D 82 59.58 14.74 4.87
C GLY D 82 59.42 14.74 6.38
N PHE D 83 59.74 13.59 6.98
CA PHE D 83 59.66 13.44 8.43
C PHE D 83 60.44 12.22 8.90
N ALA D 84 60.16 11.79 10.15
CA ALA D 84 60.70 10.61 10.80
C ALA D 84 62.10 10.84 11.35
N ARG D 85 62.72 9.78 11.90
CA ARG D 85 63.88 9.93 12.75
C ARG D 85 65.20 9.64 12.06
N ARG D 86 65.22 8.85 10.99
CA ARG D 86 66.48 8.46 10.38
C ARG D 86 67.17 9.67 9.76
N ASP D 87 68.49 9.72 9.89
CA ASP D 87 69.25 10.89 9.47
C ASP D 87 69.31 10.99 7.95
N TRP D 88 68.35 11.68 7.36
CA TRP D 88 68.27 11.82 5.92
C TRP D 88 69.11 13.01 5.44
N SER D 89 69.07 13.26 4.14
CA SER D 89 69.76 14.40 3.54
C SER D 89 68.95 14.90 2.36
N HIS D 90 69.06 16.20 2.10
CA HIS D 90 68.33 16.79 0.98
C HIS D 90 68.78 16.19 -0.34
N ASP D 91 70.09 16.04 -0.52
CA ASP D 91 70.61 15.33 -1.69
C ASP D 91 70.18 13.88 -1.67
N HIS D 92 70.21 13.24 -0.49
CA HIS D 92 69.71 11.88 -0.37
C HIS D 92 68.23 11.80 -0.74
N PHE D 93 67.45 12.81 -0.31
CA PHE D 93 66.04 12.85 -0.68
C PHE D 93 65.87 12.94 -2.19
N ARG D 94 66.64 13.80 -2.84
CA ARG D 94 66.54 13.95 -4.29
C ARG D 94 66.91 12.65 -4.99
N GLU D 95 68.00 12.01 -4.55
CA GLU D 95 68.44 10.77 -5.17
C GLU D 95 67.40 9.67 -5.00
N GLN D 96 66.85 9.54 -3.80
CA GLN D 96 65.87 8.48 -3.56
C GLN D 96 64.58 8.72 -4.33
N MET D 97 64.14 9.99 -4.41
CA MET D 97 62.95 10.29 -5.20
C MET D 97 63.19 10.01 -6.68
N ARG D 98 64.37 10.38 -7.18
CA ARG D 98 64.71 10.06 -8.57
C ARG D 98 64.68 8.56 -8.81
N LYS D 99 65.27 7.79 -7.91
CA LYS D 99 65.27 6.34 -8.05
C LYS D 99 63.84 5.80 -8.05
N GLY D 100 63.01 6.30 -7.14
CA GLY D 100 61.64 5.84 -7.06
C GLY D 100 60.85 6.11 -8.33
N ILE D 101 60.95 7.34 -8.83
CA ILE D 101 60.19 7.68 -10.03
C ILE D 101 60.72 6.91 -11.24
N GLU D 102 62.04 6.72 -11.31
CA GLU D 102 62.61 5.96 -12.43
C GLU D 102 62.16 4.51 -12.40
N GLU D 103 62.14 3.91 -11.22
CA GLU D 103 61.91 2.47 -11.12
C GLU D 103 60.43 2.11 -11.11
N PHE D 104 59.59 2.87 -10.43
CA PHE D 104 58.19 2.53 -10.24
C PHE D 104 57.25 3.57 -10.83
N SER D 105 57.63 4.13 -11.98
CA SER D 105 56.78 5.11 -12.66
C SER D 105 57.22 5.21 -14.12
N THR D 106 56.57 6.12 -14.85
CA THR D 106 56.87 6.30 -16.28
C THR D 106 58.29 6.79 -16.47
N GLY D 107 58.74 7.71 -15.64
CA GLY D 107 60.08 8.25 -15.74
C GLY D 107 60.12 9.66 -15.21
N ILE D 108 61.28 10.30 -15.39
CA ILE D 108 61.45 11.69 -14.97
C ILE D 108 61.12 12.68 -16.08
N GLY D 109 60.83 12.20 -17.28
CA GLY D 109 60.53 13.11 -18.38
C GLY D 109 61.74 13.95 -18.73
N SER D 110 61.52 15.25 -18.89
CA SER D 110 62.60 16.17 -19.22
C SER D 110 63.38 16.53 -17.97
N GLU D 111 64.72 16.59 -18.11
CA GLU D 111 65.57 16.96 -16.98
C GLU D 111 65.27 18.37 -16.50
N ASP D 112 65.03 19.29 -17.42
CA ASP D 112 64.66 20.65 -17.03
C ASP D 112 63.36 20.66 -16.24
N LEU D 113 62.45 19.73 -16.54
CA LEU D 113 61.23 19.63 -15.74
C LEU D 113 61.56 19.29 -14.30
N TRP D 114 62.47 18.34 -14.08
CA TRP D 114 62.86 18.01 -12.71
C TRP D 114 63.59 19.16 -12.05
N ASN D 115 64.39 19.90 -12.82
CA ASN D 115 65.07 21.07 -12.27
C ASN D 115 64.06 22.12 -11.81
N GLU D 116 63.02 22.35 -12.61
CA GLU D 116 61.97 23.29 -12.23
C GLU D 116 61.16 22.79 -11.06
N PHE D 117 61.03 21.47 -10.91
CA PHE D 117 60.31 20.93 -9.76
C PHE D 117 61.12 21.03 -8.47
N ALA D 118 62.42 20.74 -8.54
CA ALA D 118 63.22 20.51 -7.34
C ALA D 118 63.53 21.79 -6.57
N GLN D 119 62.53 22.38 -5.94
CA GLN D 119 62.76 23.45 -4.98
C GLN D 119 61.91 23.34 -3.72
N GLY D 120 60.93 22.45 -3.67
CA GLY D 120 60.03 22.36 -2.53
C GLY D 120 60.09 21.04 -1.80
N LEU D 121 61.30 20.52 -1.57
CA LEU D 121 61.48 19.24 -0.89
C LEU D 121 62.53 19.43 0.21
N PHE D 122 62.06 19.59 1.44
CA PHE D 122 62.93 19.83 2.59
C PHE D 122 62.75 18.69 3.60
N TYR D 123 63.35 18.87 4.77
CA TYR D 123 63.30 17.84 5.81
C TYR D 123 63.58 18.47 7.16
N CYS D 124 62.94 17.91 8.19
CA CYS D 124 63.14 18.38 9.56
C CYS D 124 62.98 17.17 10.49
N SER D 125 64.11 16.55 10.83
CA SER D 125 64.10 15.34 11.62
C SER D 125 63.55 15.61 13.02
N GLY D 126 62.76 14.65 13.52
CA GLY D 126 62.17 14.77 14.84
C GLY D 126 61.45 13.52 15.28
N ASN D 127 61.44 13.26 16.58
CA ASN D 127 60.76 12.10 17.11
C ASN D 127 59.24 12.28 17.00
N MET D 128 58.53 11.15 17.04
CA MET D 128 57.09 11.19 16.95
C MET D 128 56.47 11.89 18.15
N ASP D 129 56.97 11.60 19.35
CA ASP D 129 56.39 12.09 20.60
C ASP D 129 57.26 13.16 21.26
N ASP D 130 57.89 14.00 20.45
CA ASP D 130 58.75 15.07 20.97
C ASP D 130 58.08 16.42 20.78
N PRO D 131 57.56 17.04 21.84
CA PRO D 131 56.98 18.39 21.68
C PRO D 131 57.99 19.40 21.18
N GLU D 132 59.25 19.26 21.56
CA GLU D 132 60.29 20.16 21.05
C GLU D 132 60.44 20.02 19.55
N SER D 133 60.44 18.79 19.04
CA SER D 133 60.46 18.59 17.59
C SER D 133 59.22 19.19 16.95
N TYR D 134 58.08 19.16 17.64
CA TYR D 134 56.88 19.77 17.09
C TYR D 134 57.02 21.29 16.99
N LEU D 135 57.60 21.92 18.01
CA LEU D 135 57.84 23.36 17.94
C LEU D 135 58.85 23.67 16.84
N LYS D 136 59.86 22.81 16.67
CA LYS D 136 60.80 22.98 15.58
C LYS D 136 60.08 22.90 14.23
N LEU D 137 59.15 21.96 14.10
CA LEU D 137 58.35 21.86 12.88
C LEU D 137 57.52 23.11 12.67
N LYS D 138 56.94 23.66 13.74
CA LYS D 138 56.15 24.88 13.61
C LYS D 138 57.01 26.04 13.14
N ASN D 139 58.22 26.15 13.68
CA ASN D 139 59.13 27.21 13.25
C ASN D 139 59.55 27.03 11.80
N PHE D 140 59.83 25.78 11.40
CA PHE D 140 60.17 25.51 10.02
C PHE D 140 59.01 25.88 9.09
N LEU D 141 57.79 25.53 9.49
CA LEU D 141 56.62 25.87 8.69
C LEU D 141 56.45 27.38 8.59
N GLY D 142 56.66 28.09 9.68
CA GLY D 142 56.57 29.54 9.62
C GLY D 142 57.62 30.15 8.69
N GLU D 143 58.85 29.66 8.77
CA GLU D 143 59.89 30.16 7.87
C GLU D 143 59.55 29.86 6.42
N LEU D 144 59.04 28.66 6.15
CA LEU D 144 58.66 28.30 4.78
C LEU D 144 57.51 29.17 4.29
N ASP D 145 56.56 29.49 5.17
CA ASP D 145 55.49 30.40 4.79
C ASP D 145 56.01 31.79 4.47
N GLU D 146 56.96 32.28 5.28
CA GLU D 146 57.49 33.61 5.05
C GLU D 146 58.29 33.67 3.75
N LYS D 147 59.07 32.63 3.46
CA LYS D 147 59.93 32.67 2.28
C LYS D 147 59.19 32.23 1.03
N ARG D 148 58.69 30.99 1.01
CA ARG D 148 58.00 30.44 -0.15
C ARG D 148 56.72 31.20 -0.46
N ASN D 149 56.12 31.88 0.51
CA ASN D 149 54.87 32.61 0.34
C ASN D 149 53.76 31.70 -0.15
N THR D 150 53.40 30.76 0.72
CA THR D 150 52.33 29.80 0.43
C THR D 150 50.96 30.29 0.89
N ARG D 151 50.89 31.50 1.46
CA ARG D 151 49.66 32.20 1.86
C ARG D 151 49.01 31.63 3.12
N GLY D 152 49.52 30.52 3.67
CA GLY D 152 49.12 30.04 4.98
C GLY D 152 48.34 28.74 4.97
N ASN D 153 47.50 28.51 3.97
CA ASN D 153 46.67 27.32 3.96
C ASN D 153 47.53 26.07 3.91
N ARG D 154 47.08 25.01 4.60
CA ARG D 154 47.89 23.82 4.76
C ARG D 154 47.00 22.58 4.74
N VAL D 155 47.62 21.45 4.39
CA VAL D 155 47.00 20.13 4.51
C VAL D 155 48.03 19.18 5.12
N PHE D 156 47.65 18.51 6.19
CA PHE D 156 48.53 17.57 6.87
C PHE D 156 48.21 16.15 6.41
N TYR D 157 49.21 15.46 5.87
CA TYR D 157 49.06 14.07 5.49
C TYR D 157 49.74 13.19 6.51
N LEU D 158 49.04 12.13 6.92
CA LEU D 158 49.54 11.19 7.91
C LEU D 158 49.69 9.82 7.25
N ALA D 159 50.84 9.18 7.45
CA ALA D 159 51.07 7.87 6.88
C ALA D 159 51.84 6.97 7.84
N VAL D 160 51.65 7.16 9.15
CA VAL D 160 52.37 6.39 10.15
C VAL D 160 51.71 5.03 10.31
N SER D 161 52.37 4.12 11.03
CA SER D 161 51.82 2.80 11.28
C SER D 161 50.51 2.93 12.06
N PRO D 162 49.55 2.02 11.83
CA PRO D 162 48.21 2.22 12.41
C PRO D 162 48.16 2.10 13.92
N ASN D 163 49.24 1.65 14.56
CA ASN D 163 49.28 1.56 16.02
C ASN D 163 49.88 2.81 16.65
N PHE D 164 49.75 3.96 16.01
CA PHE D 164 50.29 5.20 16.54
C PHE D 164 49.36 6.39 16.35
N PHE D 165 48.12 6.18 15.93
CA PHE D 165 47.20 7.30 15.73
C PHE D 165 46.93 8.09 17.01
N PRO D 166 46.64 7.48 18.16
CA PRO D 166 46.31 8.27 19.35
C PRO D 166 47.44 9.20 19.77
N PRO D 167 48.68 8.72 19.95
CA PRO D 167 49.72 9.66 20.37
C PRO D 167 49.97 10.77 19.37
N GLY D 168 49.97 10.44 18.08
CA GLY D 168 50.19 11.46 17.07
C GLY D 168 49.12 12.53 17.07
N ILE D 169 47.86 12.11 17.14
CA ILE D 169 46.76 13.08 17.13
C ILE D 169 46.79 13.93 18.40
N LYS D 170 47.02 13.30 19.55
CA LYS D 170 47.05 14.04 20.80
C LYS D 170 48.18 15.07 20.82
N GLN D 171 49.36 14.69 20.35
CA GLN D 171 50.49 15.61 20.37
C GLN D 171 50.33 16.69 19.30
N LEU D 172 49.67 16.36 18.19
CA LEU D 172 49.33 17.38 17.20
C LEU D 172 48.38 18.42 17.77
N GLY D 173 47.36 17.96 18.51
CA GLY D 173 46.43 18.87 19.13
C GLY D 173 47.00 19.62 20.32
N ALA D 174 48.08 19.11 20.92
CA ALA D 174 48.71 19.81 22.03
C ALA D 174 49.26 21.16 21.60
N ALA D 175 49.91 21.22 20.44
CA ALA D 175 50.54 22.45 19.97
C ALA D 175 49.58 23.40 19.29
N GLY D 176 48.33 23.01 19.10
CA GLY D 176 47.36 23.88 18.47
C GLY D 176 47.61 24.21 17.02
N MET D 177 48.00 23.22 16.23
CA MET D 177 48.23 23.42 14.80
C MET D 177 46.93 23.54 14.01
N LEU D 178 45.79 23.20 14.60
CA LEU D 178 44.51 23.17 13.91
C LEU D 178 43.55 24.09 14.64
N SER D 179 43.54 25.37 14.25
CA SER D 179 42.64 26.35 14.83
C SER D 179 41.69 26.94 13.80
N ASP D 180 42.23 27.46 12.70
CA ASP D 180 41.40 28.08 11.68
C ASP D 180 40.67 26.99 10.88
N PRO D 181 39.45 27.28 10.40
CA PRO D 181 38.69 26.22 9.75
C PRO D 181 39.17 25.77 8.36
N VAL D 182 39.31 26.66 7.39
CA VAL D 182 40.00 26.29 6.15
C VAL D 182 41.47 26.67 6.26
N LYS D 183 42.23 25.91 7.05
CA LYS D 183 43.68 26.07 7.06
C LYS D 183 44.45 24.77 7.22
N SER D 184 43.81 23.68 7.66
CA SER D 184 44.53 22.46 7.99
C SER D 184 43.58 21.28 7.87
N ARG D 185 43.94 20.31 7.03
CA ARG D 185 43.16 19.10 6.85
C ARG D 185 44.06 17.90 7.10
N ILE D 186 43.58 16.96 7.91
CA ILE D 186 44.35 15.81 8.33
C ILE D 186 43.70 14.56 7.76
N VAL D 187 44.51 13.70 7.14
CA VAL D 187 44.05 12.48 6.48
C VAL D 187 44.64 11.28 7.23
N ILE D 188 43.77 10.36 7.64
CA ILE D 188 44.17 9.19 8.41
C ILE D 188 44.05 7.95 7.53
N GLU D 189 45.13 7.20 7.43
CA GLU D 189 45.18 6.07 6.51
C GLU D 189 44.50 4.84 7.12
N LYS D 190 44.37 3.80 6.30
CA LYS D 190 43.72 2.56 6.72
C LYS D 190 44.57 1.85 7.77
N PRO D 191 43.95 1.12 8.70
CA PRO D 191 42.50 0.99 8.91
C PRO D 191 42.02 1.77 10.12
N PHE D 192 40.75 2.14 10.17
CA PHE D 192 40.20 2.92 11.28
C PHE D 192 39.77 1.98 12.40
N GLY D 193 40.77 1.37 13.04
CA GLY D 193 40.52 0.46 14.13
C GLY D 193 40.16 -0.94 13.67
N ARG D 194 39.96 -1.82 14.64
CA ARG D 194 39.64 -3.21 14.37
C ARG D 194 38.27 -3.61 14.87
N ASP D 195 37.97 -3.37 16.14
CA ASP D 195 36.68 -3.70 16.71
C ASP D 195 35.94 -2.42 17.10
N LEU D 196 34.72 -2.59 17.60
CA LEU D 196 33.88 -1.43 17.89
C LEU D 196 34.51 -0.53 18.95
N SER D 197 35.08 -1.13 20.01
CA SER D 197 35.62 -0.34 21.10
C SER D 197 36.78 0.53 20.64
N SER D 198 37.68 -0.03 19.83
CA SER D 198 38.81 0.75 19.35
C SER D 198 38.36 1.92 18.49
N ALA D 199 37.37 1.68 17.62
CA ALA D 199 36.84 2.75 16.79
C ALA D 199 36.20 3.84 17.65
N GLN D 200 35.46 3.44 18.69
CA GLN D 200 34.86 4.43 19.58
C GLN D 200 35.91 5.28 20.28
N SER D 201 36.96 4.63 20.79
CA SER D 201 38.02 5.38 21.46
C SER D 201 38.71 6.34 20.51
N LEU D 202 38.99 5.88 19.29
CA LEU D 202 39.62 6.77 18.30
C LEU D 202 38.71 7.95 17.97
N ASN D 203 37.41 7.70 17.83
CA ASN D 203 36.48 8.79 17.56
C ASN D 203 36.47 9.80 18.70
N ARG D 204 36.46 9.32 19.94
CA ARG D 204 36.44 10.23 21.07
C ARG D 204 37.72 11.05 21.13
N VAL D 205 38.86 10.43 20.85
CA VAL D 205 40.12 11.17 20.83
C VAL D 205 40.10 12.24 19.75
N VAL D 206 39.64 11.89 18.56
CA VAL D 206 39.64 12.82 17.44
C VAL D 206 38.71 13.99 17.71
N GLN D 207 37.55 13.72 18.31
CA GLN D 207 36.54 14.76 18.53
C GLN D 207 37.03 15.87 19.46
N SER D 208 38.00 15.59 20.33
CA SER D 208 38.40 16.53 21.36
C SER D 208 39.54 17.46 20.92
N VAL D 209 39.99 17.36 19.68
CA VAL D 209 41.12 18.15 19.18
C VAL D 209 40.69 19.13 18.10
N CYS D 210 39.96 18.65 17.10
CA CYS D 210 39.56 19.49 15.98
C CYS D 210 38.09 19.26 15.66
N LYS D 211 37.47 20.27 15.06
CA LYS D 211 36.09 20.16 14.63
C LYS D 211 35.96 19.11 13.53
N GLU D 212 34.82 18.43 13.53
CA GLU D 212 34.58 17.34 12.56
C GLU D 212 34.24 17.93 11.18
N ASN D 213 35.17 18.71 10.66
CA ASN D 213 35.06 19.27 9.32
C ASN D 213 36.34 19.16 8.52
N GLN D 214 37.47 18.84 9.16
CA GLN D 214 38.74 18.72 8.46
C GLN D 214 39.24 17.28 8.38
N VAL D 215 38.74 16.38 9.21
CA VAL D 215 39.26 15.02 9.24
C VAL D 215 38.75 14.27 8.02
N TYR D 216 39.67 13.67 7.28
CA TYR D 216 39.35 12.83 6.14
C TYR D 216 39.87 11.43 6.43
N ARG D 217 38.99 10.43 6.33
CA ARG D 217 39.33 9.06 6.68
C ARG D 217 39.72 8.24 5.46
N ILE D 218 39.97 8.88 4.32
CA ILE D 218 40.24 8.27 3.02
C ILE D 218 39.46 6.97 2.88
N ASP D 219 40.13 5.82 2.99
CA ASP D 219 39.49 4.50 2.99
C ASP D 219 38.75 4.20 1.69
N HIS D 220 38.36 2.94 1.49
CA HIS D 220 37.64 2.49 0.29
C HIS D 220 38.41 2.76 -0.99
N TYR D 221 37.83 2.34 -2.12
CA TYR D 221 38.44 2.59 -3.41
C TYR D 221 37.44 2.93 -4.52
N LEU D 222 36.16 3.08 -4.20
CA LEU D 222 35.18 3.42 -5.22
C LEU D 222 35.44 4.83 -5.74
N GLY D 223 35.76 4.93 -7.02
CA GLY D 223 36.16 6.21 -7.58
C GLY D 223 35.02 7.18 -7.77
N LYS D 224 35.19 8.12 -8.69
CA LYS D 224 34.16 9.09 -9.04
C LYS D 224 33.34 8.65 -10.25
N GLU D 225 33.61 7.46 -10.80
CA GLU D 225 32.85 7.00 -11.96
C GLU D 225 31.62 6.21 -11.51
N THR D 226 31.83 5.12 -10.78
CA THR D 226 30.72 4.20 -10.50
C THR D 226 29.65 4.84 -9.64
N VAL D 227 30.05 5.60 -8.60
CA VAL D 227 29.07 6.16 -7.68
C VAL D 227 28.15 7.13 -8.41
N GLN D 228 28.75 8.09 -9.12
CA GLN D 228 27.93 9.08 -9.82
C GLN D 228 27.13 8.44 -10.94
N ASN D 229 27.72 7.46 -11.63
CA ASN D 229 27.00 6.78 -12.70
C ASN D 229 25.75 6.10 -12.17
N LEU D 230 25.88 5.37 -11.08
CA LEU D 230 24.74 4.66 -10.52
C LEU D 230 23.68 5.63 -10.01
N MET D 231 24.10 6.70 -9.33
CA MET D 231 23.12 7.65 -8.82
C MET D 231 22.37 8.34 -9.95
N VAL D 232 23.07 8.73 -11.02
CA VAL D 232 22.41 9.37 -12.15
C VAL D 232 21.45 8.40 -12.83
N PHE D 233 21.88 7.14 -13.01
CA PHE D 233 21.01 6.17 -13.64
C PHE D 233 19.75 5.95 -12.83
N ARG D 234 19.85 5.94 -11.50
CA ARG D 234 18.68 5.70 -10.68
C ARG D 234 17.75 6.91 -10.61
N PHE D 235 18.30 8.11 -10.50
CA PHE D 235 17.49 9.30 -10.20
C PHE D 235 17.33 10.25 -11.39
N ALA D 236 17.26 9.71 -12.61
CA ALA D 236 16.98 10.56 -13.75
C ALA D 236 16.03 9.92 -14.75
N ASN D 237 15.44 8.78 -14.42
CA ASN D 237 14.51 8.09 -15.30
C ASN D 237 13.17 7.93 -14.60
N ALA D 238 12.10 7.87 -15.41
CA ALA D 238 10.74 7.82 -14.89
C ALA D 238 10.13 6.43 -14.97
N ILE D 239 10.93 5.40 -15.22
CA ILE D 239 10.44 4.02 -15.26
C ILE D 239 11.10 3.15 -14.20
N PHE D 240 12.40 3.30 -13.99
CA PHE D 240 13.11 2.42 -13.08
C PHE D 240 12.82 2.71 -11.61
N GLU D 241 12.20 3.83 -11.30
CA GLU D 241 11.98 4.17 -9.90
C GLU D 241 10.78 3.45 -9.29
N PRO D 242 9.59 3.47 -9.92
CA PRO D 242 8.43 2.86 -9.27
C PRO D 242 8.54 1.35 -9.09
N LEU D 243 9.46 0.68 -9.76
CA LEU D 243 9.63 -0.77 -9.63
C LEU D 243 10.76 -1.14 -8.69
N TRP D 244 10.98 -0.36 -7.63
CA TRP D 244 12.11 -0.58 -6.74
C TRP D 244 11.69 -0.88 -5.32
N ASN D 245 10.41 -0.92 -5.01
CA ASN D 245 9.97 -1.16 -3.65
C ASN D 245 9.76 -2.66 -3.43
N ARG D 246 9.12 -3.02 -2.32
CA ARG D 246 9.04 -4.41 -1.89
C ARG D 246 7.95 -5.22 -2.58
N GLN D 247 7.08 -4.59 -3.36
CA GLN D 247 5.99 -5.32 -3.98
C GLN D 247 6.30 -5.78 -5.40
N PHE D 248 7.51 -5.54 -5.89
CA PHE D 248 7.89 -6.05 -7.20
C PHE D 248 9.22 -6.79 -7.14
N VAL D 249 10.08 -6.41 -6.22
CA VAL D 249 11.40 -7.00 -6.06
C VAL D 249 11.32 -8.18 -5.10
N ASP D 250 12.11 -9.21 -5.35
CA ASP D 250 12.12 -10.40 -4.53
C ASP D 250 13.36 -10.54 -3.67
N HIS D 251 14.55 -10.46 -4.26
CA HIS D 251 15.80 -10.51 -3.50
C HIS D 251 16.90 -9.92 -4.35
N VAL D 252 17.99 -9.53 -3.70
CA VAL D 252 19.13 -8.99 -4.41
C VAL D 252 20.37 -9.75 -3.97
N GLN D 253 21.37 -9.80 -4.85
CA GLN D 253 22.65 -10.44 -4.54
C GLN D 253 23.76 -9.49 -4.92
N ILE D 254 24.84 -9.49 -4.14
CA ILE D 254 25.99 -8.64 -4.39
C ILE D 254 27.24 -9.49 -4.30
N THR D 255 28.00 -9.54 -5.38
CA THR D 255 29.15 -10.44 -5.50
C THR D 255 30.41 -9.63 -5.78
N VAL D 256 31.50 -10.00 -5.10
CA VAL D 256 32.82 -9.44 -5.38
C VAL D 256 33.82 -10.59 -5.29
N ALA D 257 34.57 -10.83 -6.36
CA ALA D 257 35.47 -11.97 -6.41
C ALA D 257 36.84 -11.54 -6.92
N GLU D 258 37.87 -12.25 -6.46
CA GLU D 258 39.24 -12.02 -6.90
C GLU D 258 39.89 -13.36 -7.17
N THR D 259 40.95 -13.34 -7.99
CA THR D 259 41.67 -14.55 -8.32
C THR D 259 43.09 -14.62 -7.75
N VAL D 260 43.70 -13.49 -7.43
CA VAL D 260 45.04 -13.50 -6.87
C VAL D 260 45.02 -14.16 -5.49
N GLY D 261 46.09 -14.88 -5.17
CA GLY D 261 46.21 -15.53 -3.89
C GLY D 261 46.44 -14.56 -2.75
N VAL D 262 46.98 -15.08 -1.65
CA VAL D 262 47.34 -14.20 -0.54
C VAL D 262 48.48 -13.29 -0.92
N GLU D 263 49.34 -13.74 -1.84
CA GLU D 263 50.45 -12.96 -2.39
C GLU D 263 51.35 -12.56 -1.22
N GLU D 264 51.71 -11.29 -1.07
CA GLU D 264 52.59 -10.84 0.00
C GLU D 264 51.72 -10.37 1.17
N ARG D 265 52.32 -9.72 2.16
CA ARG D 265 51.63 -9.22 3.34
C ARG D 265 50.96 -10.37 4.09
N ALA D 266 51.69 -11.47 4.25
CA ALA D 266 51.17 -12.59 5.04
C ALA D 266 50.95 -12.16 6.48
N GLY D 267 51.88 -11.41 7.05
CA GLY D 267 51.68 -10.89 8.39
C GLY D 267 50.49 -9.96 8.48
N TYR D 268 50.28 -9.13 7.46
CA TYR D 268 49.12 -8.26 7.44
C TYR D 268 47.83 -9.05 7.40
N TYR D 269 47.77 -10.08 6.56
CA TYR D 269 46.54 -10.84 6.41
C TYR D 269 46.25 -11.69 7.63
N GLU D 270 47.28 -12.25 8.26
CA GLU D 270 47.06 -13.17 9.37
C GLU D 270 46.39 -12.47 10.54
N SER D 271 46.60 -11.18 10.71
CA SER D 271 46.00 -10.45 11.82
C SER D 271 44.62 -9.89 11.49
N ALA D 272 44.20 -9.94 10.22
CA ALA D 272 42.93 -9.33 9.83
C ALA D 272 41.93 -10.34 9.31
N GLY D 273 42.28 -11.12 8.29
CA GLY D 273 41.32 -11.99 7.66
C GLY D 273 40.33 -11.23 6.80
N ALA D 274 39.61 -11.97 5.95
CA ALA D 274 38.73 -11.33 4.98
C ALA D 274 37.36 -11.02 5.56
N LEU D 275 37.36 -10.36 6.72
CA LEU D 275 36.16 -9.72 7.24
C LEU D 275 36.38 -8.28 7.65
N ARG D 276 37.61 -7.89 7.98
CA ARG D 276 37.98 -6.50 8.16
C ARG D 276 38.70 -5.93 6.96
N ASP D 277 38.77 -6.69 5.86
CA ASP D 277 39.52 -6.30 4.68
C ASP D 277 38.64 -5.99 3.47
N MET D 278 37.58 -6.76 3.26
CA MET D 278 36.75 -6.55 2.08
C MET D 278 35.26 -6.56 2.36
N VAL D 279 34.82 -6.97 3.55
CA VAL D 279 33.40 -7.06 3.85
C VAL D 279 32.90 -5.88 4.65
N GLN D 280 33.78 -5.02 5.14
CA GLN D 280 33.37 -3.80 5.83
C GLN D 280 33.76 -2.55 5.06
N ASN D 281 34.93 -2.53 4.41
CA ASN D 281 35.32 -1.35 3.63
C ASN D 281 34.51 -1.25 2.35
N HIS D 282 34.63 -2.24 1.48
CA HIS D 282 34.10 -2.17 0.13
C HIS D 282 32.65 -2.64 0.06
N LEU D 283 32.41 -3.89 0.47
CA LEU D 283 31.13 -4.53 0.24
C LEU D 283 29.96 -3.88 0.96
N MET D 284 30.22 -3.00 1.92
CA MET D 284 29.17 -2.28 2.60
C MET D 284 28.86 -0.94 1.96
N GLN D 285 29.47 -0.65 0.81
CA GLN D 285 29.10 0.54 0.06
C GLN D 285 28.10 0.22 -1.04
N LEU D 286 28.23 -0.93 -1.69
CA LEU D 286 27.25 -1.31 -2.69
C LEU D 286 25.87 -1.46 -2.06
N PHE D 287 25.81 -2.01 -0.86
CA PHE D 287 24.54 -2.17 -0.17
C PHE D 287 23.89 -0.81 0.08
N CYS D 288 24.67 0.14 0.60
CA CYS D 288 24.13 1.47 0.89
C CYS D 288 23.66 2.16 -0.38
N LEU D 289 24.44 2.07 -1.46
CA LEU D 289 24.05 2.74 -2.69
C LEU D 289 22.84 2.10 -3.33
N THR D 290 22.68 0.77 -3.18
CA THR D 290 21.56 0.10 -3.82
C THR D 290 20.25 0.32 -3.05
N ALA D 291 20.31 0.36 -1.72
CA ALA D 291 19.08 0.40 -0.91
C ALA D 291 18.85 1.76 -0.26
N MET D 292 19.12 2.85 -0.98
CA MET D 292 19.10 4.19 -0.42
C MET D 292 17.88 4.97 -0.91
N ASP D 293 17.29 5.74 0.00
CA ASP D 293 16.16 6.61 -0.35
C ASP D 293 16.64 7.82 -1.15
N PRO D 294 15.78 8.37 -2.01
CA PRO D 294 16.20 9.48 -2.87
C PRO D 294 16.59 10.70 -2.06
N PRO D 295 17.60 11.44 -2.48
CA PRO D 295 17.97 12.66 -1.77
C PRO D 295 17.21 13.87 -2.29
N ASN D 296 17.52 15.04 -1.76
CA ASN D 296 16.88 16.28 -2.19
C ASN D 296 17.85 17.29 -2.77
N ALA D 297 19.14 16.98 -2.80
CA ALA D 297 20.16 17.89 -3.29
C ALA D 297 21.29 17.04 -3.88
N ILE D 298 22.45 17.65 -4.06
CA ILE D 298 23.61 16.92 -4.57
C ILE D 298 24.83 17.02 -3.66
N ASP D 299 24.95 18.06 -2.85
CA ASP D 299 26.11 18.21 -1.97
C ASP D 299 26.19 17.03 -0.99
N ALA D 300 27.32 16.95 -0.30
CA ALA D 300 27.62 15.76 0.51
C ALA D 300 26.64 15.59 1.66
N ASP D 301 26.04 16.67 2.15
CA ASP D 301 25.23 16.61 3.35
C ASP D 301 24.06 15.64 3.17
N SER D 302 23.26 15.84 2.12
CA SER D 302 22.07 15.02 1.93
C SER D 302 22.43 13.57 1.65
N ILE D 303 23.45 13.35 0.82
CA ILE D 303 23.84 11.99 0.48
C ILE D 303 24.28 11.22 1.72
N ARG D 304 25.14 11.83 2.52
CA ARG D 304 25.63 11.14 3.71
C ARG D 304 24.52 10.93 4.73
N ASN D 305 23.61 11.90 4.87
CA ASN D 305 22.51 11.74 5.80
C ASN D 305 21.60 10.59 5.40
N GLU D 306 21.29 10.49 4.11
CA GLU D 306 20.46 9.38 3.65
C GLU D 306 21.16 8.04 3.83
N LYS D 307 22.47 7.99 3.56
CA LYS D 307 23.19 6.74 3.74
C LYS D 307 23.16 6.29 5.19
N VAL D 308 23.39 7.20 6.14
CA VAL D 308 23.35 6.82 7.54
C VAL D 308 21.95 6.39 7.93
N LYS D 309 20.93 7.09 7.45
CA LYS D 309 19.56 6.73 7.80
C LYS D 309 19.22 5.33 7.33
N VAL D 310 19.67 4.95 6.12
CA VAL D 310 19.43 3.59 5.65
C VAL D 310 20.20 2.59 6.49
N LEU D 311 21.48 2.86 6.74
CA LEU D 311 22.31 1.92 7.49
C LEU D 311 21.86 1.76 8.92
N GLN D 312 21.03 2.67 9.44
CA GLN D 312 20.63 2.59 10.83
C GLN D 312 19.50 1.61 11.08
N ALA D 313 18.94 0.99 10.06
CA ALA D 313 17.78 0.12 10.22
C ALA D 313 18.02 -1.23 9.54
N THR D 314 19.17 -1.83 9.79
CA THR D 314 19.52 -3.13 9.23
C THR D 314 19.99 -4.05 10.34
N ARG D 315 19.88 -5.35 10.08
CA ARG D 315 20.23 -6.37 11.06
C ARG D 315 20.48 -7.68 10.34
N LEU D 316 21.11 -8.62 11.04
CA LEU D 316 21.27 -9.95 10.47
C LEU D 316 19.94 -10.69 10.46
N ALA D 317 19.96 -11.94 10.03
CA ALA D 317 18.72 -12.69 9.95
C ALA D 317 18.42 -13.47 11.22
N ASP D 318 19.39 -14.26 11.70
CA ASP D 318 19.21 -15.14 12.86
C ASP D 318 20.33 -14.85 13.85
N ILE D 319 20.09 -13.88 14.74
CA ILE D 319 21.12 -13.48 15.70
C ILE D 319 21.35 -14.58 16.72
N ASN D 320 20.28 -15.25 17.16
CA ASN D 320 20.42 -16.27 18.20
C ASN D 320 21.21 -17.47 17.70
N ASN D 321 20.90 -17.96 16.51
CA ASN D 321 21.55 -19.14 15.94
C ASN D 321 22.34 -18.69 14.72
N LEU D 322 23.67 -18.74 14.83
CA LEU D 322 24.54 -18.28 13.74
C LEU D 322 24.86 -19.41 12.76
N GLU D 323 23.83 -20.08 12.28
CA GLU D 323 23.97 -21.08 11.26
C GLU D 323 23.12 -20.82 10.03
N ASN D 324 22.23 -19.83 10.09
CA ASN D 324 21.47 -19.38 8.94
C ASN D 324 21.87 -17.97 8.50
N ALA D 325 22.96 -17.44 9.05
CA ALA D 325 23.40 -16.10 8.69
C ALA D 325 24.92 -15.99 8.60
N GLY D 326 25.60 -17.05 8.19
CA GLY D 326 27.04 -16.96 8.04
C GLY D 326 27.74 -18.27 7.78
N ILE D 327 28.74 -18.25 6.88
CA ILE D 327 29.55 -19.43 6.59
C ILE D 327 30.99 -18.98 6.41
N ARG D 328 31.93 -19.74 6.98
CA ARG D 328 33.34 -19.43 6.87
C ARG D 328 33.93 -20.15 5.66
N GLY D 329 35.26 -20.21 5.58
CA GLY D 329 35.90 -20.96 4.51
C GLY D 329 37.41 -20.79 4.57
N GLN D 330 38.08 -21.52 3.69
CA GLN D 330 39.53 -21.43 3.52
C GLN D 330 39.91 -22.21 2.27
N TYR D 331 40.81 -21.65 1.46
CA TYR D 331 41.13 -22.23 0.16
C TYR D 331 42.35 -23.13 0.27
N LYS D 332 42.21 -24.37 -0.17
CA LYS D 332 43.28 -25.35 -0.13
C LYS D 332 43.86 -25.53 -1.53
N ALA D 333 44.74 -26.52 -1.68
CA ALA D 333 45.46 -26.73 -2.93
C ALA D 333 44.51 -27.11 -4.06
N GLY D 334 44.85 -26.65 -5.26
CA GLY D 334 43.99 -26.90 -6.40
C GLY D 334 44.67 -26.54 -7.70
N TRP D 335 43.85 -26.38 -8.74
CA TRP D 335 44.32 -26.12 -10.09
C TRP D 335 43.88 -24.73 -10.52
N MET D 336 44.83 -23.93 -11.01
CA MET D 336 44.54 -22.59 -11.49
C MET D 336 45.38 -22.30 -12.73
N GLY D 337 44.72 -22.01 -13.84
CA GLY D 337 45.44 -21.71 -15.07
C GLY D 337 46.30 -22.85 -15.55
N GLY D 338 45.85 -24.09 -15.36
CA GLY D 338 46.61 -25.24 -15.81
C GLY D 338 47.92 -25.45 -15.08
N LYS D 339 48.09 -24.82 -13.93
CA LYS D 339 49.29 -24.97 -13.13
C LYS D 339 48.90 -25.25 -11.68
N PRO D 340 49.73 -25.98 -10.94
CA PRO D 340 49.40 -26.27 -9.54
C PRO D 340 49.61 -25.04 -8.66
N VAL D 341 48.73 -24.89 -7.68
CA VAL D 341 48.81 -23.78 -6.74
C VAL D 341 48.66 -24.33 -5.32
N PRO D 342 49.56 -23.98 -4.40
CA PRO D 342 49.50 -24.58 -3.06
C PRO D 342 48.32 -24.04 -2.27
N GLY D 343 47.96 -24.79 -1.24
CA GLY D 343 46.90 -24.39 -0.34
C GLY D 343 47.34 -23.25 0.56
N TYR D 344 46.40 -22.81 1.40
CA TYR D 344 46.69 -21.67 2.27
C TYR D 344 47.83 -21.98 3.22
N ARG D 345 47.85 -23.17 3.80
CA ARG D 345 48.85 -23.49 4.81
C ARG D 345 50.13 -24.03 4.19
N GLU D 346 50.63 -23.31 3.18
CA GLU D 346 51.94 -23.59 2.62
C GLU D 346 52.70 -22.32 2.24
N GLU D 347 52.15 -21.16 2.49
CA GLU D 347 52.81 -19.90 2.15
C GLU D 347 53.85 -19.54 3.20
N PRO D 348 54.78 -18.65 2.88
CA PRO D 348 55.74 -18.20 3.89
C PRO D 348 55.08 -17.35 4.95
N GLY D 349 55.43 -17.61 6.21
CA GLY D 349 55.01 -16.78 7.32
C GLY D 349 53.70 -17.19 7.97
N VAL D 350 52.98 -18.15 7.41
CA VAL D 350 51.71 -18.60 7.97
C VAL D 350 51.93 -19.95 8.62
N ASP D 351 51.63 -20.05 9.91
CA ASP D 351 51.79 -21.31 10.63
C ASP D 351 50.76 -22.33 10.14
N PRO D 352 51.12 -23.62 10.13
CA PRO D 352 50.20 -24.67 9.68
C PRO D 352 49.16 -25.05 10.73
N SER D 353 48.56 -24.05 11.36
CA SER D 353 47.39 -24.29 12.19
C SER D 353 46.42 -23.11 12.17
N SER D 354 46.61 -22.14 11.29
CA SER D 354 45.81 -20.92 11.33
C SER D 354 44.38 -21.17 10.88
N THR D 355 43.47 -20.34 11.39
CA THR D 355 42.04 -20.46 11.07
C THR D 355 41.48 -19.15 10.54
N THR D 356 42.30 -18.35 9.87
CA THR D 356 41.82 -17.08 9.32
C THR D 356 40.98 -17.34 8.06
N PRO D 357 39.75 -16.84 8.00
CA PRO D 357 38.91 -17.09 6.83
C PRO D 357 39.42 -16.33 5.61
N THR D 358 39.05 -16.86 4.44
CA THR D 358 39.25 -16.16 3.17
C THR D 358 37.97 -16.15 2.34
N PHE D 359 36.83 -16.44 2.98
CA PHE D 359 35.55 -16.46 2.31
C PHE D 359 34.50 -16.03 3.33
N ALA D 360 33.40 -15.45 2.85
CA ALA D 360 32.35 -15.02 3.75
C ALA D 360 31.03 -15.09 3.02
N ALA D 361 29.95 -15.11 3.79
CA ALA D 361 28.61 -15.08 3.22
C ALA D 361 27.64 -14.72 4.33
N LEU D 362 26.92 -13.63 4.16
CA LEU D 362 25.97 -13.16 5.16
C LEU D 362 24.58 -13.12 4.54
N LYS D 363 23.59 -12.80 5.36
CA LYS D 363 22.23 -12.60 4.86
C LYS D 363 21.60 -11.48 5.67
N LEU D 364 21.74 -10.25 5.18
CA LEU D 364 21.20 -9.10 5.89
C LEU D 364 19.75 -8.88 5.50
N MET D 365 19.07 -8.01 6.24
CA MET D 365 17.67 -7.74 5.99
C MET D 365 17.33 -6.35 6.52
N VAL D 366 16.59 -5.57 5.73
CA VAL D 366 16.24 -4.21 6.10
C VAL D 366 14.85 -4.22 6.72
N ASP D 367 14.57 -3.23 7.57
CA ASP D 367 13.34 -3.21 8.35
C ASP D 367 12.70 -1.81 8.36
N ASN D 368 12.56 -1.21 7.18
CA ASN D 368 11.93 0.10 7.08
C ASN D 368 10.64 0.00 6.24
N TRP D 369 10.02 1.14 6.00
CA TRP D 369 8.70 1.17 5.36
C TRP D 369 8.72 0.79 3.89
N ARG D 370 9.86 0.42 3.34
CA ARG D 370 9.97 0.19 1.91
C ARG D 370 10.57 -1.16 1.56
N TRP D 371 11.53 -1.65 2.32
CA TRP D 371 12.22 -2.91 2.03
C TRP D 371 11.93 -3.96 3.08
N GLN D 372 10.69 -4.04 3.56
CA GLN D 372 10.35 -4.98 4.62
C GLN D 372 10.17 -6.37 4.02
N GLY D 373 11.06 -7.29 4.37
CA GLY D 373 10.92 -8.67 3.95
C GLY D 373 11.48 -8.98 2.57
N VAL D 374 12.73 -8.58 2.31
CA VAL D 374 13.42 -8.92 1.08
C VAL D 374 14.89 -9.16 1.42
N PRO D 375 15.36 -10.39 1.41
CA PRO D 375 16.74 -10.65 1.86
C PRO D 375 17.78 -10.08 0.90
N PHE D 376 18.97 -9.81 1.45
CA PHE D 376 20.09 -9.20 0.72
C PHE D 376 21.31 -10.11 0.86
N TYR D 377 21.44 -11.09 -0.01
CA TYR D 377 22.56 -12.02 0.11
C TYR D 377 23.85 -11.35 -0.34
N LEU D 378 24.89 -11.44 0.48
CA LEU D 378 26.20 -10.86 0.18
C LEU D 378 27.22 -11.97 -0.06
N ARG D 379 28.41 -11.59 -0.50
CA ARG D 379 29.41 -12.59 -0.86
C ARG D 379 30.77 -11.91 -1.04
N THR D 380 31.82 -12.71 -1.01
CA THR D 380 33.19 -12.30 -1.30
C THR D 380 34.03 -13.55 -1.46
N GLY D 381 35.34 -13.40 -1.50
CA GLY D 381 36.21 -14.56 -1.46
C GLY D 381 37.55 -14.27 -2.12
N LYS D 382 38.37 -15.32 -2.16
CA LYS D 382 39.67 -15.27 -2.82
C LYS D 382 39.91 -16.60 -3.53
N ARG D 383 40.77 -16.54 -4.54
CA ARG D 383 41.15 -17.66 -5.40
C ARG D 383 40.00 -18.18 -6.25
N MET D 384 38.82 -17.58 -6.19
CA MET D 384 37.75 -17.93 -7.10
C MET D 384 38.11 -17.47 -8.51
N PRO D 385 37.65 -18.18 -9.54
CA PRO D 385 37.97 -17.78 -10.91
C PRO D 385 37.07 -16.65 -11.37
N LYS D 386 37.46 -16.04 -12.50
CA LYS D 386 36.65 -15.05 -13.20
C LYS D 386 36.36 -13.83 -12.30
N LYS D 387 37.42 -13.08 -12.03
CA LYS D 387 37.32 -11.83 -11.28
C LYS D 387 36.21 -10.93 -11.83
N VAL D 388 35.20 -10.66 -11.00
CA VAL D 388 34.02 -9.92 -11.44
C VAL D 388 33.31 -9.34 -10.23
N SER D 389 32.60 -8.23 -10.44
CA SER D 389 31.66 -7.68 -9.46
C SER D 389 30.30 -7.54 -10.13
N GLU D 390 29.25 -7.52 -9.32
CA GLU D 390 27.91 -7.52 -9.90
C GLU D 390 26.89 -7.07 -8.86
N ILE D 391 25.72 -6.67 -9.35
CA ILE D 391 24.56 -6.39 -8.50
C ILE D 391 23.33 -6.89 -9.22
N ALA D 392 22.79 -8.03 -8.79
CA ALA D 392 21.68 -8.66 -9.49
C ALA D 392 20.38 -8.47 -8.71
N ILE D 393 19.36 -7.97 -9.38
CA ILE D 393 18.04 -7.78 -8.80
C ILE D 393 17.07 -8.70 -9.54
N GLN D 394 16.32 -9.50 -8.80
CA GLN D 394 15.40 -10.45 -9.39
C GLN D 394 13.98 -10.06 -9.06
N PHE D 395 13.16 -9.88 -10.08
CA PHE D 395 11.78 -9.43 -9.91
C PHE D 395 10.90 -10.61 -9.50
N ARG D 396 9.59 -10.41 -9.52
CA ARG D 396 8.63 -11.41 -9.09
C ARG D 396 7.95 -12.05 -10.30
N GLN D 397 7.18 -13.09 -10.04
CA GLN D 397 6.41 -13.74 -11.08
C GLN D 397 5.06 -13.06 -11.26
N VAL D 398 4.45 -13.28 -12.42
CA VAL D 398 3.17 -12.64 -12.75
C VAL D 398 2.08 -13.22 -11.87
N PRO D 399 0.95 -12.53 -11.69
CA PRO D 399 -0.12 -13.08 -10.84
C PRO D 399 -0.60 -14.45 -11.26
N LEU D 400 -1.04 -14.60 -12.51
CA LEU D 400 -1.46 -15.89 -13.02
C LEU D 400 -0.78 -16.16 -14.37
N LEU D 401 -0.55 -17.43 -14.64
CA LEU D 401 0.15 -17.86 -15.85
C LEU D 401 -0.83 -18.50 -16.82
N ILE D 402 -0.79 -18.04 -18.07
CA ILE D 402 -1.70 -18.53 -19.08
C ILE D 402 -0.94 -19.16 -20.24
N PHE D 403 0.38 -18.99 -20.25
CA PHE D 403 1.24 -19.50 -21.31
C PHE D 403 2.12 -20.63 -20.79
N GLN D 404 2.71 -21.36 -21.73
CA GLN D 404 3.50 -22.55 -21.42
C GLN D 404 4.97 -22.29 -21.70
N SER D 405 5.82 -22.80 -20.81
CA SER D 405 7.26 -22.61 -20.92
C SER D 405 7.89 -23.80 -21.62
N VAL D 406 8.99 -23.56 -22.33
CA VAL D 406 9.68 -24.64 -23.04
C VAL D 406 10.26 -25.63 -22.04
N ALA D 407 10.97 -25.12 -21.03
CA ALA D 407 11.57 -25.95 -20.00
C ALA D 407 10.71 -26.05 -18.74
N HIS D 408 9.52 -25.47 -18.75
CA HIS D 408 8.62 -25.45 -17.59
C HIS D 408 9.29 -24.83 -16.38
N GLN D 409 10.18 -23.86 -16.61
CA GLN D 409 10.87 -23.16 -15.55
C GLN D 409 10.44 -21.71 -15.40
N ALA D 410 10.21 -21.01 -16.51
CA ALA D 410 9.70 -19.64 -16.51
C ALA D 410 10.60 -18.71 -15.68
N ASN D 411 11.81 -18.54 -16.20
CA ASN D 411 12.80 -17.72 -15.50
C ASN D 411 12.31 -16.28 -15.41
N PRO D 412 12.27 -15.69 -14.21
CA PRO D 412 11.78 -14.32 -14.06
C PRO D 412 12.84 -13.31 -14.49
N ASN D 413 12.37 -12.08 -14.69
CA ASN D 413 13.20 -11.00 -15.20
C ASN D 413 14.28 -10.63 -14.19
N VAL D 414 15.37 -10.06 -14.71
CA VAL D 414 16.53 -9.72 -13.89
C VAL D 414 17.16 -8.44 -14.41
N LEU D 415 17.55 -7.55 -13.50
CA LEU D 415 18.45 -6.44 -13.81
C LEU D 415 19.85 -6.82 -13.37
N SER D 416 20.86 -6.39 -14.12
CA SER D 416 22.21 -6.91 -13.92
C SER D 416 23.24 -5.79 -13.96
N LEU D 417 23.03 -4.73 -13.17
CA LEU D 417 24.04 -3.69 -13.05
C LEU D 417 25.42 -4.30 -12.82
N ARG D 418 26.39 -3.85 -13.60
CA ARG D 418 27.75 -4.36 -13.51
C ARG D 418 28.70 -3.25 -13.09
N ILE D 419 29.79 -3.62 -12.42
CA ILE D 419 30.78 -2.61 -11.94
C ILE D 419 32.17 -2.95 -12.49
N GLN D 420 32.49 -4.24 -12.58
CA GLN D 420 33.81 -4.68 -13.12
C GLN D 420 33.91 -4.31 -14.60
N PRO D 421 35.01 -4.64 -15.31
CA PRO D 421 35.19 -4.25 -16.72
C PRO D 421 33.99 -4.65 -17.58
N ASN D 422 33.81 -3.99 -18.73
CA ASN D 422 32.62 -4.25 -19.57
C ASN D 422 31.39 -3.76 -18.80
N GLU D 423 31.51 -2.60 -18.16
CA GLU D 423 30.40 -2.07 -17.36
C GLU D 423 29.16 -1.90 -18.23
N GLY D 424 28.00 -1.94 -17.61
CA GLY D 424 26.76 -1.71 -18.34
C GLY D 424 25.58 -2.26 -17.59
N ILE D 425 24.43 -2.20 -18.27
CA ILE D 425 23.15 -2.65 -17.74
C ILE D 425 22.59 -3.68 -18.70
N SER D 426 22.18 -4.83 -18.17
CA SER D 426 21.58 -5.88 -18.98
C SER D 426 20.31 -6.38 -18.30
N LEU D 427 19.28 -6.62 -19.11
CA LEU D 427 17.97 -7.02 -18.62
C LEU D 427 17.44 -8.13 -19.50
N ARG D 428 16.81 -9.14 -18.91
CA ARG D 428 16.30 -10.28 -19.67
C ARG D 428 14.80 -10.45 -19.45
N PHE D 429 14.09 -10.73 -20.54
CA PHE D 429 12.63 -10.86 -20.54
C PHE D 429 12.27 -12.01 -21.48
N GLU D 430 11.01 -12.09 -21.88
CA GLU D 430 10.51 -13.21 -22.65
C GLU D 430 10.15 -12.81 -24.08
N ALA D 431 10.21 -13.79 -24.97
CA ALA D 431 9.91 -13.59 -26.39
C ALA D 431 9.14 -14.82 -26.89
N LYS D 432 9.02 -14.97 -28.20
CA LYS D 432 8.22 -16.03 -28.80
C LYS D 432 9.07 -16.95 -29.66
N MET D 433 8.90 -18.25 -29.46
CA MET D 433 9.58 -19.24 -30.29
C MET D 433 8.93 -19.28 -31.66
N PRO D 434 9.69 -19.09 -32.74
CA PRO D 434 9.09 -19.17 -34.08
C PRO D 434 8.49 -20.54 -34.34
N GLY D 435 7.40 -20.54 -35.08
CA GLY D 435 6.62 -21.73 -35.35
C GLY D 435 5.15 -21.51 -35.06
N SER D 436 4.37 -22.55 -35.34
CA SER D 436 2.92 -22.49 -35.12
C SER D 436 2.54 -23.00 -33.74
N GLU D 437 3.20 -22.47 -32.71
CA GLU D 437 2.93 -22.85 -31.33
C GLU D 437 3.26 -21.67 -30.43
N LEU D 438 2.69 -21.68 -29.23
CA LEU D 438 2.88 -20.61 -28.27
C LEU D 438 3.82 -21.08 -27.17
N ARG D 439 5.08 -20.70 -27.28
CA ARG D 439 6.09 -20.99 -26.26
C ARG D 439 6.99 -19.78 -26.11
N THR D 440 7.57 -19.64 -24.91
CA THR D 440 8.39 -18.49 -24.59
C THR D 440 9.83 -18.92 -24.37
N ARG D 441 10.75 -18.01 -24.64
CA ARG D 441 12.17 -18.26 -24.48
C ARG D 441 12.85 -16.98 -24.00
N THR D 442 13.79 -17.13 -23.07
CA THR D 442 14.38 -15.97 -22.40
C THR D 442 15.45 -15.33 -23.29
N VAL D 443 15.30 -14.04 -23.55
CA VAL D 443 16.28 -13.26 -24.30
C VAL D 443 16.49 -11.93 -23.57
N ASP D 444 17.61 -11.29 -23.90
CA ASP D 444 18.04 -10.12 -23.15
C ASP D 444 18.55 -9.02 -24.07
N MET D 445 18.38 -7.77 -23.63
CA MET D 445 19.03 -6.64 -24.27
C MET D 445 20.41 -6.44 -23.66
N ASP D 446 21.13 -5.44 -24.13
CA ASP D 446 22.46 -5.16 -23.59
C ASP D 446 22.84 -3.72 -23.91
N PHE D 447 23.71 -3.16 -23.07
CA PHE D 447 24.24 -1.82 -23.29
C PHE D 447 25.55 -1.70 -22.53
N SER D 448 26.66 -1.66 -23.24
CA SER D 448 27.98 -1.64 -22.62
C SER D 448 28.56 -0.22 -22.69
N TYR D 449 29.09 0.24 -21.57
CA TYR D 449 29.71 1.56 -21.55
C TYR D 449 30.94 1.64 -22.43
N GLY D 450 31.54 0.50 -22.76
CA GLY D 450 32.77 0.48 -23.52
C GLY D 450 32.63 0.76 -25.01
N SER D 451 31.40 0.82 -25.52
CA SER D 451 31.17 1.15 -26.93
C SER D 451 30.85 2.63 -27.09
N SER D 452 29.81 3.11 -26.41
CA SER D 452 29.50 4.54 -26.44
C SER D 452 30.53 5.38 -25.70
N PHE D 453 31.39 4.75 -24.90
CA PHE D 453 32.40 5.43 -24.10
C PHE D 453 33.61 4.51 -24.03
N GLY D 454 34.48 4.77 -23.06
CA GLY D 454 35.65 3.92 -22.89
C GLY D 454 36.89 4.70 -22.48
N VAL D 455 36.82 6.03 -22.59
CA VAL D 455 37.91 6.89 -22.16
C VAL D 455 37.80 7.11 -20.66
N ALA D 456 38.40 6.22 -19.88
CA ALA D 456 38.30 6.28 -18.44
C ALA D 456 39.05 7.49 -17.88
N ALA D 457 38.71 7.86 -16.65
CA ALA D 457 39.35 8.97 -15.99
C ALA D 457 40.74 8.55 -15.51
N ALA D 458 41.40 9.42 -14.75
CA ALA D 458 42.75 9.15 -14.27
C ALA D 458 42.69 8.09 -13.17
N ASP D 459 43.84 7.83 -12.55
CA ASP D 459 43.88 6.90 -11.43
C ASP D 459 43.00 7.41 -10.29
N ALA D 460 42.35 6.47 -9.59
CA ALA D 460 41.48 6.85 -8.49
C ALA D 460 42.23 7.64 -7.43
N TYR D 461 43.51 7.32 -7.22
CA TYR D 461 44.31 8.06 -6.26
C TYR D 461 44.46 9.53 -6.63
N HIS D 462 44.67 9.83 -7.93
CA HIS D 462 44.81 11.20 -8.36
C HIS D 462 43.54 12.01 -8.07
N ARG D 463 42.39 11.46 -8.44
CA ARG D 463 41.13 12.16 -8.16
C ARG D 463 40.89 12.30 -6.66
N LEU D 464 41.24 11.28 -5.89
CA LEU D 464 41.11 11.37 -4.44
C LEU D 464 41.94 12.53 -3.89
N LEU D 465 43.19 12.64 -4.34
CA LEU D 465 44.04 13.72 -3.85
C LEU D 465 43.51 15.09 -4.29
N LEU D 466 43.05 15.20 -5.53
CA LEU D 466 42.50 16.48 -5.99
C LEU D 466 41.28 16.88 -5.17
N ASP D 467 40.40 15.92 -4.88
CA ASP D 467 39.22 16.22 -4.09
C ASP D 467 39.60 16.60 -2.67
N CYS D 468 40.63 15.94 -2.12
CA CYS D 468 41.11 16.31 -0.79
C CYS D 468 41.64 17.74 -0.77
N MET D 469 42.37 18.12 -1.82
CA MET D 469 42.90 19.48 -1.88
C MET D 469 41.78 20.50 -1.99
N LEU D 470 40.86 20.31 -2.94
CA LEU D 470 39.80 21.29 -3.14
C LEU D 470 38.80 21.26 -1.98
N GLY D 471 38.35 20.08 -1.58
CA GLY D 471 37.47 19.94 -0.45
C GLY D 471 36.04 19.59 -0.80
N ASP D 472 35.72 18.31 -0.72
CA ASP D 472 34.35 17.82 -0.89
C ASP D 472 34.28 16.43 -0.28
N GLN D 473 33.50 16.27 0.79
CA GLN D 473 33.48 15.04 1.55
C GLN D 473 32.47 14.02 1.02
N THR D 474 32.07 14.13 -0.25
CA THR D 474 31.08 13.22 -0.79
C THR D 474 31.58 11.78 -0.77
N LEU D 475 32.84 11.58 -1.13
CA LEU D 475 33.39 10.24 -1.32
C LEU D 475 34.01 9.67 -0.05
N PHE D 476 34.05 10.41 1.05
CA PHE D 476 34.61 9.95 2.30
C PHE D 476 33.49 9.49 3.22
N THR D 477 33.87 9.07 4.43
CA THR D 477 32.93 8.47 5.38
C THR D 477 32.92 9.23 6.69
N ARG D 478 31.72 9.44 7.23
CA ARG D 478 31.54 10.09 8.51
C ARG D 478 31.74 9.08 9.65
N ALA D 479 31.68 9.57 10.88
CA ALA D 479 31.84 8.70 12.04
C ALA D 479 30.67 7.73 12.18
N ASP D 480 29.45 8.23 11.95
CA ASP D 480 28.27 7.41 12.18
C ASP D 480 28.25 6.18 11.27
N GLU D 481 28.67 6.36 10.02
CA GLU D 481 28.70 5.22 9.09
C GLU D 481 29.62 4.13 9.59
N VAL D 482 30.82 4.51 10.04
CA VAL D 482 31.79 3.53 10.52
C VAL D 482 31.23 2.79 11.73
N GLU D 483 30.70 3.54 12.69
CA GLU D 483 30.18 2.90 13.91
C GLU D 483 29.03 1.97 13.58
N GLU D 484 28.15 2.38 12.67
CA GLU D 484 27.01 1.52 12.33
C GLU D 484 27.45 0.25 11.62
N ALA D 485 28.41 0.35 10.70
CA ALA D 485 28.88 -0.87 10.04
C ALA D 485 29.48 -1.83 11.06
N TRP D 486 30.28 -1.30 11.99
CA TRP D 486 30.86 -2.17 13.01
C TRP D 486 29.78 -2.83 13.85
N ARG D 487 28.75 -2.06 14.23
CA ARG D 487 27.68 -2.65 15.03
C ARG D 487 26.96 -3.76 14.27
N VAL D 488 26.75 -3.57 12.97
CA VAL D 488 26.07 -4.60 12.18
C VAL D 488 26.88 -5.88 12.16
N VAL D 489 28.19 -5.78 11.94
CA VAL D 489 28.98 -7.00 11.77
C VAL D 489 29.47 -7.59 13.07
N THR D 490 29.28 -6.91 14.21
CA THR D 490 29.85 -7.37 15.48
C THR D 490 29.55 -8.83 15.86
N PRO D 491 28.30 -9.32 15.81
CA PRO D 491 28.06 -10.67 16.36
C PRO D 491 28.83 -11.78 15.66
N VAL D 492 28.77 -11.82 14.32
CA VAL D 492 29.47 -12.85 13.58
C VAL D 492 30.97 -12.76 13.80
N LEU D 493 31.50 -11.53 13.81
CA LEU D 493 32.92 -11.35 14.01
C LEU D 493 33.36 -11.90 15.36
N SER D 494 32.60 -11.57 16.42
CA SER D 494 32.94 -12.09 17.74
C SER D 494 32.86 -13.61 17.77
N ALA D 495 31.83 -14.17 17.15
CA ALA D 495 31.66 -15.64 17.18
C ALA D 495 32.81 -16.33 16.46
N TRP D 496 33.20 -15.84 15.29
CA TRP D 496 34.28 -16.46 14.53
C TRP D 496 35.65 -16.19 15.13
N ASP D 497 35.79 -15.16 15.96
CA ASP D 497 37.09 -14.87 16.54
C ASP D 497 37.47 -15.87 17.62
N ALA D 498 36.50 -16.51 18.27
CA ALA D 498 36.80 -17.40 19.37
C ALA D 498 37.54 -18.64 18.88
N PRO D 499 38.48 -19.16 19.67
CA PRO D 499 39.19 -20.38 19.26
C PRO D 499 38.26 -21.58 19.19
N SER D 500 38.65 -22.54 18.36
CA SER D 500 37.83 -23.72 18.13
C SER D 500 38.73 -24.86 17.66
N ASP D 501 38.11 -25.92 17.17
CA ASP D 501 38.87 -27.06 16.68
C ASP D 501 39.65 -26.69 15.42
N PRO D 502 40.92 -27.07 15.32
CA PRO D 502 41.73 -26.68 14.15
C PRO D 502 41.19 -27.17 12.82
N LEU D 503 40.56 -28.34 12.78
CA LEU D 503 40.11 -28.92 11.53
C LEU D 503 38.60 -28.80 11.32
N SER D 504 37.98 -27.79 11.92
CA SER D 504 36.55 -27.55 11.74
C SER D 504 36.26 -26.52 10.66
N MET D 505 37.28 -26.05 9.95
CA MET D 505 37.08 -25.06 8.89
C MET D 505 36.56 -25.75 7.64
N PRO D 506 35.39 -25.39 7.13
CA PRO D 506 34.98 -25.88 5.81
C PRO D 506 36.00 -25.44 4.76
N LEU D 507 36.32 -26.35 3.85
CA LEU D 507 37.42 -26.16 2.91
C LEU D 507 36.94 -26.29 1.48
N TYR D 508 37.47 -25.41 0.62
CA TYR D 508 37.19 -25.44 -0.81
C TYR D 508 38.51 -25.30 -1.56
N GLU D 509 38.68 -26.10 -2.59
CA GLU D 509 39.92 -26.04 -3.35
C GLU D 509 39.97 -24.77 -4.20
N ALA D 510 41.16 -24.41 -4.64
CA ALA D 510 41.33 -23.23 -5.47
C ALA D 510 40.72 -23.49 -6.83
N GLY D 511 39.62 -22.81 -7.13
CA GLY D 511 38.97 -22.98 -8.41
C GLY D 511 37.48 -23.22 -8.31
N THR D 512 37.04 -23.99 -7.32
CA THR D 512 35.61 -24.15 -7.15
C THR D 512 35.00 -22.88 -6.58
N TRP D 513 33.71 -22.68 -6.85
CA TRP D 513 33.10 -21.40 -6.54
C TRP D 513 33.00 -21.15 -5.04
N GLU D 514 32.64 -22.16 -4.26
CA GLU D 514 32.47 -21.99 -2.82
C GLU D 514 32.28 -23.37 -2.19
N PRO D 515 32.54 -23.49 -0.89
CA PRO D 515 32.21 -24.72 -0.19
C PRO D 515 30.71 -24.94 -0.14
N ALA D 516 30.31 -26.21 -0.07
CA ALA D 516 28.90 -26.57 -0.24
C ALA D 516 28.00 -25.98 0.84
N GLU D 517 28.57 -25.53 1.96
CA GLU D 517 27.75 -24.96 3.02
C GLU D 517 27.02 -23.71 2.54
N ALA D 518 27.71 -22.86 1.77
CA ALA D 518 27.05 -21.69 1.20
C ALA D 518 25.91 -22.09 0.27
N GLU D 519 26.12 -23.16 -0.50
CA GLU D 519 25.06 -23.65 -1.36
C GLU D 519 23.86 -24.07 -0.54
N TRP D 520 24.09 -24.73 0.61
CA TRP D 520 22.95 -25.10 1.45
C TRP D 520 22.27 -23.86 2.02
N LEU D 521 23.06 -22.86 2.41
CA LEU D 521 22.48 -21.64 2.95
C LEU D 521 21.55 -20.97 1.94
N ILE D 522 21.94 -20.97 0.67
CA ILE D 522 21.08 -20.31 -0.31
C ILE D 522 19.93 -21.21 -0.76
N ASN D 523 20.12 -22.53 -0.78
CA ASN D 523 19.08 -23.42 -1.26
C ASN D 523 18.06 -23.77 -0.20
N LYS D 524 18.32 -23.42 1.06
CA LYS D 524 17.33 -23.64 2.11
C LYS D 524 16.00 -22.97 1.79
N ASP D 525 16.03 -21.87 1.05
CA ASP D 525 14.82 -21.15 0.68
C ASP D 525 14.37 -21.41 -0.74
N GLY D 526 15.29 -21.78 -1.64
CA GLY D 526 14.91 -22.09 -3.00
C GLY D 526 15.65 -21.29 -4.05
N ARG D 527 15.86 -20.00 -3.78
CA ARG D 527 16.56 -19.15 -4.72
C ARG D 527 18.03 -19.57 -4.83
N ARG D 528 18.54 -19.62 -6.05
CA ARG D 528 19.86 -20.15 -6.30
C ARG D 528 20.91 -19.04 -6.42
N TRP D 529 22.16 -19.41 -6.16
CA TRP D 529 23.27 -18.49 -6.39
C TRP D 529 23.33 -18.14 -7.86
N ARG D 530 23.65 -16.88 -8.15
CA ARG D 530 23.81 -16.47 -9.53
C ARG D 530 24.99 -17.19 -10.16
N ARG D 531 24.77 -17.81 -11.31
CA ARG D 531 25.82 -18.61 -11.94
C ARG D 531 26.98 -17.74 -12.42
N LEU D 532 26.72 -16.46 -12.70
CA LEU D 532 27.73 -15.52 -13.17
C LEU D 532 28.41 -15.97 -14.46
N LEU E 27 -23.61 10.60 36.43
CA LEU E 27 -22.35 10.80 35.71
C LEU E 27 -21.29 9.84 36.24
N LEU E 28 -20.26 10.41 36.88
CA LEU E 28 -19.14 9.66 37.45
C LEU E 28 -18.64 8.57 36.50
N GLU E 29 -18.15 9.03 35.35
CA GLU E 29 -17.81 8.13 34.25
C GLU E 29 -16.79 7.09 34.67
N ASN E 30 -17.12 5.82 34.43
CA ASN E 30 -16.26 4.66 34.66
C ASN E 30 -15.68 4.66 36.07
N PRO E 31 -16.48 4.34 37.08
CA PRO E 31 -15.91 4.19 38.43
C PRO E 31 -14.85 3.09 38.53
N PHE E 32 -14.68 2.29 37.48
CA PHE E 32 -13.56 1.36 37.41
C PHE E 32 -12.22 2.06 37.20
N ARG E 33 -12.24 3.38 36.93
CA ARG E 33 -11.05 4.12 36.53
C ARG E 33 -10.57 5.05 37.64
N THR E 34 -10.58 4.58 38.88
CA THR E 34 -10.03 5.37 39.99
C THR E 34 -8.56 5.67 39.77
N GLY E 35 -7.73 4.64 39.75
CA GLY E 35 -6.32 4.81 39.44
C GLY E 35 -5.63 3.55 38.97
N LEU E 36 -5.00 3.60 37.79
CA LEU E 36 -4.26 2.45 37.27
C LEU E 36 -2.91 2.81 36.68
N ARG E 37 -2.64 4.06 36.34
CA ARG E 37 -1.41 4.44 35.64
C ARG E 37 -0.21 4.40 36.59
N GLN E 38 0.98 4.45 36.01
CA GLN E 38 2.23 4.42 36.77
C GLN E 38 3.25 5.32 36.08
N GLU E 39 3.60 6.43 36.74
CA GLU E 39 4.62 7.34 36.24
C GLU E 39 5.09 8.22 37.40
N ARG E 40 6.26 8.84 37.22
CA ARG E 40 6.88 9.60 38.29
C ARG E 40 7.95 10.51 37.73
N THR E 41 7.98 11.76 38.22
CA THR E 41 9.10 12.67 38.00
C THR E 41 10.28 12.25 38.87
N PRO E 42 11.51 12.22 38.35
CA PRO E 42 12.57 11.47 39.02
C PRO E 42 13.05 12.07 40.33
N GLU E 43 13.44 13.33 40.35
CA GLU E 43 14.17 13.90 41.47
C GLU E 43 13.69 15.30 41.77
N PRO E 44 13.94 15.79 42.98
CA PRO E 44 13.63 17.19 43.29
C PRO E 44 14.54 18.15 42.55
N LEU E 45 14.16 19.42 42.61
CA LEU E 45 14.87 20.49 41.91
C LEU E 45 14.35 21.84 42.39
N ILE E 46 15.08 22.90 42.06
CA ILE E 46 14.71 24.25 42.43
C ILE E 46 14.55 25.06 41.15
N LEU E 47 13.33 25.54 40.91
CA LEU E 47 13.01 26.30 39.70
C LEU E 47 13.25 27.78 39.99
N THR E 48 14.41 28.27 39.58
CA THR E 48 14.81 29.65 39.90
C THR E 48 14.14 30.59 38.90
N ILE E 49 12.87 30.90 39.18
CA ILE E 49 12.10 31.75 38.28
C ILE E 49 12.72 33.13 38.24
N PHE E 50 13.11 33.57 37.05
CA PHE E 50 13.62 34.93 36.88
C PHE E 50 12.44 35.91 36.76
N GLY E 51 12.76 37.18 36.96
CA GLY E 51 11.77 38.22 36.78
C GLY E 51 10.55 38.09 37.67
N ALA E 52 10.78 37.91 38.98
CA ALA E 52 9.67 37.76 39.91
C ALA E 52 8.77 38.99 39.95
N SER E 53 9.27 40.14 39.51
CA SER E 53 8.44 41.33 39.41
C SER E 53 7.56 41.26 38.16
N GLY E 54 6.79 42.31 37.94
CA GLY E 54 5.92 42.36 36.77
C GLY E 54 4.60 41.64 36.90
N ASP E 55 4.29 41.10 38.08
CA ASP E 55 3.04 40.41 38.41
C ASP E 55 2.57 39.47 37.30
N LEU E 56 3.50 38.80 36.64
CA LEU E 56 3.18 37.77 35.66
C LEU E 56 3.51 36.37 36.14
N THR E 57 4.66 36.21 36.81
CA THR E 57 4.98 34.92 37.41
C THR E 57 3.97 34.55 38.49
N GLN E 58 3.57 35.53 39.30
CA GLN E 58 2.64 35.31 40.39
C GLN E 58 1.25 34.93 39.91
N ARG E 59 0.91 35.18 38.64
CA ARG E 59 -0.40 34.90 38.11
C ARG E 59 -0.44 33.80 37.07
N LYS E 60 0.70 33.35 36.55
CA LYS E 60 0.73 32.32 35.53
C LYS E 60 1.41 31.04 35.99
N LEU E 61 2.63 31.12 36.49
CA LEU E 61 3.40 29.93 36.81
C LEU E 61 3.02 29.36 38.17
N VAL E 62 3.08 30.22 39.20
CA VAL E 62 2.84 29.74 40.57
C VAL E 62 1.45 29.13 40.73
N PRO E 63 0.37 29.72 40.23
CA PRO E 63 -0.92 29.01 40.28
C PRO E 63 -0.89 27.66 39.60
N ALA E 64 -0.11 27.53 38.53
CA ALA E 64 -0.05 26.26 37.80
C ALA E 64 0.60 25.17 38.64
N ILE E 65 1.76 25.47 39.23
CA ILE E 65 2.49 24.44 39.97
C ILE E 65 1.74 24.06 41.25
N TYR E 66 1.11 25.04 41.91
CA TYR E 66 0.43 24.77 43.17
C TYR E 66 -0.68 23.73 42.98
N GLN E 67 -1.44 23.84 41.91
CA GLN E 67 -2.49 22.86 41.65
C GLN E 67 -1.90 21.47 41.48
N MET E 68 -0.77 21.37 40.77
CA MET E 68 -0.15 20.07 40.55
C MET E 68 0.30 19.44 41.87
N LYS E 69 0.72 20.27 42.83
CA LYS E 69 1.18 19.73 44.10
C LYS E 69 0.04 19.12 44.91
N ARG E 70 -1.20 19.56 44.66
CA ARG E 70 -2.31 19.11 45.47
C ARG E 70 -2.63 17.63 45.23
N GLU E 71 -2.44 17.15 44.02
CA GLU E 71 -2.67 15.74 43.72
C GLU E 71 -1.40 14.91 43.71
N ARG E 72 -0.31 15.45 44.28
CA ARG E 72 0.96 14.72 44.41
C ARG E 72 1.47 14.26 43.05
N ARG E 73 1.82 15.26 42.23
CA ARG E 73 2.45 15.01 40.94
C ARG E 73 3.90 15.47 40.90
N LEU E 74 4.44 15.90 42.02
CA LEU E 74 5.78 16.45 42.14
C LEU E 74 6.53 15.80 43.27
N PRO E 75 7.86 15.96 43.33
CA PRO E 75 8.61 15.54 44.52
C PRO E 75 8.17 16.32 45.74
N PRO E 76 8.48 15.83 46.95
CA PRO E 76 7.91 16.47 48.15
C PRO E 76 8.29 17.93 48.32
N GLU E 77 9.50 18.34 47.95
CA GLU E 77 9.94 19.72 48.19
C GLU E 77 10.38 20.34 46.88
N LEU E 78 9.66 21.36 46.44
CA LEU E 78 9.94 22.11 45.22
C LEU E 78 10.18 23.56 45.62
N THR E 79 11.40 23.87 46.00
CA THR E 79 11.74 25.21 46.44
C THR E 79 11.85 26.13 45.23
N VAL E 80 11.14 27.24 45.26
CA VAL E 80 11.16 28.21 44.18
C VAL E 80 11.88 29.46 44.66
N VAL E 81 12.88 29.88 43.90
CA VAL E 81 13.73 31.01 44.26
C VAL E 81 13.39 32.14 43.28
N GLY E 82 12.54 33.06 43.70
CA GLY E 82 12.23 34.20 42.86
C GLY E 82 13.44 35.11 42.71
N PHE E 83 13.50 35.80 41.58
CA PHE E 83 14.62 36.69 41.28
C PHE E 83 14.08 37.99 40.70
N ALA E 84 14.63 39.11 41.17
CA ALA E 84 14.24 40.43 40.69
C ALA E 84 15.32 41.43 41.05
N ARG E 85 15.33 42.55 40.32
CA ARG E 85 16.22 43.65 40.66
C ARG E 85 15.86 44.23 42.02
N ARG E 86 14.56 44.44 42.27
CA ARG E 86 14.09 44.94 43.55
C ARG E 86 13.85 43.78 44.51
N ASP E 87 14.09 44.02 45.78
CA ASP E 87 14.04 42.98 46.80
C ASP E 87 13.01 43.32 47.87
N TRP E 88 12.35 42.29 48.39
CA TRP E 88 11.38 42.38 49.45
C TRP E 88 11.80 41.47 50.59
N SER E 89 10.99 41.45 51.65
CA SER E 89 11.23 40.50 52.73
C SER E 89 10.83 39.09 52.28
N HIS E 90 11.31 38.09 53.02
CA HIS E 90 11.01 36.71 52.68
C HIS E 90 9.50 36.46 52.70
N ASP E 91 8.83 36.92 53.75
CA ASP E 91 7.38 36.76 53.81
C ASP E 91 6.66 37.77 52.93
N HIS E 92 7.20 38.98 52.80
CA HIS E 92 6.57 39.98 51.95
C HIS E 92 6.54 39.51 50.50
N PHE E 93 7.60 38.85 50.06
CA PHE E 93 7.57 38.19 48.76
C PHE E 93 6.52 37.08 48.73
N ARG E 94 6.40 36.34 49.83
CA ARG E 94 5.37 35.31 49.92
C ARG E 94 3.97 35.91 49.89
N GLU E 95 3.81 37.14 50.40
CA GLU E 95 2.49 37.76 50.42
C GLU E 95 1.96 37.97 49.00
N GLN E 96 2.80 38.46 48.10
CA GLN E 96 2.37 38.66 46.72
C GLN E 96 2.15 37.32 46.02
N MET E 97 2.88 36.28 46.43
CA MET E 97 2.63 34.95 45.88
C MET E 97 1.21 34.49 46.20
N ARG E 98 0.77 34.71 47.44
CA ARG E 98 -0.62 34.43 47.80
C ARG E 98 -1.56 35.43 47.13
N LYS E 99 -1.13 36.68 46.98
CA LYS E 99 -2.00 37.71 46.43
C LYS E 99 -2.55 37.31 45.07
N GLY E 100 -1.70 36.79 44.20
CA GLY E 100 -2.16 36.33 42.90
C GLY E 100 -2.91 35.02 42.94
N ILE E 101 -2.74 34.25 44.02
CA ILE E 101 -3.44 32.96 44.12
C ILE E 101 -4.94 33.19 44.23
N GLU E 102 -5.35 34.17 45.03
CA GLU E 102 -6.77 34.37 45.30
C GLU E 102 -7.54 34.76 44.05
N GLU E 103 -6.97 35.62 43.21
CA GLU E 103 -7.66 36.08 42.01
C GLU E 103 -7.92 34.95 41.02
N PHE E 104 -7.17 33.86 41.11
CA PHE E 104 -7.38 32.65 40.32
C PHE E 104 -7.53 31.44 41.23
N SER E 105 -8.09 31.66 42.41
CA SER E 105 -8.19 30.60 43.41
C SER E 105 -9.14 29.52 42.94
N THR E 106 -8.71 28.27 43.06
CA THR E 106 -9.55 27.11 42.81
C THR E 106 -9.80 26.32 44.08
N GLY E 107 -9.73 26.98 45.23
CA GLY E 107 -9.85 26.34 46.51
C GLY E 107 -8.50 26.15 47.17
N ILE E 108 -8.53 26.02 48.49
CA ILE E 108 -7.31 25.83 49.28
C ILE E 108 -7.37 24.60 50.18
N GLY E 109 -8.54 24.04 50.46
CA GLY E 109 -8.63 22.91 51.36
C GLY E 109 -8.16 23.29 52.75
N SER E 110 -7.31 22.45 53.33
CA SER E 110 -6.71 22.75 54.63
C SER E 110 -5.59 23.75 54.45
N GLU E 111 -5.58 24.79 55.29
CA GLU E 111 -4.60 25.85 55.15
C GLU E 111 -3.18 25.38 55.44
N ASP E 112 -3.01 24.26 56.15
CA ASP E 112 -1.66 23.78 56.45
C ASP E 112 -0.89 23.39 55.20
N LEU E 113 -1.59 23.12 54.10
CA LEU E 113 -0.91 22.82 52.85
C LEU E 113 -0.08 24.00 52.37
N TRP E 114 -0.62 25.22 52.47
CA TRP E 114 0.14 26.40 52.08
C TRP E 114 1.27 26.71 53.04
N ASN E 115 1.16 26.28 54.30
CA ASN E 115 2.18 26.59 55.30
C ASN E 115 3.51 25.94 54.92
N GLU E 116 3.50 24.64 54.65
CA GLU E 116 4.72 23.97 54.19
C GLU E 116 5.15 24.53 52.84
N PHE E 117 4.19 24.90 52.00
CA PHE E 117 4.52 25.55 50.74
C PHE E 117 5.22 26.88 50.99
N ALA E 118 4.71 27.67 51.95
CA ALA E 118 5.31 28.96 52.25
C ALA E 118 6.73 28.80 52.79
N GLN E 119 6.95 27.77 53.61
CA GLN E 119 8.30 27.48 54.08
C GLN E 119 9.18 26.95 52.97
N GLY E 120 8.61 26.19 52.03
CA GLY E 120 9.41 25.64 50.95
C GLY E 120 10.00 26.72 50.06
N LEU E 121 9.20 27.70 49.69
CA LEU E 121 9.67 28.77 48.82
C LEU E 121 10.62 29.69 49.57
N PHE E 122 11.77 29.94 48.99
CA PHE E 122 12.75 30.88 49.52
C PHE E 122 12.75 32.13 48.64
N TYR E 123 13.68 33.04 48.91
CA TYR E 123 13.81 34.22 48.07
C TYR E 123 15.23 34.76 48.18
N CYS E 124 15.75 35.27 47.06
CA CYS E 124 17.02 35.95 47.01
C CYS E 124 16.87 37.16 46.10
N SER E 125 17.97 37.89 45.88
CA SER E 125 17.91 39.12 45.12
C SER E 125 19.25 39.36 44.44
N GLY E 126 19.31 40.45 43.68
CA GLY E 126 20.52 40.79 42.95
C GLY E 126 20.20 41.80 41.86
N ASN E 127 21.12 41.93 40.92
CA ASN E 127 20.95 42.82 39.78
C ASN E 127 21.13 42.02 38.50
N MET E 128 20.35 42.35 37.48
CA MET E 128 20.33 41.56 36.26
C MET E 128 21.67 41.64 35.52
N ASP E 129 22.26 42.83 35.44
CA ASP E 129 23.44 43.04 34.63
C ASP E 129 24.73 43.12 35.43
N ASP E 130 24.71 42.72 36.71
CA ASP E 130 25.93 42.74 37.51
C ASP E 130 26.55 41.35 37.50
N PRO E 131 27.73 41.17 36.91
CA PRO E 131 28.36 39.83 36.93
C PRO E 131 28.61 39.32 38.34
N GLU E 132 28.96 40.19 39.26
CA GLU E 132 29.22 39.77 40.64
C GLU E 132 27.94 39.51 41.41
N SER E 133 26.79 40.00 40.93
CA SER E 133 25.53 39.75 41.62
C SER E 133 25.22 38.27 41.67
N TYR E 134 25.54 37.55 40.59
CA TYR E 134 25.32 36.10 40.57
C TYR E 134 26.17 35.39 41.60
N LEU E 135 27.33 35.97 41.94
CA LEU E 135 28.15 35.39 43.01
C LEU E 135 27.40 35.40 44.33
N LYS E 136 26.68 36.48 44.61
CA LYS E 136 25.76 36.48 45.74
C LYS E 136 24.66 35.45 45.53
N LEU E 137 24.17 35.33 44.29
CA LEU E 137 23.14 34.34 44.00
C LEU E 137 23.70 32.93 44.08
N LYS E 138 24.83 32.67 43.42
CA LYS E 138 25.32 31.30 43.28
C LYS E 138 25.53 30.64 44.64
N ASN E 139 26.15 31.36 45.57
CA ASN E 139 26.35 30.81 46.90
C ASN E 139 25.04 30.66 47.66
N PHE E 140 23.99 31.35 47.24
CA PHE E 140 22.73 31.31 47.99
C PHE E 140 22.04 29.97 47.78
N LEU E 141 21.73 29.62 46.52
CA LEU E 141 21.08 28.34 46.29
C LEU E 141 22.01 27.18 46.62
N GLY E 142 23.32 27.38 46.49
CA GLY E 142 24.25 26.39 46.99
C GLY E 142 24.09 26.17 48.49
N GLU E 143 23.83 27.25 49.23
CA GLU E 143 23.53 27.11 50.65
C GLU E 143 22.24 26.34 50.87
N LEU E 144 21.21 26.61 50.05
CA LEU E 144 19.96 25.86 50.17
C LEU E 144 20.16 24.40 49.83
N ASP E 145 21.16 24.08 49.00
CA ASP E 145 21.48 22.70 48.73
C ASP E 145 21.91 21.98 49.99
N GLU E 146 22.69 22.65 50.85
CA GLU E 146 23.08 22.06 52.12
C GLU E 146 21.91 22.03 53.10
N LYS E 147 20.92 22.92 52.93
CA LYS E 147 19.77 22.91 53.83
C LYS E 147 18.86 21.73 53.52
N ARG E 148 18.61 21.45 52.23
CA ARG E 148 17.67 20.42 51.83
C ARG E 148 18.34 19.09 51.52
N ASN E 149 19.42 19.11 50.73
CA ASN E 149 20.14 17.91 50.33
C ASN E 149 19.22 16.90 49.65
N THR E 150 18.41 17.38 48.70
CA THR E 150 17.51 16.46 48.02
C THR E 150 18.24 15.72 46.90
N ARG E 151 18.59 16.43 45.82
CA ARG E 151 19.58 15.92 44.90
C ARG E 151 20.52 16.97 44.32
N GLY E 152 20.09 18.22 44.20
CA GLY E 152 20.87 19.22 43.49
C GLY E 152 20.47 19.29 42.04
N ASN E 153 19.70 20.31 41.66
CA ASN E 153 19.20 20.42 40.29
C ASN E 153 18.79 21.87 40.04
N ARG E 154 19.08 22.36 38.83
CA ARG E 154 18.82 23.75 38.47
C ARG E 154 17.99 23.82 37.20
N VAL E 155 16.93 24.62 37.21
CA VAL E 155 16.11 24.90 36.05
C VAL E 155 15.84 26.40 35.99
N PHE E 156 16.04 26.99 34.82
CA PHE E 156 15.91 28.43 34.64
C PHE E 156 14.73 28.73 33.72
N TYR E 157 13.95 29.74 34.09
CA TYR E 157 12.71 30.10 33.39
C TYR E 157 12.63 31.59 33.17
N LEU E 158 13.69 32.18 32.61
CA LEU E 158 13.70 33.62 32.40
C LEU E 158 12.49 34.07 31.61
N ALA E 159 11.74 35.02 32.19
CA ALA E 159 10.41 35.41 31.72
C ALA E 159 10.29 36.92 31.65
N VAL E 160 11.26 37.55 31.00
CA VAL E 160 11.31 39.01 30.93
C VAL E 160 11.24 39.45 29.47
N SER E 161 11.37 40.76 29.24
CA SER E 161 11.25 41.31 27.91
C SER E 161 12.28 40.70 26.96
N PRO E 162 11.95 40.59 25.67
CA PRO E 162 12.88 39.94 24.73
C PRO E 162 14.25 40.58 24.69
N ASN E 163 14.35 41.90 24.89
CA ASN E 163 15.64 42.56 24.86
C ASN E 163 16.56 42.11 26.00
N PHE E 164 16.01 41.45 27.01
CA PHE E 164 16.80 40.95 28.13
C PHE E 164 17.33 39.55 27.89
N PHE E 165 16.97 38.92 26.78
CA PHE E 165 17.41 37.54 26.54
C PHE E 165 18.92 37.41 26.42
N PRO E 166 19.63 38.22 25.62
CA PRO E 166 21.09 38.07 25.53
C PRO E 166 21.78 38.34 26.86
N PRO E 167 21.52 39.47 27.54
CA PRO E 167 22.31 39.74 28.76
C PRO E 167 22.17 38.68 29.82
N GLY E 168 20.97 38.09 29.96
CA GLY E 168 20.80 37.04 30.94
C GLY E 168 21.57 35.78 30.61
N ILE E 169 21.63 35.43 29.33
CA ILE E 169 22.28 34.18 28.93
C ILE E 169 23.79 34.25 29.12
N LYS E 170 24.40 35.35 28.70
CA LYS E 170 25.86 35.44 28.75
C LYS E 170 26.37 35.39 30.19
N GLN E 171 25.64 36.01 31.11
CA GLN E 171 26.08 36.04 32.50
C GLN E 171 26.10 34.65 33.11
N LEU E 172 25.14 33.80 32.75
CA LEU E 172 25.12 32.44 33.26
C LEU E 172 26.37 31.69 32.84
N GLY E 173 26.80 31.88 31.59
CA GLY E 173 28.01 31.22 31.14
C GLY E 173 29.26 31.72 31.82
N ALA E 174 29.31 33.02 32.12
CA ALA E 174 30.49 33.59 32.78
C ALA E 174 30.71 32.96 34.15
N ALA E 175 29.67 32.98 34.99
CA ALA E 175 29.75 32.29 36.27
C ALA E 175 29.89 30.78 36.09
N GLY E 176 29.47 30.25 34.95
CA GLY E 176 29.61 28.84 34.68
C GLY E 176 28.82 27.93 35.61
N MET E 177 27.83 28.48 36.31
CA MET E 177 27.10 27.69 37.31
C MET E 177 26.19 26.65 36.68
N LEU E 178 26.00 26.69 35.37
CA LEU E 178 25.36 25.59 34.64
C LEU E 178 26.43 24.93 33.79
N SER E 179 26.86 23.74 34.20
CA SER E 179 27.82 22.96 33.41
C SER E 179 27.48 21.49 33.30
N ASP E 180 26.69 20.93 34.21
CA ASP E 180 26.34 19.51 34.15
C ASP E 180 25.30 19.30 33.06
N PRO E 181 25.58 18.47 32.05
CA PRO E 181 24.59 18.27 30.98
C PRO E 181 23.32 17.58 31.43
N VAL E 182 23.31 16.95 32.60
CA VAL E 182 22.16 16.18 33.03
C VAL E 182 21.42 16.89 34.16
N LYS E 183 22.09 17.81 34.85
CA LYS E 183 21.52 18.48 36.00
C LYS E 183 21.18 19.95 35.73
N SER E 184 21.25 20.40 34.48
CA SER E 184 20.98 21.80 34.15
C SER E 184 20.06 21.86 32.94
N ARG E 185 18.98 22.63 33.07
CA ARG E 185 18.02 22.83 31.99
C ARG E 185 17.65 24.30 31.94
N ILE E 186 17.56 24.86 30.73
CA ILE E 186 17.28 26.27 30.55
C ILE E 186 16.11 26.42 29.60
N VAL E 187 15.14 27.25 29.98
CA VAL E 187 13.90 27.44 29.24
C VAL E 187 13.84 28.87 28.75
N ILE E 188 13.56 29.06 27.46
CA ILE E 188 13.45 30.37 26.85
C ILE E 188 11.99 30.66 26.57
N GLU E 189 11.54 31.84 26.96
CA GLU E 189 10.13 32.20 26.81
C GLU E 189 9.87 32.86 25.46
N LYS E 190 8.62 32.77 25.01
CA LYS E 190 8.20 33.40 23.77
C LYS E 190 8.30 34.93 23.87
N PRO E 191 8.69 35.61 22.79
CA PRO E 191 9.05 35.11 21.46
C PRO E 191 10.54 34.81 21.31
N PHE E 192 11.02 34.71 20.07
CA PHE E 192 12.41 34.36 19.82
C PHE E 192 13.16 35.33 18.93
N GLY E 193 12.47 36.20 18.19
CA GLY E 193 13.18 37.12 17.33
C GLY E 193 12.20 37.93 16.49
N ARG E 194 12.78 38.70 15.56
CA ARG E 194 12.00 39.53 14.65
C ARG E 194 12.15 39.06 13.21
N ASP E 195 13.36 38.99 12.69
CA ASP E 195 13.58 38.55 11.32
C ASP E 195 14.73 37.55 11.27
N LEU E 196 15.12 37.14 10.06
CA LEU E 196 16.13 36.09 9.92
C LEU E 196 17.44 36.50 10.57
N SER E 197 17.83 37.77 10.42
CA SER E 197 19.08 38.23 11.03
C SER E 197 18.99 38.24 12.54
N SER E 198 17.80 38.41 13.11
CA SER E 198 17.68 38.41 14.56
C SER E 198 17.76 37.00 15.14
N ALA E 199 17.16 36.02 14.46
CA ALA E 199 17.18 34.66 14.98
C ALA E 199 18.59 34.09 15.04
N GLN E 200 19.38 34.31 13.98
CA GLN E 200 20.74 33.78 13.96
C GLN E 200 21.59 34.41 15.06
N SER E 201 21.37 35.69 15.36
CA SER E 201 22.18 36.36 16.37
C SER E 201 22.01 35.72 17.74
N LEU E 202 20.77 35.39 18.10
CA LEU E 202 20.55 34.72 19.38
C LEU E 202 21.16 33.34 19.39
N ASN E 203 21.15 32.66 18.24
CA ASN E 203 21.64 31.29 18.20
C ASN E 203 23.13 31.22 18.49
N ARG E 204 23.91 32.18 17.97
CA ARG E 204 25.35 32.17 18.20
C ARG E 204 25.67 32.26 19.68
N VAL E 205 24.94 33.11 20.41
CA VAL E 205 25.21 33.29 21.83
C VAL E 205 24.93 32.00 22.60
N VAL E 206 23.77 31.40 22.39
CA VAL E 206 23.41 30.21 23.15
C VAL E 206 24.27 29.02 22.74
N GLN E 207 24.57 28.91 21.45
CA GLN E 207 25.25 27.72 20.94
C GLN E 207 26.64 27.56 21.54
N SER E 208 27.39 28.66 21.65
CA SER E 208 28.76 28.59 22.14
C SER E 208 28.83 28.31 23.63
N VAL E 209 27.75 28.51 24.38
CA VAL E 209 27.77 28.41 25.83
C VAL E 209 26.87 27.29 26.34
N CYS E 210 26.15 26.61 25.45
CA CYS E 210 25.26 25.53 25.87
C CYS E 210 25.26 24.46 24.81
N LYS E 211 24.82 23.27 25.20
CA LYS E 211 24.69 22.15 24.29
C LYS E 211 23.31 22.21 23.62
N GLU E 212 22.92 21.13 22.96
CA GLU E 212 21.63 21.09 22.29
C GLU E 212 20.56 20.38 23.10
N ASN E 213 20.96 19.52 24.04
CA ASN E 213 20.01 18.78 24.86
C ASN E 213 19.70 19.49 26.18
N GLN E 214 19.83 20.82 26.22
CA GLN E 214 19.53 21.57 27.43
C GLN E 214 18.58 22.73 27.22
N VAL E 215 18.35 23.17 26.00
CA VAL E 215 17.60 24.39 25.72
C VAL E 215 16.18 24.03 25.29
N TYR E 216 15.20 24.60 25.98
CA TYR E 216 13.79 24.40 25.68
C TYR E 216 13.18 25.74 25.29
N ARG E 217 12.31 25.72 24.29
CA ARG E 217 11.86 26.94 23.61
C ARG E 217 10.34 27.01 23.55
N ILE E 218 9.67 26.85 24.70
CA ILE E 218 8.21 26.84 24.70
C ILE E 218 7.69 28.13 24.08
N ASP E 219 6.98 28.00 22.97
CA ASP E 219 6.46 29.13 22.22
C ASP E 219 4.99 28.97 21.82
N HIS E 220 4.56 27.74 21.53
CA HIS E 220 3.34 27.52 20.76
C HIS E 220 2.09 27.34 21.61
N TYR E 221 2.21 26.79 22.81
CA TYR E 221 1.07 26.29 23.58
C TYR E 221 0.26 25.29 22.76
N LEU E 222 0.93 24.51 21.91
CA LEU E 222 0.26 23.57 21.02
C LEU E 222 0.43 22.14 21.52
N GLY E 223 0.34 21.96 22.84
CA GLY E 223 0.33 20.63 23.40
C GLY E 223 -1.07 20.08 23.46
N LYS E 224 -2.00 20.75 22.77
CA LYS E 224 -3.39 20.32 22.73
C LYS E 224 -3.47 18.88 22.23
N GLU E 225 -4.22 18.06 22.97
CA GLU E 225 -4.13 16.61 22.80
C GLU E 225 -4.38 16.17 21.37
N THR E 226 -5.18 16.93 20.61
CA THR E 226 -5.49 16.51 19.25
C THR E 226 -4.27 16.58 18.35
N VAL E 227 -3.30 17.43 18.67
CA VAL E 227 -2.17 17.60 17.76
C VAL E 227 -1.28 16.36 17.76
N GLN E 228 -0.98 15.80 18.94
CA GLN E 228 -0.23 14.55 18.93
C GLN E 228 -1.08 13.38 18.48
N ASN E 229 -2.40 13.55 18.34
CA ASN E 229 -3.25 12.56 17.71
C ASN E 229 -3.17 12.60 16.20
N LEU E 230 -2.63 13.68 15.63
CA LEU E 230 -2.53 13.79 14.18
C LEU E 230 -1.51 12.83 13.59
N MET E 231 -0.71 12.18 14.42
CA MET E 231 0.29 11.22 13.98
C MET E 231 -0.18 9.78 14.11
N VAL E 232 -0.82 9.43 15.23
CA VAL E 232 -1.27 8.05 15.42
C VAL E 232 -2.31 7.68 14.37
N PHE E 233 -3.20 8.60 14.05
CA PHE E 233 -4.24 8.35 13.06
C PHE E 233 -3.67 8.16 11.67
N ARG E 234 -2.43 8.55 11.43
CA ARG E 234 -1.84 8.52 10.09
C ARG E 234 -0.87 7.37 9.88
N PHE E 235 -0.18 6.91 10.93
CA PHE E 235 0.89 5.93 10.78
C PHE E 235 0.54 4.56 11.35
N ALA E 236 -0.61 4.39 11.97
CA ALA E 236 -1.00 3.11 12.55
C ALA E 236 -2.13 2.45 11.80
N ASN E 237 -2.51 2.97 10.64
CA ASN E 237 -3.58 2.40 9.83
C ASN E 237 -3.02 1.88 8.52
N ALA E 238 -3.85 1.10 7.82
CA ALA E 238 -3.42 0.47 6.58
C ALA E 238 -4.17 0.96 5.35
N ILE E 239 -5.21 1.77 5.51
CA ILE E 239 -5.95 2.27 4.36
C ILE E 239 -5.64 3.73 4.11
N PHE E 240 -5.37 4.49 5.17
CA PHE E 240 -5.22 5.93 5.04
C PHE E 240 -3.87 6.34 4.49
N GLU E 241 -2.89 5.45 4.46
CA GLU E 241 -1.58 5.82 3.92
C GLU E 241 -1.50 5.74 2.40
N PRO E 242 -1.96 4.66 1.75
CA PRO E 242 -1.72 4.54 0.30
C PRO E 242 -2.29 5.67 -0.53
N LEU E 243 -3.39 6.29 -0.12
CA LEU E 243 -4.02 7.37 -0.90
C LEU E 243 -3.71 8.74 -0.33
N TRP E 244 -2.49 8.95 0.14
CA TRP E 244 -2.04 10.22 0.69
C TRP E 244 -0.75 10.61 -0.03
N ASN E 245 -0.89 11.17 -1.23
CA ASN E 245 0.25 11.62 -2.03
C ASN E 245 -0.31 12.34 -3.25
N ARG E 246 0.59 12.71 -4.16
CA ARG E 246 0.21 13.54 -5.31
C ARG E 246 -0.69 12.83 -6.29
N GLN E 247 -0.89 11.52 -6.15
CA GLN E 247 -1.71 10.78 -7.09
C GLN E 247 -3.21 10.99 -6.88
N PHE E 248 -3.63 11.40 -5.70
CA PHE E 248 -5.06 11.54 -5.43
C PHE E 248 -5.45 12.89 -4.88
N VAL E 249 -4.61 13.50 -4.05
CA VAL E 249 -4.98 14.76 -3.40
C VAL E 249 -4.95 15.90 -4.40
N ASP E 250 -5.84 16.87 -4.20
CA ASP E 250 -5.93 18.05 -5.06
C ASP E 250 -5.33 19.29 -4.44
N HIS E 251 -5.74 19.65 -3.22
CA HIS E 251 -5.12 20.75 -2.51
C HIS E 251 -5.45 20.59 -1.03
N VAL E 252 -4.91 21.48 -0.21
CA VAL E 252 -5.09 21.44 1.24
C VAL E 252 -5.34 22.85 1.73
N GLN E 253 -6.33 23.02 2.60
CA GLN E 253 -6.69 24.33 3.15
C GLN E 253 -6.57 24.27 4.67
N ILE E 254 -5.63 25.02 5.23
CA ILE E 254 -5.46 25.08 6.67
C ILE E 254 -5.99 26.42 7.17
N THR E 255 -6.90 26.37 8.13
CA THR E 255 -7.65 27.56 8.53
C THR E 255 -7.60 27.74 10.04
N VAL E 256 -7.40 28.99 10.47
CA VAL E 256 -7.47 29.35 11.88
C VAL E 256 -8.21 30.67 11.98
N ALA E 257 -9.20 30.74 12.87
CA ALA E 257 -9.98 31.96 13.00
C ALA E 257 -10.33 32.18 14.47
N GLU E 258 -10.44 33.46 14.84
CA GLU E 258 -10.82 33.86 16.19
C GLU E 258 -11.94 34.88 16.09
N THR E 259 -12.47 35.28 17.25
CA THR E 259 -13.51 36.30 17.29
C THR E 259 -13.29 37.28 18.42
N VAL E 260 -12.04 37.50 18.80
CA VAL E 260 -11.68 38.46 19.83
C VAL E 260 -10.70 39.47 19.24
N GLY E 261 -11.06 40.74 19.30
CA GLY E 261 -10.23 41.79 18.76
C GLY E 261 -9.05 42.09 19.65
N VAL E 262 -8.35 43.18 19.32
CA VAL E 262 -7.13 43.55 20.03
C VAL E 262 -7.52 44.19 21.37
N GLU E 263 -7.16 43.54 22.47
CA GLU E 263 -7.43 44.08 23.79
C GLU E 263 -6.48 45.26 24.07
N GLU E 264 -6.73 46.02 25.16
CA GLU E 264 -6.10 47.33 25.31
C GLU E 264 -4.58 47.28 25.27
N ARG E 265 -3.97 46.14 25.59
CA ARG E 265 -2.53 45.96 25.35
C ARG E 265 -2.29 45.88 23.84
N ALA E 266 -2.14 47.05 23.24
CA ALA E 266 -1.88 47.11 21.81
C ALA E 266 -0.42 47.37 21.50
N GLY E 267 0.34 47.95 22.44
CA GLY E 267 1.74 48.20 22.17
C GLY E 267 2.53 46.93 21.87
N TYR E 268 2.24 45.86 22.61
CA TYR E 268 2.87 44.57 22.31
C TYR E 268 2.48 44.09 20.93
N TYR E 269 1.21 44.25 20.56
CA TYR E 269 0.76 43.82 19.24
C TYR E 269 1.10 44.81 18.14
N GLU E 270 1.36 46.08 18.50
CA GLU E 270 1.54 47.10 17.48
C GLU E 270 2.78 46.83 16.63
N SER E 271 3.87 46.37 17.25
CA SER E 271 5.10 46.10 16.54
C SER E 271 5.24 44.64 16.14
N ALA E 272 4.13 43.90 16.07
CA ALA E 272 4.18 42.48 15.78
C ALA E 272 3.55 42.14 14.44
N GLY E 273 2.29 42.50 14.23
CA GLY E 273 1.62 42.11 13.00
C GLY E 273 1.20 40.66 13.02
N ALA E 274 0.03 40.36 12.45
CA ALA E 274 -0.48 39.00 12.50
C ALA E 274 0.29 38.03 11.61
N LEU E 275 1.20 38.52 10.77
CA LEU E 275 2.07 37.60 10.06
C LEU E 275 3.14 37.02 10.97
N ARG E 276 3.71 37.84 11.83
CA ARG E 276 4.77 37.42 12.74
C ARG E 276 4.25 36.84 14.04
N ASP E 277 2.94 36.96 14.31
CA ASP E 277 2.40 36.55 15.60
C ASP E 277 1.91 35.11 15.60
N MET E 278 1.10 34.74 14.61
CA MET E 278 0.48 33.42 14.60
C MET E 278 0.60 32.73 13.25
N VAL E 279 1.59 33.10 12.44
CA VAL E 279 1.85 32.40 11.19
C VAL E 279 3.25 31.82 11.12
N GLN E 280 4.23 32.40 11.81
CA GLN E 280 5.57 31.85 11.85
C GLN E 280 5.72 30.74 12.87
N ASN E 281 4.98 30.81 13.98
CA ASN E 281 5.14 29.84 15.06
C ASN E 281 4.02 28.82 15.16
N HIS E 282 2.76 29.24 15.07
CA HIS E 282 1.63 28.35 15.26
C HIS E 282 1.21 27.67 13.97
N LEU E 283 0.83 28.45 12.96
CA LEU E 283 0.21 27.88 11.77
C LEU E 283 1.15 27.02 10.96
N MET E 284 2.46 27.15 11.15
CA MET E 284 3.39 26.30 10.43
C MET E 284 3.53 24.93 11.06
N GLN E 285 3.15 24.76 12.32
CA GLN E 285 3.23 23.45 12.96
C GLN E 285 2.19 22.50 12.39
N LEU E 286 1.00 23.02 12.07
CA LEU E 286 0.01 22.20 11.41
C LEU E 286 0.47 21.78 10.02
N PHE E 287 1.31 22.60 9.38
CA PHE E 287 1.79 22.27 8.05
C PHE E 287 2.88 21.21 8.08
N CYS E 288 3.78 21.27 9.07
CA CYS E 288 4.85 20.27 9.13
C CYS E 288 4.34 18.89 9.48
N LEU E 289 3.17 18.79 10.11
CA LEU E 289 2.62 17.50 10.49
C LEU E 289 1.67 16.92 9.45
N THR E 290 1.49 17.59 8.31
CA THR E 290 0.60 17.11 7.27
C THR E 290 1.32 16.73 5.99
N ALA E 291 2.59 17.09 5.84
CA ALA E 291 3.36 16.73 4.65
C ALA E 291 4.73 16.20 5.05
N MET E 292 4.77 15.27 5.99
CA MET E 292 6.02 14.68 6.43
C MET E 292 5.98 13.18 6.21
N ASP E 293 7.16 12.59 6.04
CA ASP E 293 7.33 11.18 5.74
C ASP E 293 7.27 10.35 7.03
N PRO E 294 6.91 9.08 6.93
CA PRO E 294 6.81 8.25 8.13
C PRO E 294 8.18 8.00 8.73
N PRO E 295 8.37 8.32 10.01
CA PRO E 295 9.66 8.06 10.66
C PRO E 295 9.91 6.57 10.83
N ASN E 296 11.20 6.23 10.91
CA ASN E 296 11.60 4.84 11.03
C ASN E 296 11.19 4.25 12.39
N ALA E 297 11.40 5.00 13.47
CA ALA E 297 11.05 4.50 14.79
C ALA E 297 10.81 5.68 15.71
N ILE E 298 9.85 5.55 16.61
CA ILE E 298 9.49 6.65 17.50
C ILE E 298 10.63 6.89 18.47
N ASP E 299 11.01 8.16 18.61
CA ASP E 299 12.17 8.54 19.41
C ASP E 299 12.10 10.04 19.62
N ALA E 300 13.19 10.63 20.13
CA ALA E 300 13.27 12.07 20.29
C ALA E 300 13.79 12.75 19.04
N ASP E 301 14.93 12.28 18.53
CA ASP E 301 15.53 12.92 17.37
C ASP E 301 15.13 12.23 16.07
N SER E 302 14.63 11.00 16.13
CA SER E 302 14.21 10.31 14.93
C SER E 302 12.94 10.89 14.32
N ILE E 303 12.24 11.75 15.05
CA ILE E 303 11.02 12.38 14.56
C ILE E 303 11.27 13.82 14.12
N ARG E 304 11.91 14.62 14.98
CA ARG E 304 12.16 16.01 14.64
C ARG E 304 13.13 16.14 13.47
N ASN E 305 13.92 15.10 13.19
CA ASN E 305 14.77 15.14 12.01
C ASN E 305 13.95 15.05 10.73
N GLU E 306 12.79 14.40 10.78
CA GLU E 306 11.93 14.30 9.61
C GLU E 306 11.18 15.60 9.33
N LYS E 307 10.87 16.37 10.37
CA LYS E 307 10.20 17.65 10.16
C LYS E 307 11.08 18.63 9.41
N VAL E 308 12.39 18.59 9.63
CA VAL E 308 13.28 19.55 8.99
C VAL E 308 13.34 19.31 7.48
N LYS E 309 13.31 18.06 7.06
CA LYS E 309 13.53 17.74 5.64
C LYS E 309 12.47 18.38 4.76
N VAL E 310 11.21 18.34 5.16
CA VAL E 310 10.16 18.93 4.34
C VAL E 310 10.28 20.45 4.33
N LEU E 311 10.65 21.05 5.47
CA LEU E 311 10.80 22.50 5.53
C LEU E 311 11.96 23.00 4.68
N GLN E 312 12.84 22.12 4.22
CA GLN E 312 13.96 22.52 3.37
C GLN E 312 13.64 22.39 1.89
N ALA E 313 12.41 22.07 1.55
CA ALA E 313 12.03 21.92 0.15
C ALA E 313 10.67 22.55 -0.11
N THR E 314 10.45 23.74 0.43
CA THR E 314 9.20 24.47 0.25
C THR E 314 9.50 25.92 -0.09
N ARG E 315 8.55 26.56 -0.78
CA ARG E 315 8.76 27.90 -1.28
C ARG E 315 7.40 28.53 -1.59
N LEU E 316 7.39 29.85 -1.72
CA LEU E 316 6.17 30.51 -2.16
C LEU E 316 5.89 30.17 -3.61
N ALA E 317 4.63 30.38 -4.01
CA ALA E 317 4.24 30.04 -5.37
C ALA E 317 4.94 30.92 -6.39
N ASP E 318 4.89 32.23 -6.20
CA ASP E 318 5.55 33.18 -7.07
C ASP E 318 6.30 34.20 -6.22
N ILE E 319 7.55 34.49 -6.59
CA ILE E 319 8.37 35.41 -5.84
C ILE E 319 8.55 36.75 -6.54
N ASN E 320 8.41 36.80 -7.86
CA ASN E 320 8.54 38.06 -8.58
C ASN E 320 7.33 38.95 -8.34
N ASN E 321 6.16 38.49 -8.78
CA ASN E 321 4.90 39.22 -8.58
C ASN E 321 4.30 38.73 -7.28
N LEU E 322 4.63 39.43 -6.19
CA LEU E 322 4.17 39.03 -4.86
C LEU E 322 2.66 39.14 -4.70
N GLU E 323 1.96 39.81 -5.63
CA GLU E 323 0.52 39.92 -5.52
C GLU E 323 -0.20 38.62 -5.81
N ASN E 324 0.49 37.59 -6.28
CA ASN E 324 -0.12 36.30 -6.55
C ASN E 324 0.13 35.28 -5.45
N ALA E 325 0.83 35.65 -4.38
CA ALA E 325 1.09 34.71 -3.30
C ALA E 325 1.00 35.39 -1.94
N GLY E 326 -0.02 36.23 -1.75
CA GLY E 326 -0.22 36.83 -0.44
C GLY E 326 -1.05 38.09 -0.45
N ILE E 327 -1.96 38.22 0.52
CA ILE E 327 -2.83 39.38 0.64
C ILE E 327 -2.96 39.75 2.10
N ARG E 328 -2.72 41.01 2.43
CA ARG E 328 -2.86 41.51 3.79
C ARG E 328 -4.28 42.05 3.99
N GLY E 329 -4.50 42.78 5.07
CA GLY E 329 -5.80 43.37 5.31
C GLY E 329 -5.86 44.03 6.66
N GLN E 330 -7.04 44.57 6.97
CA GLN E 330 -7.30 45.18 8.27
C GLN E 330 -8.80 45.28 8.46
N TYR E 331 -9.25 45.15 9.70
CA TYR E 331 -10.67 45.14 10.01
C TYR E 331 -11.12 46.50 10.52
N LYS E 332 -12.25 46.97 10.02
CA LYS E 332 -12.84 48.25 10.40
C LYS E 332 -14.17 48.03 11.11
N ALA E 333 -14.85 49.13 11.41
CA ALA E 333 -16.07 49.07 12.20
C ALA E 333 -17.14 48.25 11.51
N GLY E 334 -17.90 47.50 12.32
CA GLY E 334 -18.95 46.64 11.80
C GLY E 334 -19.90 46.13 12.87
N TRP E 335 -20.31 44.86 12.77
CA TRP E 335 -21.18 44.24 13.75
C TRP E 335 -20.68 42.84 14.07
N MET E 336 -20.68 42.48 15.36
CA MET E 336 -20.24 41.16 15.78
C MET E 336 -21.36 40.34 16.39
N GLY E 337 -21.99 40.82 17.46
CA GLY E 337 -22.98 40.03 18.16
C GLY E 337 -24.26 40.80 18.42
N GLY E 338 -24.66 41.60 17.44
CA GLY E 338 -25.78 42.49 17.64
C GLY E 338 -25.45 43.76 18.39
N LYS E 339 -24.17 43.97 18.70
CA LYS E 339 -23.71 45.18 19.37
C LYS E 339 -22.67 45.85 18.49
N PRO E 340 -22.70 47.18 18.37
CA PRO E 340 -21.72 47.87 17.52
C PRO E 340 -20.31 47.63 18.02
N VAL E 341 -19.37 47.52 17.08
CA VAL E 341 -17.97 47.22 17.41
C VAL E 341 -17.07 48.25 16.75
N PRO E 342 -16.22 48.94 17.51
CA PRO E 342 -15.35 49.95 16.92
C PRO E 342 -14.29 49.35 16.02
N GLY E 343 -13.80 50.16 15.10
CA GLY E 343 -12.77 49.73 14.18
C GLY E 343 -11.41 49.62 14.82
N TYR E 344 -10.45 49.11 14.05
CA TYR E 344 -9.11 48.90 14.59
C TYR E 344 -8.45 50.22 14.94
N ARG E 345 -8.59 51.23 14.09
CA ARG E 345 -7.97 52.53 14.36
C ARG E 345 -8.88 53.36 15.24
N GLU E 346 -9.30 52.80 16.38
CA GLU E 346 -10.11 53.49 17.35
C GLU E 346 -9.77 53.01 18.76
N GLU E 347 -9.03 51.90 18.83
CA GLU E 347 -8.77 51.26 20.10
C GLU E 347 -7.87 52.14 20.98
N PRO E 348 -7.94 51.95 22.30
CA PRO E 348 -7.18 52.83 23.20
C PRO E 348 -5.69 52.54 23.21
N GLY E 349 -4.97 53.10 22.25
CA GLY E 349 -3.53 52.95 22.22
C GLY E 349 -2.94 52.88 20.83
N VAL E 350 -3.73 52.42 19.86
CA VAL E 350 -3.23 52.31 18.50
C VAL E 350 -3.09 53.70 17.89
N ASP E 351 -2.15 53.84 16.95
CA ASP E 351 -1.90 55.09 16.26
C ASP E 351 -2.74 55.17 14.99
N PRO E 352 -3.50 56.24 14.80
CA PRO E 352 -4.28 56.37 13.57
C PRO E 352 -3.39 56.36 12.34
N SER E 353 -3.94 55.84 11.24
CA SER E 353 -3.22 55.68 9.98
C SER E 353 -1.99 54.78 10.16
N SER E 354 -2.26 53.54 10.56
CA SER E 354 -1.23 52.54 10.76
C SER E 354 -1.12 51.66 9.53
N THR E 355 -0.28 50.63 9.62
CA THR E 355 -0.10 49.70 8.51
C THR E 355 0.05 48.26 8.96
N THR E 356 -0.07 47.97 10.25
CA THR E 356 0.15 46.61 10.73
C THR E 356 -0.99 45.71 10.29
N PRO E 357 -0.73 44.62 9.58
CA PRO E 357 -1.81 43.79 9.04
C PRO E 357 -2.49 42.98 10.13
N THR E 358 -3.65 42.46 9.79
CA THR E 358 -4.39 41.59 10.69
C THR E 358 -4.83 40.28 10.04
N PHE E 359 -5.19 40.31 8.76
CA PHE E 359 -5.57 39.13 8.02
C PHE E 359 -4.45 38.77 7.05
N ALA E 360 -4.01 37.53 7.08
CA ALA E 360 -2.92 37.10 6.20
C ALA E 360 -3.28 35.78 5.53
N ALA E 361 -2.89 35.65 4.27
CA ALA E 361 -3.11 34.43 3.52
C ALA E 361 -1.92 34.19 2.62
N LEU E 362 -1.59 32.92 2.40
CA LEU E 362 -0.42 32.59 1.58
C LEU E 362 -0.75 31.49 0.59
N LYS E 363 0.26 31.02 -0.13
CA LYS E 363 0.08 29.87 -1.02
C LYS E 363 1.45 29.20 -1.15
N LEU E 364 1.67 28.15 -0.38
CA LEU E 364 2.94 27.45 -0.37
C LEU E 364 2.89 26.26 -1.31
N MET E 365 4.07 25.83 -1.74
CA MET E 365 4.21 24.64 -2.57
C MET E 365 5.37 23.81 -2.06
N VAL E 366 5.30 22.51 -2.29
CA VAL E 366 6.31 21.56 -1.82
C VAL E 366 6.92 20.89 -3.04
N ASP E 367 8.25 20.80 -3.06
CA ASP E 367 9.00 20.26 -4.18
C ASP E 367 9.73 18.99 -3.73
N ASN E 368 9.07 17.85 -3.81
CA ASN E 368 9.74 16.58 -3.58
C ASN E 368 9.02 15.52 -4.42
N TRP E 369 9.28 14.25 -4.12
CA TRP E 369 8.84 13.16 -4.98
C TRP E 369 7.45 12.65 -4.65
N ARG E 370 6.74 13.26 -3.71
CA ARG E 370 5.39 12.82 -3.40
C ARG E 370 4.39 13.95 -3.21
N TRP E 371 4.79 15.21 -3.32
CA TRP E 371 3.87 16.33 -3.19
C TRP E 371 4.12 17.34 -4.28
N GLN E 372 4.41 16.87 -5.49
CA GLN E 372 4.75 17.75 -6.60
C GLN E 372 3.50 18.26 -7.28
N GLY E 373 3.28 19.57 -7.20
CA GLY E 373 2.16 20.19 -7.89
C GLY E 373 0.86 20.21 -7.13
N VAL E 374 0.89 20.08 -5.81
CA VAL E 374 -0.31 20.10 -4.98
C VAL E 374 -0.24 21.31 -4.06
N PRO E 375 -0.89 22.41 -4.41
CA PRO E 375 -0.72 23.65 -3.65
C PRO E 375 -1.39 23.58 -2.29
N PHE E 376 -0.83 24.32 -1.34
CA PHE E 376 -1.36 24.44 0.01
C PHE E 376 -1.81 25.86 0.22
N TYR E 377 -2.99 26.06 0.79
CA TYR E 377 -3.51 27.40 1.06
C TYR E 377 -3.65 27.59 2.56
N LEU E 378 -3.13 28.70 3.08
CA LEU E 378 -3.13 28.99 4.49
C LEU E 378 -3.97 30.24 4.77
N ARG E 379 -4.45 30.36 6.00
CA ARG E 379 -5.32 31.49 6.34
C ARG E 379 -5.24 31.77 7.82
N THR E 380 -5.71 32.95 8.22
CA THR E 380 -5.81 33.35 9.61
C THR E 380 -6.54 34.68 9.66
N GLY E 381 -6.75 35.18 10.87
CA GLY E 381 -7.35 36.50 10.98
C GLY E 381 -7.91 36.75 12.38
N LYS E 382 -8.59 37.89 12.49
CA LYS E 382 -9.23 38.31 13.73
C LYS E 382 -10.59 38.89 13.41
N ARG E 383 -11.47 38.87 14.42
CA ARG E 383 -12.83 39.38 14.29
C ARG E 383 -13.60 38.66 13.18
N MET E 384 -13.40 37.37 13.07
CA MET E 384 -14.16 36.51 12.18
C MET E 384 -15.39 35.96 12.91
N PRO E 385 -16.39 35.47 12.17
CA PRO E 385 -17.66 35.11 12.83
C PRO E 385 -17.56 34.09 13.96
N LYS E 386 -16.71 33.07 13.85
CA LYS E 386 -16.67 32.09 14.93
C LYS E 386 -15.32 31.40 14.94
N LYS E 387 -14.98 30.80 16.09
CA LYS E 387 -13.70 30.14 16.27
C LYS E 387 -13.75 28.72 15.74
N VAL E 388 -12.82 28.37 14.86
CA VAL E 388 -12.71 27.03 14.29
C VAL E 388 -11.25 26.74 14.02
N SER E 389 -10.99 25.52 13.55
CA SER E 389 -9.67 25.12 13.06
C SER E 389 -9.82 23.84 12.27
N GLU E 390 -9.43 23.84 11.00
CA GLU E 390 -9.70 22.71 10.12
C GLU E 390 -8.47 22.41 9.29
N ILE E 391 -8.39 21.17 8.82
CA ILE E 391 -7.39 20.76 7.83
C ILE E 391 -8.16 19.97 6.78
N ALA E 392 -8.61 20.66 5.73
CA ALA E 392 -9.48 20.03 4.75
C ALA E 392 -8.65 19.51 3.59
N ILE E 393 -8.77 18.22 3.31
CA ILE E 393 -8.10 17.58 2.20
C ILE E 393 -9.15 17.27 1.13
N GLN E 394 -8.88 17.61 -0.12
CA GLN E 394 -9.82 17.39 -1.20
C GLN E 394 -9.25 16.39 -2.19
N PHE E 395 -10.02 15.36 -2.52
CA PHE E 395 -9.59 14.32 -3.43
C PHE E 395 -9.99 14.65 -4.86
N ARG E 396 -9.37 13.97 -5.81
CA ARG E 396 -9.60 14.23 -7.22
C ARG E 396 -10.99 13.75 -7.63
N GLN E 397 -11.29 13.89 -8.92
CA GLN E 397 -12.58 13.47 -9.46
C GLN E 397 -12.44 12.15 -10.18
N VAL E 398 -13.54 11.40 -10.21
CA VAL E 398 -13.52 10.06 -10.81
C VAL E 398 -13.25 10.19 -12.31
N PRO E 399 -12.52 9.27 -12.92
CA PRO E 399 -12.22 9.39 -14.36
C PRO E 399 -13.46 9.31 -15.23
N LEU E 400 -14.22 8.23 -15.11
CA LEU E 400 -15.44 8.06 -15.87
C LEU E 400 -16.61 8.66 -15.10
N LEU E 401 -17.57 9.22 -15.84
CA LEU E 401 -18.70 9.93 -15.25
C LEU E 401 -20.03 9.36 -15.75
N ILE E 402 -20.17 8.04 -15.68
CA ILE E 402 -21.42 7.41 -16.09
C ILE E 402 -22.58 7.90 -15.23
N PHE E 403 -22.36 8.01 -13.91
CA PHE E 403 -23.38 8.52 -13.01
C PHE E 403 -23.33 10.04 -12.98
N GLN E 404 -23.77 10.64 -14.09
CA GLN E 404 -23.80 12.10 -14.20
C GLN E 404 -24.75 12.71 -13.17
N SER E 405 -25.92 12.13 -13.01
CA SER E 405 -26.91 12.51 -11.97
C SER E 405 -27.29 13.99 -12.18
N VAL E 406 -27.40 14.77 -11.10
CA VAL E 406 -27.88 16.13 -11.15
C VAL E 406 -26.88 17.03 -10.42
N ALA E 407 -27.09 18.34 -10.54
CA ALA E 407 -26.26 19.36 -9.89
C ALA E 407 -24.81 19.27 -10.35
N HIS E 408 -24.60 18.85 -11.60
CA HIS E 408 -23.30 18.80 -12.27
C HIS E 408 -22.30 17.89 -11.56
N GLN E 409 -22.74 17.14 -10.54
CA GLN E 409 -21.88 16.25 -9.76
C GLN E 409 -20.67 16.98 -9.19
N ALA E 410 -20.81 18.29 -8.97
CA ALA E 410 -19.70 19.07 -8.47
C ALA E 410 -19.55 18.93 -6.97
N ASN E 411 -19.49 17.69 -6.49
CA ASN E 411 -19.35 17.38 -5.07
C ASN E 411 -18.25 16.34 -4.87
N PRO E 412 -16.99 16.71 -5.08
CA PRO E 412 -15.91 15.78 -4.79
C PRO E 412 -15.82 15.52 -3.29
N ASN E 413 -15.36 14.32 -2.95
CA ASN E 413 -15.32 13.89 -1.56
C ASN E 413 -14.06 14.37 -0.84
N VAL E 414 -14.24 14.86 0.38
CA VAL E 414 -13.17 15.45 1.15
C VAL E 414 -13.03 14.69 2.46
N LEU E 415 -11.89 14.89 3.12
CA LEU E 415 -11.63 14.27 4.42
C LEU E 415 -11.10 15.37 5.34
N SER E 416 -11.88 15.76 6.33
CA SER E 416 -11.58 16.94 7.14
C SER E 416 -11.34 16.54 8.58
N LEU E 417 -10.20 16.94 9.12
CA LEU E 417 -9.94 16.81 10.55
C LEU E 417 -10.42 18.06 11.27
N ARG E 418 -10.36 18.02 12.60
CA ARG E 418 -10.83 19.18 13.42
C ARG E 418 -9.96 19.30 14.68
N ILE E 419 -9.44 20.50 14.96
CA ILE E 419 -8.60 20.72 16.17
C ILE E 419 -9.20 21.86 16.98
N GLN E 420 -10.53 21.83 17.17
CA GLN E 420 -11.22 22.92 17.93
C GLN E 420 -12.43 22.32 18.66
N PRO E 421 -13.29 23.11 19.34
CA PRO E 421 -14.50 22.58 19.96
C PRO E 421 -15.21 21.62 19.00
N ASN E 422 -15.77 20.53 19.52
CA ASN E 422 -16.40 19.50 18.64
C ASN E 422 -15.29 18.77 17.89
N GLU E 423 -14.25 18.33 18.61
CA GLU E 423 -13.17 17.59 17.98
C GLU E 423 -13.67 16.29 17.36
N GLY E 424 -13.11 15.94 16.21
CA GLY E 424 -13.49 14.71 15.57
C GLY E 424 -12.97 14.64 14.15
N ILE E 425 -13.28 13.53 13.50
CA ILE E 425 -12.88 13.27 12.12
C ILE E 425 -14.14 13.01 11.31
N SER E 426 -14.28 13.70 10.19
CA SER E 426 -15.46 13.59 9.35
C SER E 426 -15.04 13.51 7.89
N LEU E 427 -15.69 12.62 7.13
CA LEU E 427 -15.43 12.54 5.71
C LEU E 427 -16.75 12.42 4.96
N ARG E 428 -16.80 13.04 3.78
CA ARG E 428 -18.01 13.09 2.97
C ARG E 428 -17.87 12.19 1.76
N PHE E 429 -18.99 11.62 1.32
CA PHE E 429 -19.00 10.76 0.14
C PHE E 429 -20.44 10.66 -0.35
N GLU E 430 -20.60 10.20 -1.59
CA GLU E 430 -21.91 10.21 -2.23
C GLU E 430 -22.61 8.87 -2.12
N ALA E 431 -23.93 8.93 -2.05
CA ALA E 431 -24.76 7.74 -1.96
C ALA E 431 -26.06 7.97 -2.71
N LYS E 432 -26.73 6.88 -3.09
CA LYS E 432 -27.92 6.98 -3.91
C LYS E 432 -29.09 7.55 -3.12
N MET E 433 -29.84 8.45 -3.76
CA MET E 433 -31.06 9.09 -3.29
C MET E 433 -32.27 8.22 -3.60
N PRO E 434 -33.16 8.00 -2.63
CA PRO E 434 -34.34 7.17 -2.89
C PRO E 434 -35.19 7.75 -4.02
N GLY E 435 -35.75 6.86 -4.82
CA GLY E 435 -36.51 7.26 -5.99
C GLY E 435 -36.10 6.36 -7.14
N SER E 436 -37.05 6.12 -8.05
CA SER E 436 -36.79 5.19 -9.15
C SER E 436 -35.68 5.69 -10.06
N GLU E 437 -35.68 6.98 -10.38
CA GLU E 437 -34.63 7.56 -11.21
C GLU E 437 -33.31 7.62 -10.46
N LEU E 438 -32.21 7.46 -11.20
CA LEU E 438 -30.89 7.54 -10.59
C LEU E 438 -30.62 8.95 -10.07
N ARG E 439 -30.05 9.03 -8.88
CA ARG E 439 -29.71 10.31 -8.26
C ARG E 439 -28.58 10.07 -7.27
N THR E 440 -27.89 11.15 -6.92
CA THR E 440 -26.77 11.07 -5.99
C THR E 440 -26.89 12.20 -4.98
N ARG E 441 -27.06 11.86 -3.71
CA ARG E 441 -27.07 12.82 -2.63
C ARG E 441 -25.65 12.94 -2.06
N THR E 442 -25.50 13.64 -0.95
CA THR E 442 -24.20 13.80 -0.31
C THR E 442 -24.37 13.56 1.19
N VAL E 443 -23.69 12.55 1.72
CA VAL E 443 -23.79 12.19 3.12
C VAL E 443 -22.40 12.00 3.69
N ASP E 444 -22.30 12.07 5.01
CA ASP E 444 -21.02 11.98 5.68
C ASP E 444 -21.13 11.15 6.94
N MET E 445 -20.05 10.42 7.25
CA MET E 445 -19.94 9.65 8.47
C MET E 445 -18.82 10.24 9.33
N ASP E 446 -19.07 10.39 10.62
CA ASP E 446 -18.14 11.10 11.49
C ASP E 446 -17.92 10.33 12.78
N PHE E 447 -17.03 10.86 13.61
CA PHE E 447 -16.69 10.24 14.89
C PHE E 447 -16.10 11.32 15.77
N SER E 448 -16.72 11.57 16.92
CA SER E 448 -16.32 12.66 17.81
C SER E 448 -15.80 12.11 19.13
N TYR E 449 -14.77 12.77 19.67
CA TYR E 449 -14.15 12.27 20.89
C TYR E 449 -15.07 12.36 22.08
N GLY E 450 -15.95 13.37 22.11
CA GLY E 450 -16.81 13.54 23.27
C GLY E 450 -17.78 12.39 23.46
N SER E 451 -18.32 11.87 22.36
CA SER E 451 -19.35 10.83 22.42
C SER E 451 -18.77 9.42 22.31
N SER E 452 -17.45 9.27 22.28
CA SER E 452 -16.83 7.95 22.25
C SER E 452 -16.01 7.63 23.48
N PHE E 453 -15.50 8.63 24.20
CA PHE E 453 -14.73 8.40 25.41
C PHE E 453 -15.35 9.02 26.65
N GLY E 454 -16.08 10.12 26.52
CA GLY E 454 -16.75 10.72 27.66
C GLY E 454 -15.82 11.23 28.73
N VAL E 455 -14.74 11.91 28.33
CA VAL E 455 -13.76 12.46 29.26
C VAL E 455 -13.58 13.93 28.95
N ALA E 456 -13.57 14.75 30.00
CA ALA E 456 -13.41 16.19 29.83
C ALA E 456 -11.99 16.51 29.39
N ALA E 457 -11.84 17.70 28.78
CA ALA E 457 -10.57 18.12 28.25
C ALA E 457 -9.58 18.43 29.37
N ALA E 458 -8.31 18.59 28.99
CA ALA E 458 -7.24 18.87 29.94
C ALA E 458 -6.47 20.10 29.50
N ASP E 459 -5.90 20.81 30.47
CA ASP E 459 -5.13 22.01 30.17
C ASP E 459 -3.82 21.64 29.48
N ALA E 460 -3.52 22.34 28.39
CA ALA E 460 -2.32 22.05 27.61
C ALA E 460 -1.06 22.59 28.30
N TYR E 461 -1.17 23.72 29.00
CA TYR E 461 0.01 24.31 29.63
C TYR E 461 0.60 23.39 30.68
N HIS E 462 -0.26 22.73 31.46
CA HIS E 462 0.24 21.84 32.50
C HIS E 462 1.05 20.69 31.91
N ARG E 463 0.63 20.18 30.75
CA ARG E 463 1.34 19.06 30.13
C ARG E 463 2.76 19.45 29.76
N LEU E 464 2.95 20.67 29.23
CA LEU E 464 4.29 21.09 28.83
C LEU E 464 5.21 21.24 30.04
N LEU E 465 4.71 21.81 31.14
CA LEU E 465 5.55 21.99 32.30
C LEU E 465 6.00 20.66 32.89
N LEU E 466 5.11 19.67 32.91
CA LEU E 466 5.49 18.36 33.42
C LEU E 466 6.59 17.75 32.57
N ASP E 467 6.51 17.93 31.25
CA ASP E 467 7.54 17.41 30.36
C ASP E 467 8.88 18.10 30.54
N CYS E 468 8.89 19.32 31.08
CA CYS E 468 10.15 20.00 31.30
C CYS E 468 10.96 19.36 32.43
N MET E 469 10.35 18.52 33.24
CA MET E 469 11.06 17.83 34.31
C MET E 469 11.66 16.51 33.83
N LEU E 470 10.83 15.64 33.25
CA LEU E 470 11.32 14.37 32.75
C LEU E 470 12.34 14.57 31.64
N GLY E 471 11.99 15.35 30.63
CA GLY E 471 12.89 15.60 29.51
C GLY E 471 12.57 14.72 28.32
N ASP E 472 11.92 15.30 27.33
CA ASP E 472 11.63 14.57 26.08
C ASP E 472 12.08 15.33 24.85
N GLN E 473 11.92 16.65 24.82
CA GLN E 473 12.27 17.47 23.67
C GLN E 473 11.60 16.95 22.40
N THR E 474 10.35 16.55 22.51
CA THR E 474 9.56 16.15 21.35
C THR E 474 8.61 17.24 20.87
N LEU E 475 7.99 17.96 21.80
CA LEU E 475 7.07 19.03 21.45
C LEU E 475 7.73 20.40 21.37
N PHE E 476 9.04 20.48 21.56
CA PHE E 476 9.77 21.74 21.52
C PHE E 476 10.61 21.81 20.25
N THR E 477 10.53 22.92 19.53
CA THR E 477 11.26 23.06 18.29
C THR E 477 12.76 23.05 18.52
N ARG E 478 13.48 22.52 17.55
CA ARG E 478 14.93 22.43 17.64
C ARG E 478 15.55 23.79 17.31
N ALA E 479 16.86 23.82 17.14
CA ALA E 479 17.56 25.07 16.85
C ALA E 479 17.53 25.38 15.36
N ASP E 480 18.08 24.49 14.53
CA ASP E 480 18.14 24.75 13.10
C ASP E 480 16.78 24.78 12.45
N GLU E 481 15.77 24.15 13.06
CA GLU E 481 14.44 24.16 12.47
C GLU E 481 13.82 25.55 12.52
N VAL E 482 14.04 26.29 13.60
CA VAL E 482 13.45 27.61 13.72
C VAL E 482 14.06 28.59 12.73
N GLU E 483 15.22 28.27 12.17
CA GLU E 483 15.76 29.11 11.10
C GLU E 483 15.01 28.89 9.80
N GLU E 484 14.61 27.65 9.53
CA GLU E 484 13.91 27.36 8.27
C GLU E 484 12.54 28.02 8.24
N ALA E 485 11.85 28.10 9.38
CA ALA E 485 10.56 28.76 9.41
C ALA E 485 10.69 30.22 9.02
N TRP E 486 11.74 30.89 9.50
CA TRP E 486 11.94 32.29 9.18
C TRP E 486 12.29 32.49 7.71
N ARG E 487 13.05 31.57 7.13
CA ARG E 487 13.48 31.75 5.74
C ARG E 487 12.33 31.64 4.77
N VAL E 488 11.31 30.83 5.08
CA VAL E 488 10.23 30.59 4.12
C VAL E 488 9.49 31.89 3.83
N VAL E 489 9.05 32.59 4.87
CA VAL E 489 8.54 33.93 4.65
C VAL E 489 9.66 34.94 4.85
N THR E 490 10.59 34.99 3.91
CA THR E 490 11.54 36.09 3.87
C THR E 490 11.02 37.26 3.06
N PRO E 491 10.53 37.05 1.83
CA PRO E 491 10.14 38.21 1.02
C PRO E 491 8.87 38.88 1.50
N VAL E 492 7.93 38.11 2.06
CA VAL E 492 6.67 38.70 2.48
C VAL E 492 6.90 39.71 3.60
N LEU E 493 7.69 39.34 4.61
CA LEU E 493 7.86 40.23 5.76
C LEU E 493 8.56 41.51 5.35
N SER E 494 9.61 41.42 4.53
CA SER E 494 10.35 42.62 4.15
C SER E 494 9.52 43.52 3.26
N ALA E 495 8.80 42.95 2.29
CA ALA E 495 8.08 43.77 1.32
C ALA E 495 6.99 44.60 1.98
N TRP E 496 6.23 44.00 2.89
CA TRP E 496 5.13 44.73 3.52
C TRP E 496 5.61 45.76 4.54
N ASP E 497 6.80 45.56 5.11
CA ASP E 497 7.27 46.46 6.15
C ASP E 497 7.65 47.83 5.63
N ALA E 498 7.90 47.97 4.33
CA ALA E 498 8.26 49.26 3.79
C ALA E 498 7.09 50.23 3.92
N PRO E 499 7.35 51.50 4.23
CA PRO E 499 6.26 52.47 4.32
C PRO E 499 5.54 52.60 2.99
N SER E 500 4.22 52.75 3.06
CA SER E 500 3.38 52.82 1.87
C SER E 500 2.21 53.75 2.14
N ASP E 501 1.38 53.93 1.13
CA ASP E 501 0.25 54.84 1.25
C ASP E 501 -0.73 54.30 2.28
N PRO E 502 -1.16 55.12 3.25
CA PRO E 502 -2.16 54.66 4.21
C PRO E 502 -3.44 54.17 3.56
N LEU E 503 -3.85 54.80 2.46
CA LEU E 503 -5.05 54.37 1.73
C LEU E 503 -4.72 53.33 0.67
N SER E 504 -4.00 52.28 1.08
CA SER E 504 -3.65 51.22 0.15
C SER E 504 -3.75 49.83 0.78
N MET E 505 -4.32 49.72 1.98
CA MET E 505 -4.48 48.43 2.63
C MET E 505 -5.95 48.04 2.60
N PRO E 506 -6.31 46.92 1.98
CA PRO E 506 -7.72 46.53 1.91
C PRO E 506 -8.31 46.39 3.29
N LEU E 507 -9.55 46.84 3.44
CA LEU E 507 -10.25 46.83 4.71
C LEU E 507 -11.56 46.06 4.58
N TYR E 508 -11.87 45.27 5.61
CA TYR E 508 -13.07 44.45 5.63
C TYR E 508 -13.86 44.73 6.91
N GLU E 509 -15.16 44.50 6.83
CA GLU E 509 -16.04 44.77 7.96
C GLU E 509 -15.85 43.73 9.05
N ALA E 510 -16.21 44.13 10.27
CA ALA E 510 -16.21 43.18 11.38
C ALA E 510 -17.41 42.25 11.25
N GLY E 511 -17.15 40.95 11.39
CA GLY E 511 -18.20 39.96 11.31
C GLY E 511 -18.33 39.23 10.00
N THR E 512 -17.53 39.57 8.99
CA THR E 512 -17.55 38.89 7.71
C THR E 512 -16.23 38.18 7.48
N TRP E 513 -16.26 37.17 6.61
CA TRP E 513 -15.16 36.22 6.54
C TRP E 513 -13.89 36.86 5.99
N GLU E 514 -13.93 37.30 4.73
CA GLU E 514 -12.70 37.68 4.06
C GLU E 514 -12.83 39.06 3.45
N PRO E 515 -11.72 39.79 3.32
CA PRO E 515 -11.75 41.04 2.56
C PRO E 515 -11.94 40.75 1.08
N ALA E 516 -12.37 41.78 0.35
CA ALA E 516 -12.80 41.59 -1.03
C ALA E 516 -11.67 41.06 -1.90
N GLU E 517 -10.46 41.59 -1.72
CA GLU E 517 -9.36 41.21 -2.59
C GLU E 517 -8.99 39.74 -2.40
N ALA E 518 -8.95 39.29 -1.15
CA ALA E 518 -8.43 37.96 -0.86
C ALA E 518 -9.26 36.84 -1.49
N GLU E 519 -10.52 37.12 -1.83
CA GLU E 519 -11.34 36.07 -2.42
C GLU E 519 -10.90 35.76 -3.85
N TRP E 520 -10.29 36.72 -4.53
CA TRP E 520 -9.91 36.53 -5.93
C TRP E 520 -8.71 35.61 -6.08
N LEU E 521 -7.88 35.46 -5.05
CA LEU E 521 -6.70 34.61 -5.16
C LEU E 521 -7.07 33.17 -5.45
N ILE E 522 -8.13 32.66 -4.83
CA ILE E 522 -8.46 31.24 -4.94
C ILE E 522 -9.33 30.96 -6.16
N ASN E 523 -10.19 31.91 -6.54
CA ASN E 523 -11.12 31.66 -7.62
C ASN E 523 -10.45 31.68 -8.99
N LYS E 524 -9.27 32.28 -9.09
CA LYS E 524 -8.57 32.30 -10.37
C LYS E 524 -8.21 30.89 -10.81
N ASP E 525 -7.79 30.04 -9.88
CA ASP E 525 -7.44 28.67 -10.22
C ASP E 525 -8.65 27.80 -10.50
N GLY E 526 -9.82 28.18 -10.00
CA GLY E 526 -11.03 27.43 -10.19
C GLY E 526 -11.60 26.75 -8.96
N ARG E 527 -11.07 27.04 -7.78
CA ARG E 527 -11.53 26.43 -6.54
C ARG E 527 -12.00 27.52 -5.58
N ARG E 528 -12.90 27.15 -4.68
CA ARG E 528 -13.55 28.10 -3.80
C ARG E 528 -13.20 27.81 -2.34
N TRP E 529 -13.09 28.88 -1.55
CA TRP E 529 -12.80 28.74 -0.13
C TRP E 529 -13.87 27.88 0.53
N ARG E 530 -13.45 27.02 1.45
CA ARG E 530 -14.40 26.22 2.19
C ARG E 530 -15.27 27.13 3.06
N ARG E 531 -16.58 27.07 2.85
CA ARG E 531 -17.49 27.90 3.62
C ARG E 531 -17.41 27.56 5.10
N LEU E 532 -17.06 26.33 5.42
CA LEU E 532 -16.81 25.86 6.79
C LEU E 532 -18.08 25.85 7.63
#